data_7AL2
# 
_entry.id   7AL2 
# 
_audit_conform.dict_name       mmcif_pdbx.dic 
_audit_conform.dict_version    5.384 
_audit_conform.dict_location   http://mmcif.pdb.org/dictionaries/ascii/mmcif_pdbx.dic 
# 
loop_
_database_2.database_id 
_database_2.database_code 
_database_2.pdbx_database_accession 
_database_2.pdbx_DOI 
PDB   7AL2         pdb_00007al2 10.2210/pdb7al2/pdb 
WWPDB D_1292111600 ?            ?                   
# 
loop_
_pdbx_audit_revision_history.ordinal 
_pdbx_audit_revision_history.data_content_type 
_pdbx_audit_revision_history.major_revision 
_pdbx_audit_revision_history.minor_revision 
_pdbx_audit_revision_history.revision_date 
1 'Structure model' 1 0 2021-03-31 
2 'Structure model' 1 1 2021-10-13 
3 'Structure model' 1 2 2024-01-31 
# 
_pdbx_audit_revision_details.ordinal             1 
_pdbx_audit_revision_details.revision_ordinal    1 
_pdbx_audit_revision_details.data_content_type   'Structure model' 
_pdbx_audit_revision_details.provider            repository 
_pdbx_audit_revision_details.type                'Initial release' 
_pdbx_audit_revision_details.description         ? 
_pdbx_audit_revision_details.details             ? 
# 
loop_
_pdbx_audit_revision_group.ordinal 
_pdbx_audit_revision_group.revision_ordinal 
_pdbx_audit_revision_group.data_content_type 
_pdbx_audit_revision_group.group 
1 2 'Structure model' 'Data collection'        
2 2 'Structure model' 'Database references'    
3 3 'Structure model' 'Data collection'        
4 3 'Structure model' 'Refinement description' 
# 
loop_
_pdbx_audit_revision_category.ordinal 
_pdbx_audit_revision_category.revision_ordinal 
_pdbx_audit_revision_category.data_content_type 
_pdbx_audit_revision_category.category 
1 2 'Structure model' citation                      
2 2 'Structure model' citation_author               
3 2 'Structure model' database_2                    
4 2 'Structure model' pdbx_database_proc            
5 3 'Structure model' chem_comp_atom                
6 3 'Structure model' chem_comp_bond                
7 3 'Structure model' pdbx_initial_refinement_model 
# 
loop_
_pdbx_audit_revision_item.ordinal 
_pdbx_audit_revision_item.revision_ordinal 
_pdbx_audit_revision_item.data_content_type 
_pdbx_audit_revision_item.item 
1  2 'Structure model' '_citation.country'                   
2  2 'Structure model' '_citation.journal_abbrev'            
3  2 'Structure model' '_citation.journal_id_CSD'            
4  2 'Structure model' '_citation.journal_id_ISSN'           
5  2 'Structure model' '_citation.journal_volume'            
6  2 'Structure model' '_citation.page_first'                
7  2 'Structure model' '_citation.page_last'                 
8  2 'Structure model' '_citation.pdbx_database_id_DOI'      
9  2 'Structure model' '_citation.pdbx_database_id_PubMed'   
10 2 'Structure model' '_citation.title'                     
11 2 'Structure model' '_citation.year'                      
12 2 'Structure model' '_database_2.pdbx_DOI'                
13 2 'Structure model' '_database_2.pdbx_database_accession' 
# 
_pdbx_database_status.status_code                     REL 
_pdbx_database_status.status_code_sf                  REL 
_pdbx_database_status.status_code_mr                  ? 
_pdbx_database_status.entry_id                        7AL2 
_pdbx_database_status.recvd_initial_deposition_date   2020-10-04 
_pdbx_database_status.SG_entry                        N 
_pdbx_database_status.deposit_site                    PDBE 
_pdbx_database_status.process_site                    PDBE 
_pdbx_database_status.status_code_cs                  ? 
_pdbx_database_status.status_code_nmr_data            ? 
_pdbx_database_status.methods_development_category    ? 
_pdbx_database_status.pdb_format_compatible           Y 
# 
_pdbx_database_related.db_name        PDB 
_pdbx_database_related.details        '7AL1 contains the protein without ligands' 
_pdbx_database_related.db_id          7AL1 
_pdbx_database_related.content_type   unspecified 
# 
loop_
_audit_author.name 
_audit_author.pdbx_ordinal 
_audit_author.identifier_ORCID 
'Sogues, A.'     1 0000-0002-5752-6009 
'Wehenkel, A.M.' 2 0000-0003-2327-6512 
'Alzari, P.M.'   3 0000-0002-4233-1903 
# 
_citation.abstract                  ? 
_citation.abstract_id_CAS           ? 
_citation.book_id_ISBN              ? 
_citation.book_publisher            ? 
_citation.book_publisher_city       ? 
_citation.book_title                ? 
_citation.coordinate_linkage        ? 
_citation.country                   UK 
_citation.database_id_Medline       ? 
_citation.details                   ? 
_citation.id                        primary 
_citation.journal_abbrev            'Nat Commun' 
_citation.journal_id_ASTM           ? 
_citation.journal_id_CSD            ? 
_citation.journal_id_ISSN           2041-1723 
_citation.journal_full              ? 
_citation.journal_issue             ? 
_citation.journal_volume            12 
_citation.language                  ? 
_citation.page_first                3214 
_citation.page_last                 3214 
_citation.title                     'SepF is the FtsZ anchor in archaea, with features of an ancestral cell division system.' 
_citation.year                      2021 
_citation.database_id_CSD           ? 
_citation.pdbx_database_id_DOI      10.1038/s41467-021-23099-8 
_citation.pdbx_database_id_PubMed   34088904 
_citation.unpublished_flag          ? 
# 
loop_
_citation_author.citation_id 
_citation_author.name 
_citation_author.ordinal 
_citation_author.identifier_ORCID 
primary 'Pende, N.'        1  ?                   
primary 'Sogues, A.'       2  ?                   
primary 'Megrian, D.'      3  ?                   
primary 'Sartori-Rupp, A.' 4  ?                   
primary 'England, P.'      5  0000-0001-6410-5918 
primary 'Palabikyan, H.'   6  ?                   
primary 'Rittmann, S.K.R.' 7  0000-0002-9746-3284 
primary 'Grana, M.'        8  0000-0003-1182-8236 
primary 'Wehenkel, A.M.'   9  0000-0003-2327-6512 
primary 'Alzari, P.M.'     10 0000-0002-4233-1903 
primary 'Gribaldo, S.'     11 0000-0002-7662-021X 
# 
loop_
_entity.id 
_entity.type 
_entity.src_method 
_entity.pdbx_description 
_entity.formula_weight 
_entity.pdbx_number_of_molecules 
_entity.pdbx_ec 
_entity.pdbx_mutation 
_entity.pdbx_fragment 
_entity.details 
1 polymer man 'Cell division protein SepF' 10851.482 1 ? ? ? ? 
2 polymer syn 'Cell division protein FtsZ' 1182.280  1 ? ? ? ? 
# 
loop_
_entity_poly.entity_id 
_entity_poly.type 
_entity_poly.nstd_linkage 
_entity_poly.nstd_monomer 
_entity_poly.pdbx_seq_one_letter_code 
_entity_poly.pdbx_seq_one_letter_code_can 
_entity_poly.pdbx_strand_id 
_entity_poly.pdbx_target_identifier 
1 'polypeptide(L)' no no 
;DDVSISPEQSFYEIMLIRPKTIDDINYVVDQVLEESNPVILDLSFLEKESPANFKLAGEKIKQMRSNYGAEALLLSRCND
KNLIIIAPKGVSLVRK
;
;DDVSISPEQSFYEIMLIRPKTIDDINYVVDQVLEESNPVILDLSFLEKESPANFKLAGEKIKQMRSNYGAEALLLSRCND
KNLIIIAPKGVSLVRK
;
A ? 
2 'polypeptide(L)' no no QLDDFIDGIF                                                                                          
QLDDFIDGIF                                                                                          B ? 
# 
loop_
_entity_poly_seq.entity_id 
_entity_poly_seq.num 
_entity_poly_seq.mon_id 
_entity_poly_seq.hetero 
1 1  ASP n 
1 2  ASP n 
1 3  VAL n 
1 4  SER n 
1 5  ILE n 
1 6  SER n 
1 7  PRO n 
1 8  GLU n 
1 9  GLN n 
1 10 SER n 
1 11 PHE n 
1 12 TYR n 
1 13 GLU n 
1 14 ILE n 
1 15 MET n 
1 16 LEU n 
1 17 ILE n 
1 18 ARG n 
1 19 PRO n 
1 20 LYS n 
1 21 THR n 
1 22 ILE n 
1 23 ASP n 
1 24 ASP n 
1 25 ILE n 
1 26 ASN n 
1 27 TYR n 
1 28 VAL n 
1 29 VAL n 
1 30 ASP n 
1 31 GLN n 
1 32 VAL n 
1 33 LEU n 
1 34 GLU n 
1 35 GLU n 
1 36 SER n 
1 37 ASN n 
1 38 PRO n 
1 39 VAL n 
1 40 ILE n 
1 41 LEU n 
1 42 ASP n 
1 43 LEU n 
1 44 SER n 
1 45 PHE n 
1 46 LEU n 
1 47 GLU n 
1 48 LYS n 
1 49 GLU n 
1 50 SER n 
1 51 PRO n 
1 52 ALA n 
1 53 ASN n 
1 54 PHE n 
1 55 LYS n 
1 56 LEU n 
1 57 ALA n 
1 58 GLY n 
1 59 GLU n 
1 60 LYS n 
1 61 ILE n 
1 62 LYS n 
1 63 GLN n 
1 64 MET n 
1 65 ARG n 
1 66 SER n 
1 67 ASN n 
1 68 TYR n 
1 69 GLY n 
1 70 ALA n 
1 71 GLU n 
1 72 ALA n 
1 73 LEU n 
1 74 LEU n 
1 75 LEU n 
1 76 SER n 
1 77 ARG n 
1 78 CYS n 
1 79 ASN n 
1 80 ASP n 
1 81 LYS n 
1 82 ASN n 
1 83 LEU n 
1 84 ILE n 
1 85 ILE n 
1 86 ILE n 
1 87 ALA n 
1 88 PRO n 
1 89 LYS n 
1 90 GLY n 
1 91 VAL n 
1 92 SER n 
1 93 LEU n 
1 94 VAL n 
1 95 ARG n 
1 96 LYS n 
2 1  GLN n 
2 2  LEU n 
2 3  ASP n 
2 4  ASP n 
2 5  PHE n 
2 6  ILE n 
2 7  ASP n 
2 8  GLY n 
2 9  ILE n 
2 10 PHE n 
# 
_entity_src_gen.entity_id                          1 
_entity_src_gen.pdbx_src_id                        1 
_entity_src_gen.pdbx_alt_source_flag               sample 
_entity_src_gen.pdbx_seq_type                      'Biological sequence' 
_entity_src_gen.pdbx_beg_seq_num                   1 
_entity_src_gen.pdbx_end_seq_num                   96 
_entity_src_gen.gene_src_common_name               ? 
_entity_src_gen.gene_src_genus                     ? 
_entity_src_gen.pdbx_gene_src_gene                 Msm_0406 
_entity_src_gen.gene_src_species                   ? 
_entity_src_gen.gene_src_strain                    'ATCC 35061 / DSM 861 / OCM 144 / PS' 
_entity_src_gen.gene_src_tissue                    ? 
_entity_src_gen.gene_src_tissue_fraction           ? 
_entity_src_gen.gene_src_details                   ? 
_entity_src_gen.pdbx_gene_src_fragment             ? 
_entity_src_gen.pdbx_gene_src_scientific_name      'Methanobrevibacter smithii (strain ATCC 35061 / DSM 861 / OCM 144 / PS)' 
_entity_src_gen.pdbx_gene_src_ncbi_taxonomy_id     420247 
_entity_src_gen.pdbx_gene_src_variant              ? 
_entity_src_gen.pdbx_gene_src_cell_line            ? 
_entity_src_gen.pdbx_gene_src_atcc                 ? 
_entity_src_gen.pdbx_gene_src_organ                ? 
_entity_src_gen.pdbx_gene_src_organelle            ? 
_entity_src_gen.pdbx_gene_src_cell                 ? 
_entity_src_gen.pdbx_gene_src_cellular_location    ? 
_entity_src_gen.host_org_common_name               ? 
_entity_src_gen.pdbx_host_org_scientific_name      'Escherichia coli BL21(DE3)' 
_entity_src_gen.pdbx_host_org_ncbi_taxonomy_id     469008 
_entity_src_gen.host_org_genus                     ? 
_entity_src_gen.pdbx_host_org_gene                 ? 
_entity_src_gen.pdbx_host_org_organ                ? 
_entity_src_gen.host_org_species                   ? 
_entity_src_gen.pdbx_host_org_tissue               ? 
_entity_src_gen.pdbx_host_org_tissue_fraction      ? 
_entity_src_gen.pdbx_host_org_strain               ? 
_entity_src_gen.pdbx_host_org_variant              ? 
_entity_src_gen.pdbx_host_org_cell_line            ? 
_entity_src_gen.pdbx_host_org_atcc                 ? 
_entity_src_gen.pdbx_host_org_culture_collection   ? 
_entity_src_gen.pdbx_host_org_cell                 ? 
_entity_src_gen.pdbx_host_org_organelle            ? 
_entity_src_gen.pdbx_host_org_cellular_location    ? 
_entity_src_gen.pdbx_host_org_vector_type          ? 
_entity_src_gen.pdbx_host_org_vector               ? 
_entity_src_gen.host_org_details                   ? 
_entity_src_gen.expression_system_id               ? 
_entity_src_gen.plasmid_name                       ? 
_entity_src_gen.plasmid_details                    ? 
_entity_src_gen.pdbx_description                   ? 
# 
_pdbx_entity_src_syn.entity_id              2 
_pdbx_entity_src_syn.pdbx_src_id            1 
_pdbx_entity_src_syn.pdbx_alt_source_flag   sample 
_pdbx_entity_src_syn.pdbx_beg_seq_num       1 
_pdbx_entity_src_syn.pdbx_end_seq_num       10 
_pdbx_entity_src_syn.organism_scientific    'Methanobrevibacter smithii DSM 2375' 
_pdbx_entity_src_syn.organism_common_name   ? 
_pdbx_entity_src_syn.ncbi_taxonomy_id       483214 
_pdbx_entity_src_syn.details                ? 
# 
loop_
_chem_comp.id 
_chem_comp.type 
_chem_comp.mon_nstd_flag 
_chem_comp.name 
_chem_comp.pdbx_synonyms 
_chem_comp.formula 
_chem_comp.formula_weight 
ALA 'L-peptide linking' y ALANINE         ? 'C3 H7 N O2'     89.093  
ARG 'L-peptide linking' y ARGININE        ? 'C6 H15 N4 O2 1' 175.209 
ASN 'L-peptide linking' y ASPARAGINE      ? 'C4 H8 N2 O3'    132.118 
ASP 'L-peptide linking' y 'ASPARTIC ACID' ? 'C4 H7 N O4'     133.103 
CYS 'L-peptide linking' y CYSTEINE        ? 'C3 H7 N O2 S'   121.158 
GLN 'L-peptide linking' y GLUTAMINE       ? 'C5 H10 N2 O3'   146.144 
GLU 'L-peptide linking' y 'GLUTAMIC ACID' ? 'C5 H9 N O4'     147.129 
GLY 'peptide linking'   y GLYCINE         ? 'C2 H5 N O2'     75.067  
ILE 'L-peptide linking' y ISOLEUCINE      ? 'C6 H13 N O2'    131.173 
LEU 'L-peptide linking' y LEUCINE         ? 'C6 H13 N O2'    131.173 
LYS 'L-peptide linking' y LYSINE          ? 'C6 H15 N2 O2 1' 147.195 
MET 'L-peptide linking' y METHIONINE      ? 'C5 H11 N O2 S'  149.211 
PHE 'L-peptide linking' y PHENYLALANINE   ? 'C9 H11 N O2'    165.189 
PRO 'L-peptide linking' y PROLINE         ? 'C5 H9 N O2'     115.130 
SER 'L-peptide linking' y SERINE          ? 'C3 H7 N O3'     105.093 
THR 'L-peptide linking' y THREONINE       ? 'C4 H9 N O3'     119.119 
TYR 'L-peptide linking' y TYROSINE        ? 'C9 H11 N O3'    181.189 
VAL 'L-peptide linking' y VALINE          ? 'C5 H11 N O2'    117.146 
# 
loop_
_pdbx_poly_seq_scheme.asym_id 
_pdbx_poly_seq_scheme.entity_id 
_pdbx_poly_seq_scheme.seq_id 
_pdbx_poly_seq_scheme.mon_id 
_pdbx_poly_seq_scheme.ndb_seq_num 
_pdbx_poly_seq_scheme.pdb_seq_num 
_pdbx_poly_seq_scheme.auth_seq_num 
_pdbx_poly_seq_scheme.pdb_mon_id 
_pdbx_poly_seq_scheme.auth_mon_id 
_pdbx_poly_seq_scheme.pdb_strand_id 
_pdbx_poly_seq_scheme.pdb_ins_code 
_pdbx_poly_seq_scheme.hetero 
A 1 1  ASP 1  54  ?   ?   ?   A . n 
A 1 2  ASP 2  55  ?   ?   ?   A . n 
A 1 3  VAL 3  56  ?   ?   ?   A . n 
A 1 4  SER 4  57  ?   ?   ?   A . n 
A 1 5  ILE 5  58  ?   ?   ?   A . n 
A 1 6  SER 6  59  ?   ?   ?   A . n 
A 1 7  PRO 7  60  ?   ?   ?   A . n 
A 1 8  GLU 8  61  ?   ?   ?   A . n 
A 1 9  GLN 9  62  ?   ?   ?   A . n 
A 1 10 SER 10 63  ?   ?   ?   A . n 
A 1 11 PHE 11 64  ?   ?   ?   A . n 
A 1 12 TYR 12 65  65  TYR TYR A . n 
A 1 13 GLU 13 66  66  GLU GLU A . n 
A 1 14 ILE 14 67  67  ILE ILE A . n 
A 1 15 MET 15 68  68  MET MET A . n 
A 1 16 LEU 16 69  69  LEU LEU A . n 
A 1 17 ILE 17 70  70  ILE ILE A . n 
A 1 18 ARG 18 71  71  ARG ARG A . n 
A 1 19 PRO 19 72  72  PRO PRO A . n 
A 1 20 LYS 20 73  73  LYS LYS A . n 
A 1 21 THR 21 74  74  THR THR A . n 
A 1 22 ILE 22 75  75  ILE ILE A . n 
A 1 23 ASP 23 76  76  ASP ASP A . n 
A 1 24 ASP 24 77  77  ASP ASP A . n 
A 1 25 ILE 25 78  78  ILE ILE A . n 
A 1 26 ASN 26 79  79  ASN ASN A . n 
A 1 27 TYR 27 80  80  TYR TYR A . n 
A 1 28 VAL 28 81  81  VAL VAL A . n 
A 1 29 VAL 29 82  82  VAL VAL A . n 
A 1 30 ASP 30 83  83  ASP ASP A . n 
A 1 31 GLN 31 84  84  GLN GLN A . n 
A 1 32 VAL 32 85  85  VAL VAL A . n 
A 1 33 LEU 33 86  86  LEU LEU A . n 
A 1 34 GLU 34 87  87  GLU GLU A . n 
A 1 35 GLU 35 88  88  GLU GLU A . n 
A 1 36 SER 36 89  89  SER SER A . n 
A 1 37 ASN 37 90  90  ASN ASN A . n 
A 1 38 PRO 38 91  91  PRO PRO A . n 
A 1 39 VAL 39 92  92  VAL VAL A . n 
A 1 40 ILE 40 93  93  ILE ILE A . n 
A 1 41 LEU 41 94  94  LEU LEU A . n 
A 1 42 ASP 42 95  95  ASP ASP A . n 
A 1 43 LEU 43 96  96  LEU LEU A . n 
A 1 44 SER 44 97  97  SER SER A . n 
A 1 45 PHE 45 98  98  PHE PHE A . n 
A 1 46 LEU 46 99  99  LEU LEU A . n 
A 1 47 GLU 47 100 100 GLU GLU A . n 
A 1 48 LYS 48 101 101 LYS LYS A . n 
A 1 49 GLU 49 102 102 GLU GLU A . n 
A 1 50 SER 50 103 103 SER SER A . n 
A 1 51 PRO 51 104 104 PRO PRO A . n 
A 1 52 ALA 52 105 105 ALA ALA A . n 
A 1 53 ASN 53 106 106 ASN ASN A . n 
A 1 54 PHE 54 107 107 PHE PHE A . n 
A 1 55 LYS 55 108 108 LYS LYS A . n 
A 1 56 LEU 56 109 109 LEU LEU A . n 
A 1 57 ALA 57 110 110 ALA ALA A . n 
A 1 58 GLY 58 111 111 GLY GLY A . n 
A 1 59 GLU 59 112 112 GLU GLU A . n 
A 1 60 LYS 60 113 113 LYS LYS A . n 
A 1 61 ILE 61 114 114 ILE ILE A . n 
A 1 62 LYS 62 115 115 LYS LYS A . n 
A 1 63 GLN 63 116 116 GLN GLN A . n 
A 1 64 MET 64 117 117 MET MET A . n 
A 1 65 ARG 65 118 118 ARG ARG A . n 
A 1 66 SER 66 119 119 SER SER A . n 
A 1 67 ASN 67 120 120 ASN ASN A . n 
A 1 68 TYR 68 121 121 TYR TYR A . n 
A 1 69 GLY 69 122 122 GLY GLY A . n 
A 1 70 ALA 70 123 123 ALA ALA A . n 
A 1 71 GLU 71 124 124 GLU GLU A . n 
A 1 72 ALA 72 125 125 ALA ALA A . n 
A 1 73 LEU 73 126 126 LEU LEU A . n 
A 1 74 LEU 74 127 127 LEU LEU A . n 
A 1 75 LEU 75 128 128 LEU LEU A . n 
A 1 76 SER 76 129 129 SER SER A . n 
A 1 77 ARG 77 130 130 ARG ARG A . n 
A 1 78 CYS 78 131 131 CYS CYS A . n 
A 1 79 ASN 79 132 132 ASN ASN A . n 
A 1 80 ASP 80 133 133 ASP ASP A . n 
A 1 81 LYS 81 134 134 LYS LYS A . n 
A 1 82 ASN 82 135 135 ASN ASN A . n 
A 1 83 LEU 83 136 136 LEU LEU A . n 
A 1 84 ILE 84 137 137 ILE ILE A . n 
A 1 85 ILE 85 138 138 ILE ILE A . n 
A 1 86 ILE 86 139 139 ILE ILE A . n 
A 1 87 ALA 87 140 140 ALA ALA A . n 
A 1 88 PRO 88 141 141 PRO PRO A . n 
A 1 89 LYS 89 142 142 LYS LYS A . n 
A 1 90 GLY 90 143 143 GLY GLY A . n 
A 1 91 VAL 91 144 144 VAL VAL A . n 
A 1 92 SER 92 145 145 SER SER A . n 
A 1 93 LEU 93 146 146 LEU LEU A . n 
A 1 94 VAL 94 147 147 VAL VAL A . n 
A 1 95 ARG 95 148 148 ARG ARG A . n 
A 1 96 LYS 96 149 149 LYS LYS A . n 
B 2 1  GLN 1  368 368 GLN GLN B . n 
B 2 2  LEU 2  369 369 LEU LEU B . n 
B 2 3  ASP 3  370 370 ASP ASP B . n 
B 2 4  ASP 4  371 371 ASP ASP B . n 
B 2 5  PHE 5  372 372 PHE PHE B . n 
B 2 6  ILE 6  373 373 ILE ILE B . n 
B 2 7  ASP 7  374 374 ASP ASP B . n 
B 2 8  GLY 8  375 375 GLY GLY B . n 
B 2 9  ILE 9  376 376 ILE ILE B . n 
B 2 10 PHE 10 377 377 PHE PHE B . n 
# 
loop_
_pdbx_unobs_or_zero_occ_atoms.id 
_pdbx_unobs_or_zero_occ_atoms.PDB_model_num 
_pdbx_unobs_or_zero_occ_atoms.polymer_flag 
_pdbx_unobs_or_zero_occ_atoms.occupancy_flag 
_pdbx_unobs_or_zero_occ_atoms.auth_asym_id 
_pdbx_unobs_or_zero_occ_atoms.auth_comp_id 
_pdbx_unobs_or_zero_occ_atoms.auth_seq_id 
_pdbx_unobs_or_zero_occ_atoms.PDB_ins_code 
_pdbx_unobs_or_zero_occ_atoms.auth_atom_id 
_pdbx_unobs_or_zero_occ_atoms.label_alt_id 
_pdbx_unobs_or_zero_occ_atoms.label_asym_id 
_pdbx_unobs_or_zero_occ_atoms.label_comp_id 
_pdbx_unobs_or_zero_occ_atoms.label_seq_id 
_pdbx_unobs_or_zero_occ_atoms.label_atom_id 
1  1 Y 1 A TYR 65  ? CG  ? A TYR 12 CG  
2  1 Y 1 A TYR 65  ? CD1 ? A TYR 12 CD1 
3  1 Y 1 A TYR 65  ? CD2 ? A TYR 12 CD2 
4  1 Y 1 A TYR 65  ? CE1 ? A TYR 12 CE1 
5  1 Y 1 A TYR 65  ? CE2 ? A TYR 12 CE2 
6  1 Y 1 A TYR 65  ? CZ  ? A TYR 12 CZ  
7  1 Y 1 A TYR 65  ? OH  ? A TYR 12 OH  
8  1 Y 1 A ASN 132 ? CG  ? A ASN 79 CG  
9  1 Y 1 A ASN 132 ? OD1 ? A ASN 79 OD1 
10 1 Y 1 A ASN 132 ? ND2 ? A ASN 79 ND2 
11 1 Y 1 A ASP 133 ? CG  ? A ASP 80 CG  
12 1 Y 1 A ASP 133 ? OD1 ? A ASP 80 OD1 
13 1 Y 1 A ASP 133 ? OD2 ? A ASP 80 OD2 
# 
loop_
_software.citation_id 
_software.classification 
_software.compiler_name 
_software.compiler_version 
_software.contact_author 
_software.contact_author_email 
_software.date 
_software.description 
_software.dependencies 
_software.hardware 
_software.language 
_software.location 
_software.mods 
_software.name 
_software.os 
_software.os_version 
_software.type 
_software.version 
_software.pdbx_ordinal 
? refinement       ? ? ? ? ? ? ? ? ? ? ? BUSTER  ? ? ? 2.10.3 1 
? 'data reduction' ? ? ? ? ? ? ? ? ? ? ? XDS     ? ? ? .      2 
? 'data scaling'   ? ? ? ? ? ? ? ? ? ? ? Aimless ? ? ? .      3 
? phasing          ? ? ? ? ? ? ? ? ? ? ? PHASER  ? ? ? .      4 
# 
_cell.angle_alpha                  90 
_cell.angle_alpha_esd              ? 
_cell.angle_beta                   90 
_cell.angle_beta_esd               ? 
_cell.angle_gamma                  120 
_cell.angle_gamma_esd              ? 
_cell.entry_id                     7AL2 
_cell.details                      ? 
_cell.formula_units_Z              ? 
_cell.length_a                     64.847 
_cell.length_a_esd                 ? 
_cell.length_b                     64.847 
_cell.length_b_esd                 ? 
_cell.length_c                     107.924 
_cell.length_c_esd                 ? 
_cell.volume                       ? 
_cell.volume_esd                   ? 
_cell.Z_PDB                        12 
_cell.reciprocal_angle_alpha       ? 
_cell.reciprocal_angle_beta        ? 
_cell.reciprocal_angle_gamma       ? 
_cell.reciprocal_angle_alpha_esd   ? 
_cell.reciprocal_angle_beta_esd    ? 
_cell.reciprocal_angle_gamma_esd   ? 
_cell.reciprocal_length_a          ? 
_cell.reciprocal_length_b          ? 
_cell.reciprocal_length_c          ? 
_cell.reciprocal_length_a_esd      ? 
_cell.reciprocal_length_b_esd      ? 
_cell.reciprocal_length_c_esd      ? 
_cell.pdbx_unique_axis             ? 
# 
_symmetry.entry_id                         7AL2 
_symmetry.cell_setting                     ? 
_symmetry.Int_Tables_number                178 
_symmetry.space_group_name_Hall            ? 
_symmetry.space_group_name_H-M             'P 61 2 2' 
_symmetry.pdbx_full_space_group_name_H-M   ? 
# 
_exptl.absorpt_coefficient_mu     ? 
_exptl.absorpt_correction_T_max   ? 
_exptl.absorpt_correction_T_min   ? 
_exptl.absorpt_correction_type    ? 
_exptl.absorpt_process_details    ? 
_exptl.entry_id                   7AL2 
_exptl.crystals_number            1 
_exptl.details                    ? 
_exptl.method                     'X-RAY DIFFRACTION' 
_exptl.method_details             ? 
# 
_exptl_crystal.colour                      ? 
_exptl_crystal.density_diffrn              ? 
_exptl_crystal.density_Matthews            2.72 
_exptl_crystal.density_method              ? 
_exptl_crystal.density_percent_sol         54.81 
_exptl_crystal.description                 ? 
_exptl_crystal.F_000                       ? 
_exptl_crystal.id                          1 
_exptl_crystal.preparation                 ? 
_exptl_crystal.size_max                    ? 
_exptl_crystal.size_mid                    ? 
_exptl_crystal.size_min                    ? 
_exptl_crystal.size_rad                    ? 
_exptl_crystal.colour_lustre               ? 
_exptl_crystal.colour_modifier             ? 
_exptl_crystal.colour_primary              ? 
_exptl_crystal.density_meas                ? 
_exptl_crystal.density_meas_esd            ? 
_exptl_crystal.density_meas_gt             ? 
_exptl_crystal.density_meas_lt             ? 
_exptl_crystal.density_meas_temp           ? 
_exptl_crystal.density_meas_temp_esd       ? 
_exptl_crystal.density_meas_temp_gt        ? 
_exptl_crystal.density_meas_temp_lt        ? 
_exptl_crystal.pdbx_crystal_image_url      ? 
_exptl_crystal.pdbx_crystal_image_format   ? 
_exptl_crystal.pdbx_mosaicity              ? 
_exptl_crystal.pdbx_mosaicity_esd          ? 
# 
_exptl_crystal_grow.apparatus       ? 
_exptl_crystal_grow.atmosphere      ? 
_exptl_crystal_grow.crystal_id      1 
_exptl_crystal_grow.details         ? 
_exptl_crystal_grow.method          'VAPOR DIFFUSION, SITTING DROP' 
_exptl_crystal_grow.method_ref      ? 
_exptl_crystal_grow.pH              ? 
_exptl_crystal_grow.pressure        ? 
_exptl_crystal_grow.pressure_esd    ? 
_exptl_crystal_grow.seeding         ? 
_exptl_crystal_grow.seeding_ref     ? 
_exptl_crystal_grow.temp            291 
_exptl_crystal_grow.temp_details    ? 
_exptl_crystal_grow.temp_esd        ? 
_exptl_crystal_grow.time            ? 
_exptl_crystal_grow.pdbx_details    '0.2 M ammonium sulfate, 30% PEG 8K' 
_exptl_crystal_grow.pdbx_pH_range   ? 
# 
_diffrn.ambient_environment              ? 
_diffrn.ambient_temp                     100 
_diffrn.ambient_temp_details             ? 
_diffrn.ambient_temp_esd                 ? 
_diffrn.crystal_id                       1 
_diffrn.crystal_support                  ? 
_diffrn.crystal_treatment                ? 
_diffrn.details                          ? 
_diffrn.id                               1 
_diffrn.ambient_pressure                 ? 
_diffrn.ambient_pressure_esd             ? 
_diffrn.ambient_pressure_gt              ? 
_diffrn.ambient_pressure_lt              ? 
_diffrn.ambient_temp_gt                  ? 
_diffrn.ambient_temp_lt                  ? 
_diffrn.pdbx_serial_crystal_experiment   N 
# 
_diffrn_detector.details                      ? 
_diffrn_detector.detector                     PIXEL 
_diffrn_detector.diffrn_id                    1 
_diffrn_detector.type                         'DECTRIS EIGER X 9M' 
_diffrn_detector.area_resol_mean              ? 
_diffrn_detector.dtime                        ? 
_diffrn_detector.pdbx_frames_total            ? 
_diffrn_detector.pdbx_collection_time_total   ? 
_diffrn_detector.pdbx_collection_date         2019-12-15 
_diffrn_detector.pdbx_frequency               ? 
# 
_diffrn_radiation.collimation                      ? 
_diffrn_radiation.diffrn_id                        1 
_diffrn_radiation.filter_edge                      ? 
_diffrn_radiation.inhomogeneity                    ? 
_diffrn_radiation.monochromator                    ? 
_diffrn_radiation.polarisn_norm                    ? 
_diffrn_radiation.polarisn_ratio                   ? 
_diffrn_radiation.probe                            ? 
_diffrn_radiation.type                             ? 
_diffrn_radiation.xray_symbol                      ? 
_diffrn_radiation.wavelength_id                    1 
_diffrn_radiation.pdbx_monochromatic_or_laue_m_l   M 
_diffrn_radiation.pdbx_wavelength_list             ? 
_diffrn_radiation.pdbx_wavelength                  ? 
_diffrn_radiation.pdbx_diffrn_protocol             'SINGLE WAVELENGTH' 
_diffrn_radiation.pdbx_analyzer                    ? 
_diffrn_radiation.pdbx_scattering_type             x-ray 
# 
_diffrn_radiation_wavelength.id           1 
_diffrn_radiation_wavelength.wavelength   0.98011 
_diffrn_radiation_wavelength.wt           1.0 
# 
_diffrn_source.current                     ? 
_diffrn_source.details                     ? 
_diffrn_source.diffrn_id                   1 
_diffrn_source.power                       ? 
_diffrn_source.size                        ? 
_diffrn_source.source                      SYNCHROTRON 
_diffrn_source.target                      ? 
_diffrn_source.type                        'SOLEIL BEAMLINE PROXIMA 2' 
_diffrn_source.voltage                     ? 
_diffrn_source.take-off_angle              ? 
_diffrn_source.pdbx_wavelength_list        0.98011 
_diffrn_source.pdbx_wavelength             ? 
_diffrn_source.pdbx_synchrotron_beamline   'PROXIMA 2' 
_diffrn_source.pdbx_synchrotron_site       SOLEIL 
# 
_reflns.B_iso_Wilson_estimate            ? 
_reflns.entry_id                         7AL2 
_reflns.data_reduction_details           ? 
_reflns.data_reduction_method            ? 
_reflns.d_resolution_high                2.7 
_reflns.d_resolution_low                 38.91 
_reflns.details                          ? 
_reflns.limit_h_max                      ? 
_reflns.limit_h_min                      ? 
_reflns.limit_k_max                      ? 
_reflns.limit_k_min                      ? 
_reflns.limit_l_max                      ? 
_reflns.limit_l_min                      ? 
_reflns.number_all                       ? 
_reflns.number_obs                       3807 
_reflns.observed_criterion               ? 
_reflns.observed_criterion_F_max         ? 
_reflns.observed_criterion_F_min         ? 
_reflns.observed_criterion_I_max         ? 
_reflns.observed_criterion_I_min         ? 
_reflns.observed_criterion_sigma_F       ? 
_reflns.observed_criterion_sigma_I       ? 
_reflns.percent_possible_obs             95.7 
_reflns.R_free_details                   ? 
_reflns.Rmerge_F_all                     ? 
_reflns.Rmerge_F_obs                     ? 
_reflns.Friedel_coverage                 ? 
_reflns.number_gt                        ? 
_reflns.threshold_expression             ? 
_reflns.pdbx_redundancy                  5.5 
_reflns.pdbx_Rmerge_I_obs                0.076 
_reflns.pdbx_Rmerge_I_all                ? 
_reflns.pdbx_Rsym_value                  ? 
_reflns.pdbx_netI_over_av_sigmaI         ? 
_reflns.pdbx_netI_over_sigmaI            15.4 
_reflns.pdbx_res_netI_over_av_sigmaI_2   ? 
_reflns.pdbx_res_netI_over_sigmaI_2      ? 
_reflns.pdbx_chi_squared                 ? 
_reflns.pdbx_scaling_rejects             ? 
_reflns.pdbx_d_res_high_opt              ? 
_reflns.pdbx_d_res_low_opt               ? 
_reflns.pdbx_d_res_opt_method            ? 
_reflns.phase_calculation_details        ? 
_reflns.pdbx_Rrim_I_all                  ? 
_reflns.pdbx_Rpim_I_all                  ? 
_reflns.pdbx_d_opt                       ? 
_reflns.pdbx_number_measured_all         ? 
_reflns.pdbx_diffrn_id                   1 
_reflns.pdbx_ordinal                     1 
_reflns.pdbx_CC_half                     ? 
_reflns.pdbx_CC_star                     ? 
_reflns.pdbx_R_split                     ? 
# 
_reflns_shell.d_res_high                  2.7 
_reflns_shell.d_res_low                   2.83 
_reflns_shell.meanI_over_sigI_all         ? 
_reflns_shell.meanI_over_sigI_obs         2.7 
_reflns_shell.number_measured_all         ? 
_reflns_shell.number_measured_obs         ? 
_reflns_shell.number_possible             ? 
_reflns_shell.number_unique_all           ? 
_reflns_shell.number_unique_obs           493 
_reflns_shell.percent_possible_all        ? 
_reflns_shell.percent_possible_obs        ? 
_reflns_shell.Rmerge_F_all                ? 
_reflns_shell.Rmerge_F_obs                ? 
_reflns_shell.Rmerge_I_all                ? 
_reflns_shell.Rmerge_I_obs                0.702 
_reflns_shell.meanI_over_sigI_gt          ? 
_reflns_shell.meanI_over_uI_all           ? 
_reflns_shell.meanI_over_uI_gt            ? 
_reflns_shell.number_measured_gt          ? 
_reflns_shell.number_unique_gt            ? 
_reflns_shell.percent_possible_gt         ? 
_reflns_shell.Rmerge_F_gt                 ? 
_reflns_shell.Rmerge_I_gt                 ? 
_reflns_shell.pdbx_redundancy             ? 
_reflns_shell.pdbx_Rsym_value             ? 
_reflns_shell.pdbx_chi_squared            ? 
_reflns_shell.pdbx_netI_over_sigmaI_all   ? 
_reflns_shell.pdbx_netI_over_sigmaI_obs   ? 
_reflns_shell.pdbx_Rrim_I_all             ? 
_reflns_shell.pdbx_Rpim_I_all             ? 
_reflns_shell.pdbx_rejects                ? 
_reflns_shell.pdbx_ordinal                1 
_reflns_shell.pdbx_diffrn_id              1 
_reflns_shell.pdbx_CC_half                ? 
_reflns_shell.pdbx_CC_star                ? 
_reflns_shell.pdbx_R_split                ? 
# 
_refine.aniso_B[1][1]                            -9.0585 
_refine.aniso_B[1][2]                            0 
_refine.aniso_B[1][3]                            0 
_refine.aniso_B[2][2]                            -9.0585 
_refine.aniso_B[2][3]                            0 
_refine.aniso_B[3][3]                            18.117 
_refine.B_iso_max                                ? 
_refine.B_iso_mean                               61.24 
_refine.B_iso_min                                ? 
_refine.correlation_coeff_Fo_to_Fc               0.911 
_refine.correlation_coeff_Fo_to_Fc_free          0.922 
_refine.details                                  ? 
_refine.diff_density_max                         ? 
_refine.diff_density_max_esd                     ? 
_refine.diff_density_min                         ? 
_refine.diff_density_min_esd                     ? 
_refine.diff_density_rms                         ? 
_refine.diff_density_rms_esd                     ? 
_refine.entry_id                                 7AL2 
_refine.pdbx_refine_id                           'X-RAY DIFFRACTION' 
_refine.ls_abs_structure_details                 ? 
_refine.ls_abs_structure_Flack                   ? 
_refine.ls_abs_structure_Flack_esd               ? 
_refine.ls_abs_structure_Rogers                  ? 
_refine.ls_abs_structure_Rogers_esd              ? 
_refine.ls_d_res_high                            2.701 
_refine.ls_d_res_low                             38.91 
_refine.ls_extinction_coef                       ? 
_refine.ls_extinction_coef_esd                   ? 
_refine.ls_extinction_expression                 ? 
_refine.ls_extinction_method                     ? 
_refine.ls_goodness_of_fit_all                   ? 
_refine.ls_goodness_of_fit_all_esd               ? 
_refine.ls_goodness_of_fit_obs                   ? 
_refine.ls_goodness_of_fit_obs_esd               ? 
_refine.ls_hydrogen_treatment                    ? 
_refine.ls_matrix_type                           ? 
_refine.ls_number_constraints                    ? 
_refine.ls_number_parameters                     ? 
_refine.ls_number_reflns_all                     ? 
_refine.ls_number_reflns_obs                     3806 
_refine.ls_number_reflns_R_free                  181 
_refine.ls_number_reflns_R_work                  ? 
_refine.ls_number_restraints                     ? 
_refine.ls_percent_reflns_obs                    94 
_refine.ls_percent_reflns_R_free                 ? 
_refine.ls_R_factor_all                          ? 
_refine.ls_R_factor_obs                          0.2305 
_refine.ls_R_factor_R_free                       0.2546 
_refine.ls_R_factor_R_free_error                 ? 
_refine.ls_R_factor_R_free_error_details         ? 
_refine.ls_R_factor_R_work                       0.2292 
_refine.ls_R_Fsqd_factor_obs                     ? 
_refine.ls_R_I_factor_obs                        ? 
_refine.ls_redundancy_reflns_all                 ? 
_refine.ls_redundancy_reflns_obs                 ? 
_refine.ls_restrained_S_all                      ? 
_refine.ls_restrained_S_obs                      ? 
_refine.ls_shift_over_esd_max                    ? 
_refine.ls_shift_over_esd_mean                   ? 
_refine.ls_structure_factor_coef                 ? 
_refine.ls_weighting_details                     ? 
_refine.ls_weighting_scheme                      ? 
_refine.ls_wR_factor_all                         ? 
_refine.ls_wR_factor_obs                         ? 
_refine.ls_wR_factor_R_free                      ? 
_refine.ls_wR_factor_R_work                      ? 
_refine.occupancy_max                            ? 
_refine.occupancy_min                            ? 
_refine.solvent_model_details                    ? 
_refine.solvent_model_param_bsol                 ? 
_refine.solvent_model_param_ksol                 ? 
_refine.pdbx_R_complete                          ? 
_refine.ls_R_factor_gt                           ? 
_refine.ls_goodness_of_fit_gt                    ? 
_refine.ls_goodness_of_fit_ref                   ? 
_refine.ls_shift_over_su_max                     ? 
_refine.ls_shift_over_su_max_lt                  ? 
_refine.ls_shift_over_su_mean                    ? 
_refine.ls_shift_over_su_mean_lt                 ? 
_refine.pdbx_ls_sigma_I                          ? 
_refine.pdbx_ls_sigma_F                          ? 
_refine.pdbx_ls_sigma_Fsqd                       ? 
_refine.pdbx_data_cutoff_high_absF               ? 
_refine.pdbx_data_cutoff_high_rms_absF           ? 
_refine.pdbx_data_cutoff_low_absF                ? 
_refine.pdbx_isotropic_thermal_model             ? 
_refine.pdbx_ls_cross_valid_method               THROUGHOUT 
_refine.pdbx_method_to_determine_struct          'MOLECULAR REPLACEMENT' 
_refine.pdbx_starting_model                      7AL1 
_refine.pdbx_stereochemistry_target_values       ? 
_refine.pdbx_R_Free_selection_details            RANDOM 
_refine.pdbx_stereochem_target_val_spec_case     ? 
_refine.pdbx_overall_ESU_R                       ? 
_refine.pdbx_overall_ESU_R_Free                  ? 
_refine.pdbx_solvent_vdw_probe_radii             ? 
_refine.pdbx_solvent_ion_probe_radii             ? 
_refine.pdbx_solvent_shrinkage_radii             ? 
_refine.pdbx_real_space_R                        ? 
_refine.pdbx_density_correlation                 ? 
_refine.pdbx_pd_number_of_powder_patterns        ? 
_refine.pdbx_pd_number_of_points                 ? 
_refine.pdbx_pd_meas_number_of_points            ? 
_refine.pdbx_pd_proc_ls_prof_R_factor            ? 
_refine.pdbx_pd_proc_ls_prof_wR_factor           ? 
_refine.pdbx_pd_Marquardt_correlation_coeff      ? 
_refine.pdbx_pd_Fsqrd_R_factor                   ? 
_refine.pdbx_pd_ls_matrix_band_width             ? 
_refine.pdbx_overall_phase_error                 ? 
_refine.pdbx_overall_SU_R_free_Cruickshank_DPI   0.31 
_refine.pdbx_overall_SU_R_free_Blow_DPI          0.317 
_refine.pdbx_overall_SU_R_Blow_DPI               0.733 
_refine.pdbx_TLS_residual_ADP_flag               ? 
_refine.pdbx_diffrn_id                           1 
_refine.overall_SU_B                             ? 
_refine.overall_SU_ML                            ? 
_refine.overall_SU_R_Cruickshank_DPI             0.601 
_refine.overall_SU_R_free                        ? 
_refine.overall_FOM_free_R_set                   ? 
_refine.overall_FOM_work_R_set                   ? 
_refine.pdbx_average_fsc_overall                 ? 
_refine.pdbx_average_fsc_work                    ? 
_refine.pdbx_average_fsc_free                    ? 
# 
_refine_analyze.entry_id                        7AL2 
_refine_analyze.pdbx_refine_id                  'X-RAY DIFFRACTION' 
_refine_analyze.Luzzati_coordinate_error_free   ? 
_refine_analyze.Luzzati_coordinate_error_obs    0.46 
_refine_analyze.Luzzati_d_res_low_free          ? 
_refine_analyze.Luzzati_d_res_low_obs           ? 
_refine_analyze.Luzzati_sigma_a_free            ? 
_refine_analyze.Luzzati_sigma_a_free_details    ? 
_refine_analyze.Luzzati_sigma_a_obs             ? 
_refine_analyze.Luzzati_sigma_a_obs_details     ? 
_refine_analyze.number_disordered_residues      ? 
_refine_analyze.occupancy_sum_hydrogen          ? 
_refine_analyze.occupancy_sum_non_hydrogen      ? 
_refine_analyze.RG_d_res_high                   ? 
_refine_analyze.RG_d_res_low                    ? 
_refine_analyze.RG_free                         ? 
_refine_analyze.RG_work                         ? 
_refine_analyze.RG_free_work_ratio              ? 
_refine_analyze.pdbx_Luzzati_d_res_high_obs     ? 
# 
_refine_hist.pdbx_refine_id                   'X-RAY DIFFRACTION' 
_refine_hist.cycle_id                         LAST 
_refine_hist.details                          ? 
_refine_hist.d_res_high                       2.701 
_refine_hist.d_res_low                        38.91 
_refine_hist.number_atoms_solvent             0 
_refine_hist.number_atoms_total               746 
_refine_hist.number_reflns_all                ? 
_refine_hist.number_reflns_obs                ? 
_refine_hist.number_reflns_R_free             ? 
_refine_hist.number_reflns_R_work             ? 
_refine_hist.R_factor_all                     ? 
_refine_hist.R_factor_obs                     ? 
_refine_hist.R_factor_R_free                  ? 
_refine_hist.R_factor_R_work                  ? 
_refine_hist.pdbx_number_residues_total       ? 
_refine_hist.pdbx_B_iso_mean_ligand           ? 
_refine_hist.pdbx_B_iso_mean_solvent          ? 
_refine_hist.pdbx_number_atoms_protein        746 
_refine_hist.pdbx_number_atoms_nucleic_acid   0 
_refine_hist.pdbx_number_atoms_ligand         0 
_refine_hist.pdbx_number_atoms_lipid          ? 
_refine_hist.pdbx_number_atoms_carb           ? 
_refine_hist.pdbx_pseudo_atom_details         ? 
# 
loop_
_refine_ls_restr.pdbx_refine_id 
_refine_ls_restr.criterion 
_refine_ls_restr.dev_ideal 
_refine_ls_restr.dev_ideal_target 
_refine_ls_restr.number 
_refine_ls_restr.rejects 
_refine_ls_restr.type 
_refine_ls_restr.weight 
_refine_ls_restr.pdbx_restraint_function 
'X-RAY DIFFRACTION' ? 0.008 ? 754  ? t_bond_d                  2  HARMONIC     
'X-RAY DIFFRACTION' ? 1.02  ? 1015 ? t_angle_deg               2  HARMONIC     
'X-RAY DIFFRACTION' ? ?     ? 277  ? t_dihedral_angle_d        2  SINUSOIDAL   
'X-RAY DIFFRACTION' ? ?     ? 126  ? t_gen_planes              5  HARMONIC     
'X-RAY DIFFRACTION' ? ?     ? 754  ? t_it                      10 HARMONIC     
'X-RAY DIFFRACTION' ? ?     ? 103  ? t_chiral_improper_torsion 5  SEMIHARMONIC 
'X-RAY DIFFRACTION' ? ?     ? 574  ? t_ideal_dist_contact      4  SEMIHARMONIC 
'X-RAY DIFFRACTION' ? 3.39  ? ?    ? t_omega_torsion           ?  ?            
'X-RAY DIFFRACTION' ? 17.3  ? ?    ? t_other_torsion           ?  ?            
# 
_refine_ls_shell.pdbx_refine_id                   'X-RAY DIFFRACTION' 
_refine_ls_shell.d_res_high                       2.701 
_refine_ls_shell.d_res_low                        2.81 
_refine_ls_shell.number_reflns_all                ? 
_refine_ls_shell.number_reflns_obs                ? 
_refine_ls_shell.number_reflns_R_free             24 
_refine_ls_shell.number_reflns_R_work             ? 
_refine_ls_shell.percent_reflns_obs               95.42 
_refine_ls_shell.percent_reflns_R_free            ? 
_refine_ls_shell.R_factor_all                     ? 
_refine_ls_shell.R_factor_obs                     ? 
_refine_ls_shell.R_factor_R_free                  0.2641 
_refine_ls_shell.R_factor_R_free_error            ? 
_refine_ls_shell.R_factor_R_work                  0.2228 
_refine_ls_shell.redundancy_reflns_all            ? 
_refine_ls_shell.redundancy_reflns_obs            ? 
_refine_ls_shell.wR_factor_all                    ? 
_refine_ls_shell.wR_factor_obs                    ? 
_refine_ls_shell.wR_factor_R_free                 ? 
_refine_ls_shell.wR_factor_R_work                 ? 
_refine_ls_shell.pdbx_R_complete                  ? 
_refine_ls_shell.pdbx_total_number_of_bins_used   ? 
_refine_ls_shell.pdbx_phase_error                 ? 
_refine_ls_shell.pdbx_fsc_work                    ? 
_refine_ls_shell.pdbx_fsc_free                    ? 
# 
_struct.entry_id                     7AL2 
_struct.title                        'Cell division protein SepF from Methanobrevibacter smithii in complex with FtsZ-CTD' 
_struct.pdbx_model_details           ? 
_struct.pdbx_formula_weight          ? 
_struct.pdbx_formula_weight_method   ? 
_struct.pdbx_model_type_details      ? 
_struct.pdbx_CASP_flag               N 
# 
_struct_keywords.entry_id        7AL2 
_struct_keywords.text            'FtsZ-binding protein Membrane-binding protein, CELL CYCLE' 
_struct_keywords.pdbx_keywords   'CELL CYCLE' 
# 
loop_
_struct_asym.id 
_struct_asym.pdbx_blank_PDB_chainid_flag 
_struct_asym.pdbx_modified 
_struct_asym.entity_id 
_struct_asym.details 
A N N 1 ? 
B N N 2 ? 
# 
loop_
_struct_ref.id 
_struct_ref.db_name 
_struct_ref.db_code 
_struct_ref.pdbx_db_accession 
_struct_ref.pdbx_db_isoform 
_struct_ref.entity_id 
_struct_ref.pdbx_seq_one_letter_code 
_struct_ref.pdbx_align_begin 
1 UNP A5UK83_METS3 A5UK83 ? 1 
;DDVSISPEQSFYEIMLIRPKTIDDINYVVDQVLEESNPVILDLSFLEKESPANFKLAGEKIKQMRSNYGAEALLLSRCND
KNLIIIAPKGVSLVRK
;
54  
2 UNP B9AGF7_METSM B9AGF7 ? 2 QLDDFIDGIF                                                                                          
368 
# 
loop_
_struct_ref_seq.align_id 
_struct_ref_seq.ref_id 
_struct_ref_seq.pdbx_PDB_id_code 
_struct_ref_seq.pdbx_strand_id 
_struct_ref_seq.seq_align_beg 
_struct_ref_seq.pdbx_seq_align_beg_ins_code 
_struct_ref_seq.seq_align_end 
_struct_ref_seq.pdbx_seq_align_end_ins_code 
_struct_ref_seq.pdbx_db_accession 
_struct_ref_seq.db_align_beg 
_struct_ref_seq.pdbx_db_align_beg_ins_code 
_struct_ref_seq.db_align_end 
_struct_ref_seq.pdbx_db_align_end_ins_code 
_struct_ref_seq.pdbx_auth_seq_align_beg 
_struct_ref_seq.pdbx_auth_seq_align_end 
1 1 7AL2 A 1 ? 96 ? A5UK83 54  ? 149 ? 54  149 
2 2 7AL2 B 1 ? 10 ? B9AGF7 368 ? 377 ? 368 377 
# 
_pdbx_struct_assembly.id                   1 
_pdbx_struct_assembly.details              author_and_software_defined_assembly 
_pdbx_struct_assembly.method_details       PISA 
_pdbx_struct_assembly.oligomeric_details   tetrameric 
_pdbx_struct_assembly.oligomeric_count     4 
# 
loop_
_pdbx_struct_assembly_prop.biol_id 
_pdbx_struct_assembly_prop.type 
_pdbx_struct_assembly_prop.value 
_pdbx_struct_assembly_prop.details 
1 'ABSA (A^2)' 4750 ? 
1 MORE         -24  ? 
1 'SSA (A^2)'  9050 ? 
# 
_pdbx_struct_assembly_gen.assembly_id       1 
_pdbx_struct_assembly_gen.oper_expression   1,2 
_pdbx_struct_assembly_gen.asym_id_list      A,B 
# 
_pdbx_struct_assembly_auth_evidence.id                     1 
_pdbx_struct_assembly_auth_evidence.assembly_id            1 
_pdbx_struct_assembly_auth_evidence.experimental_support   'gel filtration' 
_pdbx_struct_assembly_auth_evidence.details                ? 
# 
loop_
_pdbx_struct_oper_list.id 
_pdbx_struct_oper_list.type 
_pdbx_struct_oper_list.name 
_pdbx_struct_oper_list.symmetry_operation 
_pdbx_struct_oper_list.matrix[1][1] 
_pdbx_struct_oper_list.matrix[1][2] 
_pdbx_struct_oper_list.matrix[1][3] 
_pdbx_struct_oper_list.vector[1] 
_pdbx_struct_oper_list.matrix[2][1] 
_pdbx_struct_oper_list.matrix[2][2] 
_pdbx_struct_oper_list.matrix[2][3] 
_pdbx_struct_oper_list.vector[2] 
_pdbx_struct_oper_list.matrix[3][1] 
_pdbx_struct_oper_list.matrix[3][2] 
_pdbx_struct_oper_list.matrix[3][3] 
_pdbx_struct_oper_list.vector[3] 
1 'identity operation'         1_555  x,y,z        1.0000000000  0.0000000000  0.0000000000  0.0000000000 0.0000000000  1.0000000000  0.0000000000 0.0000000000   0.0000000000  0.0000000000 1.0000000000  0.0000000000  
2 'crystal symmetry operation' 10_554 -y,-x,-z-1/6 -0.7048438508 -0.5216517323 -0.4807022116 3.3806387588 -0.5216517323 -0.0780455345 0.8495812879 -13.4052828868 -0.4807022116 0.8495812879 -0.2171106148 16.6229843864 
# 
loop_
_struct_conf.conf_type_id 
_struct_conf.id 
_struct_conf.pdbx_PDB_helix_id 
_struct_conf.beg_label_comp_id 
_struct_conf.beg_label_asym_id 
_struct_conf.beg_label_seq_id 
_struct_conf.pdbx_beg_PDB_ins_code 
_struct_conf.end_label_comp_id 
_struct_conf.end_label_asym_id 
_struct_conf.end_label_seq_id 
_struct_conf.pdbx_end_PDB_ins_code 
_struct_conf.beg_auth_comp_id 
_struct_conf.beg_auth_asym_id 
_struct_conf.beg_auth_seq_id 
_struct_conf.end_auth_comp_id 
_struct_conf.end_auth_asym_id 
_struct_conf.end_auth_seq_id 
_struct_conf.pdbx_PDB_helix_class 
_struct_conf.details 
_struct_conf.pdbx_PDB_helix_length 
HELX_P HELX_P1 AA1 THR A 21 ? GLU A 34 ? THR A 74  GLU A 87  1 ? 14 
HELX_P HELX_P2 AA2 LEU A 43 ? SER A 50 ? LEU A 96  SER A 103 1 ? 8  
HELX_P HELX_P3 AA3 SER A 50 ? GLY A 69 ? SER A 103 GLY A 122 1 ? 20 
# 
_struct_conf_type.id          HELX_P 
_struct_conf_type.criteria    ? 
_struct_conf_type.reference   ? 
# 
_struct_sheet.id               AA1 
_struct_sheet.type             ? 
_struct_sheet.number_strands   4 
_struct_sheet.details          ? 
# 
loop_
_struct_sheet_order.sheet_id 
_struct_sheet_order.range_id_1 
_struct_sheet_order.range_id_2 
_struct_sheet_order.offset 
_struct_sheet_order.sense 
AA1 1 2 ? parallel      
AA1 2 3 ? anti-parallel 
AA1 3 4 ? anti-parallel 
# 
loop_
_struct_sheet_range.sheet_id 
_struct_sheet_range.id 
_struct_sheet_range.beg_label_comp_id 
_struct_sheet_range.beg_label_asym_id 
_struct_sheet_range.beg_label_seq_id 
_struct_sheet_range.pdbx_beg_PDB_ins_code 
_struct_sheet_range.end_label_comp_id 
_struct_sheet_range.end_label_asym_id 
_struct_sheet_range.end_label_seq_id 
_struct_sheet_range.pdbx_end_PDB_ins_code 
_struct_sheet_range.beg_auth_comp_id 
_struct_sheet_range.beg_auth_asym_id 
_struct_sheet_range.beg_auth_seq_id 
_struct_sheet_range.end_auth_comp_id 
_struct_sheet_range.end_auth_asym_id 
_struct_sheet_range.end_auth_seq_id 
AA1 1 MET A 15 ? ILE A 17 ? MET A 68  ILE A 70  
AA1 2 VAL A 39 ? ASP A 42 ? VAL A 92  ASP A 95  
AA1 3 LYS A 81 ? ALA A 87 ? LYS A 134 ALA A 140 
AA1 4 GLU A 71 ? CYS A 78 ? GLU A 124 CYS A 131 
# 
loop_
_pdbx_struct_sheet_hbond.sheet_id 
_pdbx_struct_sheet_hbond.range_id_1 
_pdbx_struct_sheet_hbond.range_id_2 
_pdbx_struct_sheet_hbond.range_1_label_atom_id 
_pdbx_struct_sheet_hbond.range_1_label_comp_id 
_pdbx_struct_sheet_hbond.range_1_label_asym_id 
_pdbx_struct_sheet_hbond.range_1_label_seq_id 
_pdbx_struct_sheet_hbond.range_1_PDB_ins_code 
_pdbx_struct_sheet_hbond.range_1_auth_atom_id 
_pdbx_struct_sheet_hbond.range_1_auth_comp_id 
_pdbx_struct_sheet_hbond.range_1_auth_asym_id 
_pdbx_struct_sheet_hbond.range_1_auth_seq_id 
_pdbx_struct_sheet_hbond.range_2_label_atom_id 
_pdbx_struct_sheet_hbond.range_2_label_comp_id 
_pdbx_struct_sheet_hbond.range_2_label_asym_id 
_pdbx_struct_sheet_hbond.range_2_label_seq_id 
_pdbx_struct_sheet_hbond.range_2_PDB_ins_code 
_pdbx_struct_sheet_hbond.range_2_auth_atom_id 
_pdbx_struct_sheet_hbond.range_2_auth_comp_id 
_pdbx_struct_sheet_hbond.range_2_auth_asym_id 
_pdbx_struct_sheet_hbond.range_2_auth_seq_id 
AA1 1 2 N MET A 15 ? N MET A 68  O ILE A 40 ? O ILE A 93  
AA1 2 3 N LEU A 41 ? N LEU A 94  O ILE A 84 ? O ILE A 137 
AA1 3 4 O LEU A 83 ? O LEU A 136 N LEU A 75 ? N LEU A 128 
# 
loop_
_pdbx_validate_torsion.id 
_pdbx_validate_torsion.PDB_model_num 
_pdbx_validate_torsion.auth_comp_id 
_pdbx_validate_torsion.auth_asym_id 
_pdbx_validate_torsion.auth_seq_id 
_pdbx_validate_torsion.PDB_ins_code 
_pdbx_validate_torsion.label_alt_id 
_pdbx_validate_torsion.phi 
_pdbx_validate_torsion.psi 
1 1 ASP B 370 ? ? -94.43 59.52 
2 1 ASP B 371 ? ? -69.85 14.84 
# 
_pdbx_refine_tls.id               1 
_pdbx_refine_tls.pdbx_refine_id   'X-RAY DIFFRACTION' 
_pdbx_refine_tls.details          ? 
_pdbx_refine_tls.method           ? 
_pdbx_refine_tls.origin_x         1.3640 
_pdbx_refine_tls.origin_y         0.0926 
_pdbx_refine_tls.origin_z         -0.3625 
_pdbx_refine_tls.T[1][1]          -0.2143 
_pdbx_refine_tls.T[1][1]_esd      ? 
_pdbx_refine_tls.T[1][2]          0.0365 
_pdbx_refine_tls.T[1][2]_esd      ? 
_pdbx_refine_tls.T[1][3]          -0.0727 
_pdbx_refine_tls.T[1][3]_esd      ? 
_pdbx_refine_tls.T[2][2]          -0.1985 
_pdbx_refine_tls.T[2][2]_esd      ? 
_pdbx_refine_tls.T[2][3]          0.0324 
_pdbx_refine_tls.T[2][3]_esd      ? 
_pdbx_refine_tls.T[3][3]          -0.2521 
_pdbx_refine_tls.T[3][3]_esd      ? 
_pdbx_refine_tls.L[1][1]          5.0775 
_pdbx_refine_tls.L[1][1]_esd      ? 
_pdbx_refine_tls.L[1][2]          0.8604 
_pdbx_refine_tls.L[1][2]_esd      ? 
_pdbx_refine_tls.L[1][3]          -0.7703 
_pdbx_refine_tls.L[1][3]_esd      ? 
_pdbx_refine_tls.L[2][2]          5.6506 
_pdbx_refine_tls.L[2][2]_esd      ? 
_pdbx_refine_tls.L[2][3]          -3.4396 
_pdbx_refine_tls.L[2][3]_esd      ? 
_pdbx_refine_tls.L[3][3]          6.6768 
_pdbx_refine_tls.L[3][3]_esd      ? 
_pdbx_refine_tls.S[1][1]          -0.1799 
_pdbx_refine_tls.S[1][1]_esd      ? 
_pdbx_refine_tls.S[1][2]          0.2188 
_pdbx_refine_tls.S[1][2]_esd      ? 
_pdbx_refine_tls.S[1][3]          -0.3765 
_pdbx_refine_tls.S[1][3]_esd      ? 
_pdbx_refine_tls.S[2][1]          0.2188 
_pdbx_refine_tls.S[2][1]_esd      ? 
_pdbx_refine_tls.S[2][2]          0.3510 
_pdbx_refine_tls.S[2][2]_esd      ? 
_pdbx_refine_tls.S[2][3]          -0.2866 
_pdbx_refine_tls.S[2][3]_esd      ? 
_pdbx_refine_tls.S[3][1]          -0.3765 
_pdbx_refine_tls.S[3][1]_esd      ? 
_pdbx_refine_tls.S[3][2]          -0.2866 
_pdbx_refine_tls.S[3][2]_esd      ? 
_pdbx_refine_tls.S[3][3]          -0.1710 
_pdbx_refine_tls.S[3][3]_esd      ? 
# 
_pdbx_refine_tls_group.id                  1 
_pdbx_refine_tls_group.pdbx_refine_id      'X-RAY DIFFRACTION' 
_pdbx_refine_tls_group.refine_tls_id       1 
_pdbx_refine_tls_group.beg_label_asym_id   ? 
_pdbx_refine_tls_group.beg_label_seq_id    ? 
_pdbx_refine_tls_group.beg_auth_asym_id    ? 
_pdbx_refine_tls_group.beg_auth_seq_id     ? 
_pdbx_refine_tls_group.beg_PDB_ins_code    ? 
_pdbx_refine_tls_group.end_label_asym_id   ? 
_pdbx_refine_tls_group.end_label_seq_id    ? 
_pdbx_refine_tls_group.end_auth_asym_id    ? 
_pdbx_refine_tls_group.end_auth_seq_id     ? 
_pdbx_refine_tls_group.end_PDB_ins_code    ? 
_pdbx_refine_tls_group.selection           ? 
_pdbx_refine_tls_group.selection_details   '{ A|* }' 
# 
loop_
_pdbx_unobs_or_zero_occ_residues.id 
_pdbx_unobs_or_zero_occ_residues.PDB_model_num 
_pdbx_unobs_or_zero_occ_residues.polymer_flag 
_pdbx_unobs_or_zero_occ_residues.occupancy_flag 
_pdbx_unobs_or_zero_occ_residues.auth_asym_id 
_pdbx_unobs_or_zero_occ_residues.auth_comp_id 
_pdbx_unobs_or_zero_occ_residues.auth_seq_id 
_pdbx_unobs_or_zero_occ_residues.PDB_ins_code 
_pdbx_unobs_or_zero_occ_residues.label_asym_id 
_pdbx_unobs_or_zero_occ_residues.label_comp_id 
_pdbx_unobs_or_zero_occ_residues.label_seq_id 
1  1 Y 1 A ASP 54 ? A ASP 1  
2  1 Y 1 A ASP 55 ? A ASP 2  
3  1 Y 1 A VAL 56 ? A VAL 3  
4  1 Y 1 A SER 57 ? A SER 4  
5  1 Y 1 A ILE 58 ? A ILE 5  
6  1 Y 1 A SER 59 ? A SER 6  
7  1 Y 1 A PRO 60 ? A PRO 7  
8  1 Y 1 A GLU 61 ? A GLU 8  
9  1 Y 1 A GLN 62 ? A GLN 9  
10 1 Y 1 A SER 63 ? A SER 10 
11 1 Y 1 A PHE 64 ? A PHE 11 
# 
loop_
_chem_comp_atom.comp_id 
_chem_comp_atom.atom_id 
_chem_comp_atom.type_symbol 
_chem_comp_atom.pdbx_aromatic_flag 
_chem_comp_atom.pdbx_stereo_config 
_chem_comp_atom.pdbx_ordinal 
ALA N    N N N 1   
ALA CA   C N S 2   
ALA C    C N N 3   
ALA O    O N N 4   
ALA CB   C N N 5   
ALA OXT  O N N 6   
ALA H    H N N 7   
ALA H2   H N N 8   
ALA HA   H N N 9   
ALA HB1  H N N 10  
ALA HB2  H N N 11  
ALA HB3  H N N 12  
ALA HXT  H N N 13  
ARG N    N N N 14  
ARG CA   C N S 15  
ARG C    C N N 16  
ARG O    O N N 17  
ARG CB   C N N 18  
ARG CG   C N N 19  
ARG CD   C N N 20  
ARG NE   N N N 21  
ARG CZ   C N N 22  
ARG NH1  N N N 23  
ARG NH2  N N N 24  
ARG OXT  O N N 25  
ARG H    H N N 26  
ARG H2   H N N 27  
ARG HA   H N N 28  
ARG HB2  H N N 29  
ARG HB3  H N N 30  
ARG HG2  H N N 31  
ARG HG3  H N N 32  
ARG HD2  H N N 33  
ARG HD3  H N N 34  
ARG HE   H N N 35  
ARG HH11 H N N 36  
ARG HH12 H N N 37  
ARG HH21 H N N 38  
ARG HH22 H N N 39  
ARG HXT  H N N 40  
ASN N    N N N 41  
ASN CA   C N S 42  
ASN C    C N N 43  
ASN O    O N N 44  
ASN CB   C N N 45  
ASN CG   C N N 46  
ASN OD1  O N N 47  
ASN ND2  N N N 48  
ASN OXT  O N N 49  
ASN H    H N N 50  
ASN H2   H N N 51  
ASN HA   H N N 52  
ASN HB2  H N N 53  
ASN HB3  H N N 54  
ASN HD21 H N N 55  
ASN HD22 H N N 56  
ASN HXT  H N N 57  
ASP N    N N N 58  
ASP CA   C N S 59  
ASP C    C N N 60  
ASP O    O N N 61  
ASP CB   C N N 62  
ASP CG   C N N 63  
ASP OD1  O N N 64  
ASP OD2  O N N 65  
ASP OXT  O N N 66  
ASP H    H N N 67  
ASP H2   H N N 68  
ASP HA   H N N 69  
ASP HB2  H N N 70  
ASP HB3  H N N 71  
ASP HD2  H N N 72  
ASP HXT  H N N 73  
CYS N    N N N 74  
CYS CA   C N R 75  
CYS C    C N N 76  
CYS O    O N N 77  
CYS CB   C N N 78  
CYS SG   S N N 79  
CYS OXT  O N N 80  
CYS H    H N N 81  
CYS H2   H N N 82  
CYS HA   H N N 83  
CYS HB2  H N N 84  
CYS HB3  H N N 85  
CYS HG   H N N 86  
CYS HXT  H N N 87  
GLN N    N N N 88  
GLN CA   C N S 89  
GLN C    C N N 90  
GLN O    O N N 91  
GLN CB   C N N 92  
GLN CG   C N N 93  
GLN CD   C N N 94  
GLN OE1  O N N 95  
GLN NE2  N N N 96  
GLN OXT  O N N 97  
GLN H    H N N 98  
GLN H2   H N N 99  
GLN HA   H N N 100 
GLN HB2  H N N 101 
GLN HB3  H N N 102 
GLN HG2  H N N 103 
GLN HG3  H N N 104 
GLN HE21 H N N 105 
GLN HE22 H N N 106 
GLN HXT  H N N 107 
GLU N    N N N 108 
GLU CA   C N S 109 
GLU C    C N N 110 
GLU O    O N N 111 
GLU CB   C N N 112 
GLU CG   C N N 113 
GLU CD   C N N 114 
GLU OE1  O N N 115 
GLU OE2  O N N 116 
GLU OXT  O N N 117 
GLU H    H N N 118 
GLU H2   H N N 119 
GLU HA   H N N 120 
GLU HB2  H N N 121 
GLU HB3  H N N 122 
GLU HG2  H N N 123 
GLU HG3  H N N 124 
GLU HE2  H N N 125 
GLU HXT  H N N 126 
GLY N    N N N 127 
GLY CA   C N N 128 
GLY C    C N N 129 
GLY O    O N N 130 
GLY OXT  O N N 131 
GLY H    H N N 132 
GLY H2   H N N 133 
GLY HA2  H N N 134 
GLY HA3  H N N 135 
GLY HXT  H N N 136 
ILE N    N N N 137 
ILE CA   C N S 138 
ILE C    C N N 139 
ILE O    O N N 140 
ILE CB   C N S 141 
ILE CG1  C N N 142 
ILE CG2  C N N 143 
ILE CD1  C N N 144 
ILE OXT  O N N 145 
ILE H    H N N 146 
ILE H2   H N N 147 
ILE HA   H N N 148 
ILE HB   H N N 149 
ILE HG12 H N N 150 
ILE HG13 H N N 151 
ILE HG21 H N N 152 
ILE HG22 H N N 153 
ILE HG23 H N N 154 
ILE HD11 H N N 155 
ILE HD12 H N N 156 
ILE HD13 H N N 157 
ILE HXT  H N N 158 
LEU N    N N N 159 
LEU CA   C N S 160 
LEU C    C N N 161 
LEU O    O N N 162 
LEU CB   C N N 163 
LEU CG   C N N 164 
LEU CD1  C N N 165 
LEU CD2  C N N 166 
LEU OXT  O N N 167 
LEU H    H N N 168 
LEU H2   H N N 169 
LEU HA   H N N 170 
LEU HB2  H N N 171 
LEU HB3  H N N 172 
LEU HG   H N N 173 
LEU HD11 H N N 174 
LEU HD12 H N N 175 
LEU HD13 H N N 176 
LEU HD21 H N N 177 
LEU HD22 H N N 178 
LEU HD23 H N N 179 
LEU HXT  H N N 180 
LYS N    N N N 181 
LYS CA   C N S 182 
LYS C    C N N 183 
LYS O    O N N 184 
LYS CB   C N N 185 
LYS CG   C N N 186 
LYS CD   C N N 187 
LYS CE   C N N 188 
LYS NZ   N N N 189 
LYS OXT  O N N 190 
LYS H    H N N 191 
LYS H2   H N N 192 
LYS HA   H N N 193 
LYS HB2  H N N 194 
LYS HB3  H N N 195 
LYS HG2  H N N 196 
LYS HG3  H N N 197 
LYS HD2  H N N 198 
LYS HD3  H N N 199 
LYS HE2  H N N 200 
LYS HE3  H N N 201 
LYS HZ1  H N N 202 
LYS HZ2  H N N 203 
LYS HZ3  H N N 204 
LYS HXT  H N N 205 
MET N    N N N 206 
MET CA   C N S 207 
MET C    C N N 208 
MET O    O N N 209 
MET CB   C N N 210 
MET CG   C N N 211 
MET SD   S N N 212 
MET CE   C N N 213 
MET OXT  O N N 214 
MET H    H N N 215 
MET H2   H N N 216 
MET HA   H N N 217 
MET HB2  H N N 218 
MET HB3  H N N 219 
MET HG2  H N N 220 
MET HG3  H N N 221 
MET HE1  H N N 222 
MET HE2  H N N 223 
MET HE3  H N N 224 
MET HXT  H N N 225 
PHE N    N N N 226 
PHE CA   C N S 227 
PHE C    C N N 228 
PHE O    O N N 229 
PHE CB   C N N 230 
PHE CG   C Y N 231 
PHE CD1  C Y N 232 
PHE CD2  C Y N 233 
PHE CE1  C Y N 234 
PHE CE2  C Y N 235 
PHE CZ   C Y N 236 
PHE OXT  O N N 237 
PHE H    H N N 238 
PHE H2   H N N 239 
PHE HA   H N N 240 
PHE HB2  H N N 241 
PHE HB3  H N N 242 
PHE HD1  H N N 243 
PHE HD2  H N N 244 
PHE HE1  H N N 245 
PHE HE2  H N N 246 
PHE HZ   H N N 247 
PHE HXT  H N N 248 
PRO N    N N N 249 
PRO CA   C N S 250 
PRO C    C N N 251 
PRO O    O N N 252 
PRO CB   C N N 253 
PRO CG   C N N 254 
PRO CD   C N N 255 
PRO OXT  O N N 256 
PRO H    H N N 257 
PRO HA   H N N 258 
PRO HB2  H N N 259 
PRO HB3  H N N 260 
PRO HG2  H N N 261 
PRO HG3  H N N 262 
PRO HD2  H N N 263 
PRO HD3  H N N 264 
PRO HXT  H N N 265 
SER N    N N N 266 
SER CA   C N S 267 
SER C    C N N 268 
SER O    O N N 269 
SER CB   C N N 270 
SER OG   O N N 271 
SER OXT  O N N 272 
SER H    H N N 273 
SER H2   H N N 274 
SER HA   H N N 275 
SER HB2  H N N 276 
SER HB3  H N N 277 
SER HG   H N N 278 
SER HXT  H N N 279 
THR N    N N N 280 
THR CA   C N S 281 
THR C    C N N 282 
THR O    O N N 283 
THR CB   C N R 284 
THR OG1  O N N 285 
THR CG2  C N N 286 
THR OXT  O N N 287 
THR H    H N N 288 
THR H2   H N N 289 
THR HA   H N N 290 
THR HB   H N N 291 
THR HG1  H N N 292 
THR HG21 H N N 293 
THR HG22 H N N 294 
THR HG23 H N N 295 
THR HXT  H N N 296 
TYR N    N N N 297 
TYR CA   C N S 298 
TYR C    C N N 299 
TYR O    O N N 300 
TYR CB   C N N 301 
TYR CG   C Y N 302 
TYR CD1  C Y N 303 
TYR CD2  C Y N 304 
TYR CE1  C Y N 305 
TYR CE2  C Y N 306 
TYR CZ   C Y N 307 
TYR OH   O N N 308 
TYR OXT  O N N 309 
TYR H    H N N 310 
TYR H2   H N N 311 
TYR HA   H N N 312 
TYR HB2  H N N 313 
TYR HB3  H N N 314 
TYR HD1  H N N 315 
TYR HD2  H N N 316 
TYR HE1  H N N 317 
TYR HE2  H N N 318 
TYR HH   H N N 319 
TYR HXT  H N N 320 
VAL N    N N N 321 
VAL CA   C N S 322 
VAL C    C N N 323 
VAL O    O N N 324 
VAL CB   C N N 325 
VAL CG1  C N N 326 
VAL CG2  C N N 327 
VAL OXT  O N N 328 
VAL H    H N N 329 
VAL H2   H N N 330 
VAL HA   H N N 331 
VAL HB   H N N 332 
VAL HG11 H N N 333 
VAL HG12 H N N 334 
VAL HG13 H N N 335 
VAL HG21 H N N 336 
VAL HG22 H N N 337 
VAL HG23 H N N 338 
VAL HXT  H N N 339 
# 
loop_
_chem_comp_bond.comp_id 
_chem_comp_bond.atom_id_1 
_chem_comp_bond.atom_id_2 
_chem_comp_bond.value_order 
_chem_comp_bond.pdbx_aromatic_flag 
_chem_comp_bond.pdbx_stereo_config 
_chem_comp_bond.pdbx_ordinal 
ALA N   CA   sing N N 1   
ALA N   H    sing N N 2   
ALA N   H2   sing N N 3   
ALA CA  C    sing N N 4   
ALA CA  CB   sing N N 5   
ALA CA  HA   sing N N 6   
ALA C   O    doub N N 7   
ALA C   OXT  sing N N 8   
ALA CB  HB1  sing N N 9   
ALA CB  HB2  sing N N 10  
ALA CB  HB3  sing N N 11  
ALA OXT HXT  sing N N 12  
ARG N   CA   sing N N 13  
ARG N   H    sing N N 14  
ARG N   H2   sing N N 15  
ARG CA  C    sing N N 16  
ARG CA  CB   sing N N 17  
ARG CA  HA   sing N N 18  
ARG C   O    doub N N 19  
ARG C   OXT  sing N N 20  
ARG CB  CG   sing N N 21  
ARG CB  HB2  sing N N 22  
ARG CB  HB3  sing N N 23  
ARG CG  CD   sing N N 24  
ARG CG  HG2  sing N N 25  
ARG CG  HG3  sing N N 26  
ARG CD  NE   sing N N 27  
ARG CD  HD2  sing N N 28  
ARG CD  HD3  sing N N 29  
ARG NE  CZ   sing N N 30  
ARG NE  HE   sing N N 31  
ARG CZ  NH1  sing N N 32  
ARG CZ  NH2  doub N N 33  
ARG NH1 HH11 sing N N 34  
ARG NH1 HH12 sing N N 35  
ARG NH2 HH21 sing N N 36  
ARG NH2 HH22 sing N N 37  
ARG OXT HXT  sing N N 38  
ASN N   CA   sing N N 39  
ASN N   H    sing N N 40  
ASN N   H2   sing N N 41  
ASN CA  C    sing N N 42  
ASN CA  CB   sing N N 43  
ASN CA  HA   sing N N 44  
ASN C   O    doub N N 45  
ASN C   OXT  sing N N 46  
ASN CB  CG   sing N N 47  
ASN CB  HB2  sing N N 48  
ASN CB  HB3  sing N N 49  
ASN CG  OD1  doub N N 50  
ASN CG  ND2  sing N N 51  
ASN ND2 HD21 sing N N 52  
ASN ND2 HD22 sing N N 53  
ASN OXT HXT  sing N N 54  
ASP N   CA   sing N N 55  
ASP N   H    sing N N 56  
ASP N   H2   sing N N 57  
ASP CA  C    sing N N 58  
ASP CA  CB   sing N N 59  
ASP CA  HA   sing N N 60  
ASP C   O    doub N N 61  
ASP C   OXT  sing N N 62  
ASP CB  CG   sing N N 63  
ASP CB  HB2  sing N N 64  
ASP CB  HB3  sing N N 65  
ASP CG  OD1  doub N N 66  
ASP CG  OD2  sing N N 67  
ASP OD2 HD2  sing N N 68  
ASP OXT HXT  sing N N 69  
CYS N   CA   sing N N 70  
CYS N   H    sing N N 71  
CYS N   H2   sing N N 72  
CYS CA  C    sing N N 73  
CYS CA  CB   sing N N 74  
CYS CA  HA   sing N N 75  
CYS C   O    doub N N 76  
CYS C   OXT  sing N N 77  
CYS CB  SG   sing N N 78  
CYS CB  HB2  sing N N 79  
CYS CB  HB3  sing N N 80  
CYS SG  HG   sing N N 81  
CYS OXT HXT  sing N N 82  
GLN N   CA   sing N N 83  
GLN N   H    sing N N 84  
GLN N   H2   sing N N 85  
GLN CA  C    sing N N 86  
GLN CA  CB   sing N N 87  
GLN CA  HA   sing N N 88  
GLN C   O    doub N N 89  
GLN C   OXT  sing N N 90  
GLN CB  CG   sing N N 91  
GLN CB  HB2  sing N N 92  
GLN CB  HB3  sing N N 93  
GLN CG  CD   sing N N 94  
GLN CG  HG2  sing N N 95  
GLN CG  HG3  sing N N 96  
GLN CD  OE1  doub N N 97  
GLN CD  NE2  sing N N 98  
GLN NE2 HE21 sing N N 99  
GLN NE2 HE22 sing N N 100 
GLN OXT HXT  sing N N 101 
GLU N   CA   sing N N 102 
GLU N   H    sing N N 103 
GLU N   H2   sing N N 104 
GLU CA  C    sing N N 105 
GLU CA  CB   sing N N 106 
GLU CA  HA   sing N N 107 
GLU C   O    doub N N 108 
GLU C   OXT  sing N N 109 
GLU CB  CG   sing N N 110 
GLU CB  HB2  sing N N 111 
GLU CB  HB3  sing N N 112 
GLU CG  CD   sing N N 113 
GLU CG  HG2  sing N N 114 
GLU CG  HG3  sing N N 115 
GLU CD  OE1  doub N N 116 
GLU CD  OE2  sing N N 117 
GLU OE2 HE2  sing N N 118 
GLU OXT HXT  sing N N 119 
GLY N   CA   sing N N 120 
GLY N   H    sing N N 121 
GLY N   H2   sing N N 122 
GLY CA  C    sing N N 123 
GLY CA  HA2  sing N N 124 
GLY CA  HA3  sing N N 125 
GLY C   O    doub N N 126 
GLY C   OXT  sing N N 127 
GLY OXT HXT  sing N N 128 
ILE N   CA   sing N N 129 
ILE N   H    sing N N 130 
ILE N   H2   sing N N 131 
ILE CA  C    sing N N 132 
ILE CA  CB   sing N N 133 
ILE CA  HA   sing N N 134 
ILE C   O    doub N N 135 
ILE C   OXT  sing N N 136 
ILE CB  CG1  sing N N 137 
ILE CB  CG2  sing N N 138 
ILE CB  HB   sing N N 139 
ILE CG1 CD1  sing N N 140 
ILE CG1 HG12 sing N N 141 
ILE CG1 HG13 sing N N 142 
ILE CG2 HG21 sing N N 143 
ILE CG2 HG22 sing N N 144 
ILE CG2 HG23 sing N N 145 
ILE CD1 HD11 sing N N 146 
ILE CD1 HD12 sing N N 147 
ILE CD1 HD13 sing N N 148 
ILE OXT HXT  sing N N 149 
LEU N   CA   sing N N 150 
LEU N   H    sing N N 151 
LEU N   H2   sing N N 152 
LEU CA  C    sing N N 153 
LEU CA  CB   sing N N 154 
LEU CA  HA   sing N N 155 
LEU C   O    doub N N 156 
LEU C   OXT  sing N N 157 
LEU CB  CG   sing N N 158 
LEU CB  HB2  sing N N 159 
LEU CB  HB3  sing N N 160 
LEU CG  CD1  sing N N 161 
LEU CG  CD2  sing N N 162 
LEU CG  HG   sing N N 163 
LEU CD1 HD11 sing N N 164 
LEU CD1 HD12 sing N N 165 
LEU CD1 HD13 sing N N 166 
LEU CD2 HD21 sing N N 167 
LEU CD2 HD22 sing N N 168 
LEU CD2 HD23 sing N N 169 
LEU OXT HXT  sing N N 170 
LYS N   CA   sing N N 171 
LYS N   H    sing N N 172 
LYS N   H2   sing N N 173 
LYS CA  C    sing N N 174 
LYS CA  CB   sing N N 175 
LYS CA  HA   sing N N 176 
LYS C   O    doub N N 177 
LYS C   OXT  sing N N 178 
LYS CB  CG   sing N N 179 
LYS CB  HB2  sing N N 180 
LYS CB  HB3  sing N N 181 
LYS CG  CD   sing N N 182 
LYS CG  HG2  sing N N 183 
LYS CG  HG3  sing N N 184 
LYS CD  CE   sing N N 185 
LYS CD  HD2  sing N N 186 
LYS CD  HD3  sing N N 187 
LYS CE  NZ   sing N N 188 
LYS CE  HE2  sing N N 189 
LYS CE  HE3  sing N N 190 
LYS NZ  HZ1  sing N N 191 
LYS NZ  HZ2  sing N N 192 
LYS NZ  HZ3  sing N N 193 
LYS OXT HXT  sing N N 194 
MET N   CA   sing N N 195 
MET N   H    sing N N 196 
MET N   H2   sing N N 197 
MET CA  C    sing N N 198 
MET CA  CB   sing N N 199 
MET CA  HA   sing N N 200 
MET C   O    doub N N 201 
MET C   OXT  sing N N 202 
MET CB  CG   sing N N 203 
MET CB  HB2  sing N N 204 
MET CB  HB3  sing N N 205 
MET CG  SD   sing N N 206 
MET CG  HG2  sing N N 207 
MET CG  HG3  sing N N 208 
MET SD  CE   sing N N 209 
MET CE  HE1  sing N N 210 
MET CE  HE2  sing N N 211 
MET CE  HE3  sing N N 212 
MET OXT HXT  sing N N 213 
PHE N   CA   sing N N 214 
PHE N   H    sing N N 215 
PHE N   H2   sing N N 216 
PHE CA  C    sing N N 217 
PHE CA  CB   sing N N 218 
PHE CA  HA   sing N N 219 
PHE C   O    doub N N 220 
PHE C   OXT  sing N N 221 
PHE CB  CG   sing N N 222 
PHE CB  HB2  sing N N 223 
PHE CB  HB3  sing N N 224 
PHE CG  CD1  doub Y N 225 
PHE CG  CD2  sing Y N 226 
PHE CD1 CE1  sing Y N 227 
PHE CD1 HD1  sing N N 228 
PHE CD2 CE2  doub Y N 229 
PHE CD2 HD2  sing N N 230 
PHE CE1 CZ   doub Y N 231 
PHE CE1 HE1  sing N N 232 
PHE CE2 CZ   sing Y N 233 
PHE CE2 HE2  sing N N 234 
PHE CZ  HZ   sing N N 235 
PHE OXT HXT  sing N N 236 
PRO N   CA   sing N N 237 
PRO N   CD   sing N N 238 
PRO N   H    sing N N 239 
PRO CA  C    sing N N 240 
PRO CA  CB   sing N N 241 
PRO CA  HA   sing N N 242 
PRO C   O    doub N N 243 
PRO C   OXT  sing N N 244 
PRO CB  CG   sing N N 245 
PRO CB  HB2  sing N N 246 
PRO CB  HB3  sing N N 247 
PRO CG  CD   sing N N 248 
PRO CG  HG2  sing N N 249 
PRO CG  HG3  sing N N 250 
PRO CD  HD2  sing N N 251 
PRO CD  HD3  sing N N 252 
PRO OXT HXT  sing N N 253 
SER N   CA   sing N N 254 
SER N   H    sing N N 255 
SER N   H2   sing N N 256 
SER CA  C    sing N N 257 
SER CA  CB   sing N N 258 
SER CA  HA   sing N N 259 
SER C   O    doub N N 260 
SER C   OXT  sing N N 261 
SER CB  OG   sing N N 262 
SER CB  HB2  sing N N 263 
SER CB  HB3  sing N N 264 
SER OG  HG   sing N N 265 
SER OXT HXT  sing N N 266 
THR N   CA   sing N N 267 
THR N   H    sing N N 268 
THR N   H2   sing N N 269 
THR CA  C    sing N N 270 
THR CA  CB   sing N N 271 
THR CA  HA   sing N N 272 
THR C   O    doub N N 273 
THR C   OXT  sing N N 274 
THR CB  OG1  sing N N 275 
THR CB  CG2  sing N N 276 
THR CB  HB   sing N N 277 
THR OG1 HG1  sing N N 278 
THR CG2 HG21 sing N N 279 
THR CG2 HG22 sing N N 280 
THR CG2 HG23 sing N N 281 
THR OXT HXT  sing N N 282 
TYR N   CA   sing N N 283 
TYR N   H    sing N N 284 
TYR N   H2   sing N N 285 
TYR CA  C    sing N N 286 
TYR CA  CB   sing N N 287 
TYR CA  HA   sing N N 288 
TYR C   O    doub N N 289 
TYR C   OXT  sing N N 290 
TYR CB  CG   sing N N 291 
TYR CB  HB2  sing N N 292 
TYR CB  HB3  sing N N 293 
TYR CG  CD1  doub Y N 294 
TYR CG  CD2  sing Y N 295 
TYR CD1 CE1  sing Y N 296 
TYR CD1 HD1  sing N N 297 
TYR CD2 CE2  doub Y N 298 
TYR CD2 HD2  sing N N 299 
TYR CE1 CZ   doub Y N 300 
TYR CE1 HE1  sing N N 301 
TYR CE2 CZ   sing Y N 302 
TYR CE2 HE2  sing N N 303 
TYR CZ  OH   sing N N 304 
TYR OH  HH   sing N N 305 
TYR OXT HXT  sing N N 306 
VAL N   CA   sing N N 307 
VAL N   H    sing N N 308 
VAL N   H2   sing N N 309 
VAL CA  C    sing N N 310 
VAL CA  CB   sing N N 311 
VAL CA  HA   sing N N 312 
VAL C   O    doub N N 313 
VAL C   OXT  sing N N 314 
VAL CB  CG1  sing N N 315 
VAL CB  CG2  sing N N 316 
VAL CB  HB   sing N N 317 
VAL CG1 HG11 sing N N 318 
VAL CG1 HG12 sing N N 319 
VAL CG1 HG13 sing N N 320 
VAL CG2 HG21 sing N N 321 
VAL CG2 HG22 sing N N 322 
VAL CG2 HG23 sing N N 323 
VAL OXT HXT  sing N N 324 
# 
_pdbx_audit_support.funding_organization   'Agence Nationale de la Recherche (ANR)' 
_pdbx_audit_support.country                France 
_pdbx_audit_support.grant_number           ANR-18-CE11-0017 
_pdbx_audit_support.ordinal                1 
# 
_pdbx_initial_refinement_model.id               1 
_pdbx_initial_refinement_model.entity_id_list   ? 
_pdbx_initial_refinement_model.type             'experimental model' 
_pdbx_initial_refinement_model.source_name      PDB 
_pdbx_initial_refinement_model.accession_code   7AL1 
_pdbx_initial_refinement_model.details          ? 
# 
_atom_sites.entry_id                    7AL2 
_atom_sites.Cartn_transf_matrix[1][1]   ? 
_atom_sites.Cartn_transf_matrix[1][2]   ? 
_atom_sites.Cartn_transf_matrix[1][3]   ? 
_atom_sites.Cartn_transf_matrix[2][1]   ? 
_atom_sites.Cartn_transf_matrix[2][2]   ? 
_atom_sites.Cartn_transf_matrix[2][3]   ? 
_atom_sites.Cartn_transf_matrix[3][1]   ? 
_atom_sites.Cartn_transf_matrix[3][2]   ? 
_atom_sites.Cartn_transf_matrix[3][3]   ? 
_atom_sites.Cartn_transf_vector[1]      ? 
_atom_sites.Cartn_transf_vector[2]      ? 
_atom_sites.Cartn_transf_vector[3]      ? 
_atom_sites.fract_transf_matrix[1][1]   -0.01048755 
_atom_sites.fract_transf_matrix[1][2]   -0.01253594 
_atom_sites.fract_transf_matrix[1][3]   -0.00706627 
_atom_sites.fract_transf_matrix[2][1]   -0.01732879 
_atom_sites.fract_transf_matrix[2][2]   -0.00044609 
_atom_sites.fract_transf_matrix[2][3]   0.00407471 
_atom_sites.fract_transf_matrix[3][1]   -0.00182999 
_atom_sites.fract_transf_matrix[3][2]   0.00557386 
_atom_sites.fract_transf_matrix[3][3]   -0.00717231 
_atom_sites.fract_transf_vector[1]      0.214687 
_atom_sites.fract_transf_vector[2]      -0.229818 
_atom_sites.fract_transf_vector[3]      0.016730 
_atom_sites.solution_primary            ? 
_atom_sites.solution_secondary          ? 
_atom_sites.solution_hydrogens          ? 
_atom_sites.special_details             ? 
# 
loop_
_atom_type.symbol 
C 
N 
O 
S 
# 
loop_
_atom_site.group_PDB 
_atom_site.id 
_atom_site.type_symbol 
_atom_site.label_atom_id 
_atom_site.label_alt_id 
_atom_site.label_comp_id 
_atom_site.label_asym_id 
_atom_site.label_entity_id 
_atom_site.label_seq_id 
_atom_site.pdbx_PDB_ins_code 
_atom_site.Cartn_x 
_atom_site.Cartn_y 
_atom_site.Cartn_z 
_atom_site.occupancy 
_atom_site.B_iso_or_equiv 
_atom_site.pdbx_formal_charge 
_atom_site.auth_seq_id 
_atom_site.auth_comp_id 
_atom_site.auth_asym_id 
_atom_site.auth_atom_id 
_atom_site.pdbx_PDB_model_num 
ATOM 1   N N   . TYR A 1 12 ? 10.721  -15.211 -0.499  1 58.41 ? 65  TYR A N   1 
ATOM 2   C CA  . TYR A 1 12 ? 10.653  -13.770 -0.811  1 59.46 ? 65  TYR A CA  1 
ATOM 3   C C   . TYR A 1 12 ? 11.018  -12.838 0.410   1 59.09 ? 65  TYR A C   1 
ATOM 4   O O   . TYR A 1 12 ? 11.666  -13.269 1.370   1 59.1  ? 65  TYR A O   1 
ATOM 5   C CB  . TYR A 1 12 ? 9.266   -13.373 -1.443  1 59.59 ? 65  TYR A CB  1 
ATOM 6   N N   . GLU A 1 13 ? 10.654  -11.544 0.308   1 58    ? 66  GLU A N   1 
ATOM 7   C CA  . GLU A 1 13 ? 10.866  -10.545 1.336   1 57.4  ? 66  GLU A CA  1 
ATOM 8   C C   . GLU A 1 13 ? 9.575   -9.768  1.517   1 55.58 ? 66  GLU A C   1 
ATOM 9   O O   . GLU A 1 13 ? 8.763   -9.684  0.603   1 55.61 ? 66  GLU A O   1 
ATOM 10  C CB  . GLU A 1 13 ? 11.949  -9.557  0.889   1 61.04 ? 66  GLU A CB  1 
ATOM 11  C CG  . GLU A 1 13 ? 13.264  -10.209 0.526   1 68.85 ? 66  GLU A CG  1 
ATOM 12  C CD  . GLU A 1 13 ? 14.100  -9.342  -0.389  1 79.69 ? 66  GLU A CD  1 
ATOM 13  O OE1 . GLU A 1 13 ? 13.758  -9.236  -1.591  1 82.28 ? 66  GLU A OE1 1 
ATOM 14  O OE2 . GLU A 1 13 ? 15.099  -8.768  0.102   1 83.19 ? 66  GLU A OE2 1 
ATOM 15  N N   . ILE A 1 14 ? 9.387   -9.190  2.693   1 53.98 ? 67  ILE A N   1 
ATOM 16  C CA  . ILE A 1 14 ? 8.266   -8.303  2.982   1 52.79 ? 67  ILE A CA  1 
ATOM 17  C C   . ILE A 1 14 ? 8.961   -6.985  3.285   1 52.55 ? 67  ILE A C   1 
ATOM 18  O O   . ILE A 1 14 ? 9.797   -6.937  4.184   1 52.88 ? 67  ILE A O   1 
ATOM 19  C CB  . ILE A 1 14 ? 7.394   -8.764  4.185   1 52.02 ? 67  ILE A CB  1 
ATOM 20  C CG1 . ILE A 1 14 ? 6.732   -10.147 3.924   1 51.49 ? 67  ILE A CG1 1 
ATOM 21  C CG2 . ILE A 1 14 ? 6.351   -7.716  4.500   1 51.88 ? 67  ILE A CG2 1 
ATOM 22  C CD1 . ILE A 1 14 ? 6.232   -10.811 5.115   1 50.76 ? 67  ILE A CD1 1 
ATOM 23  N N   . MET A 1 15 ? 8.693   -5.946  2.496   1 51.93 ? 68  MET A N   1 
ATOM 24  C CA  . MET A 1 15 ? 9.329   -4.650  2.690   1 51.99 ? 68  MET A CA  1 
ATOM 25  C C   . MET A 1 15 ? 8.506   -3.782  3.612   1 51.88 ? 68  MET A C   1 
ATOM 26  O O   . MET A 1 15 ? 7.292   -3.871  3.621   1 51.61 ? 68  MET A O   1 
ATOM 27  C CB  . MET A 1 15 ? 9.562   -3.947  1.349   1 52.95 ? 68  MET A CB  1 
ATOM 28  C CG  . MET A 1 15 ? 10.037  -4.876  0.264   1 56.14 ? 68  MET A CG  1 
ATOM 29  S SD  . MET A 1 15 ? 11.597  -5.717  0.639   1 62.96 ? 68  MET A SD  1 
ATOM 30  C CE  . MET A 1 15 ? 12.680  -4.388  0.588   1 62.01 ? 68  MET A CE  1 
ATOM 31  N N   . LEU A 1 16 ? 9.161   -2.935  4.390   1 52.13 ? 69  LEU A N   1 
ATOM 32  C CA  . LEU A 1 16 ? 8.486   -2.077  5.360   1 52.55 ? 69  LEU A CA  1 
ATOM 33  C C   . LEU A 1 16 ? 8.891   -0.632  5.073   1 52.74 ? 69  LEU A C   1 
ATOM 34  O O   . LEU A 1 16 ? 10.076  -0.350  4.995   1 52.95 ? 69  LEU A O   1 
ATOM 35  C CB  . LEU A 1 16 ? 8.889   -2.528  6.779   1 52.67 ? 69  LEU A CB  1 
ATOM 36  C CG  . LEU A 1 16 ? 8.640   -4.022  7.056   1 54.37 ? 69  LEU A CG  1 
ATOM 37  C CD1 . LEU A 1 16 ? 9.839   -4.684  7.667   1 55.24 ? 69  LEU A CD1 1 
ATOM 38  C CD2 . LEU A 1 16 ? 7.417   -4.236  7.866   1 54.96 ? 69  LEU A CD2 1 
ATOM 39  N N   . ILE A 1 17 ? 7.927   0.268   4.832   1 52.48 ? 70  ILE A N   1 
ATOM 40  C CA  . ILE A 1 17 ? 8.256   1.639   4.444   1 52.58 ? 70  ILE A CA  1 
ATOM 41  C C   . ILE A 1 17 ? 7.200   2.635   4.888   1 54.39 ? 70  ILE A C   1 
ATOM 42  O O   . ILE A 1 17 ? 6.022   2.306   4.957   1 55.04 ? 70  ILE A O   1 
ATOM 43  C CB  . ILE A 1 17 ? 8.456   1.674   2.882   1 51.66 ? 70  ILE A CB  1 
ATOM 44  C CG1 . ILE A 1 17 ? 8.979   3.032   2.354   1 51.28 ? 70  ILE A CG1 1 
ATOM 45  C CG2 . ILE A 1 17 ? 7.200   1.248   2.145   1 51.86 ? 70  ILE A CG2 1 
ATOM 46  C CD1 . ILE A 1 17 ? 9.444   3.006   0.941   1 51.56 ? 70  ILE A CD1 1 
ATOM 47  N N   . ARG A 1 18 ? 7.613   3.867   5.164   1 54.91 ? 71  ARG A N   1 
ATOM 48  C CA  . ARG A 1 18 ? 6.691   4.955   5.435   1 55.87 ? 71  ARG A CA  1 
ATOM 49  C C   . ARG A 1 18 ? 6.953   5.966   4.309   1 56.43 ? 71  ARG A C   1 
ATOM 50  O O   . ARG A 1 18 ? 7.857   6.789   4.436   1 57.72 ? 71  ARG A O   1 
ATOM 51  C CB  . ARG A 1 18 ? 6.992   5.584   6.788   1 57.25 ? 71  ARG A CB  1 
ATOM 52  C CG  . ARG A 1 18 ? 6.042   6.685   7.172   1 61.13 ? 71  ARG A CG  1 
ATOM 53  C CD  . ARG A 1 18 ? 6.322   7.083   8.598   1 66.78 ? 71  ARG A CD  1 
ATOM 54  N NE  . ARG A 1 18 ? 5.369   8.077   9.088   1 72.64 ? 71  ARG A NE  1 
ATOM 55  C CZ  . ARG A 1 18 ? 5.700   9.301   9.486   1 76.54 ? 71  ARG A CZ  1 
ATOM 56  N NH1 . ARG A 1 18 ? 6.972   9.698   9.460   1 75.68 ? 71  ARG A NH1 1 
ATOM 57  N NH2 . ARG A 1 18 ? 4.766   10.139  9.923   1 77.53 ? 71  ARG A NH2 1 
ATOM 58  N N   . PRO A 1 19 ? 6.263   5.859   3.164   1 55.63 ? 72  PRO A N   1 
ATOM 59  C CA  . PRO A 1 19 ? 6.545   6.780   2.044   1 55.66 ? 72  PRO A CA  1 
ATOM 60  C C   . PRO A 1 19 ? 6.488   8.281   2.364   1 56.01 ? 72  PRO A C   1 
ATOM 61  O O   . PRO A 1 19 ? 5.589   8.751   3.072   1 56.52 ? 72  PRO A O   1 
ATOM 62  C CB  . PRO A 1 19 ? 5.504   6.388   0.992   1 55.9  ? 72  PRO A CB  1 
ATOM 63  C CG  . PRO A 1 19 ? 5.143   4.983   1.322   1 56.15 ? 72  PRO A CG  1 
ATOM 64  C CD  . PRO A 1 19 ? 5.216   4.880   2.814   1 54.77 ? 72  PRO A CD  1 
ATOM 65  N N   . LYS A 1 20 ? 7.478   9.030   1.856   1 55.53 ? 73  LYS A N   1 
ATOM 66  C CA  . LYS A 1 20 ? 7.555   10.476  2.041   1 55.98 ? 73  LYS A CA  1 
ATOM 67  C C   . LYS A 1 20 ? 7.577   11.236  0.715   1 56.7  ? 73  LYS A C   1 
ATOM 68  O O   . LYS A 1 20 ? 7.217   12.421  0.678   1 57.96 ? 73  LYS A O   1 
ATOM 69  C CB  . LYS A 1 20 ? 8.797   10.866  2.858   1 57.64 ? 73  LYS A CB  1 
ATOM 70  C CG  . LYS A 1 20 ? 8.870   10.204  4.224   1 62.66 ? 73  LYS A CG  1 
ATOM 71  C CD  . LYS A 1 20 ? 9.696   11.027  5.179   1 68.18 ? 73  LYS A CD  1 
ATOM 72  C CE  . LYS A 1 20 ? 10.253  10.194  6.304   1 73.21 ? 73  LYS A CE  1 
ATOM 73  N NZ  . LYS A 1 20 ? 11.431  10.867  6.937   1 76.58 ? 73  LYS A NZ  1 
ATOM 74  N N   . THR A 1 21 ? 8.066   10.597  -0.363  1 55.54 ? 74  THR A N   1 
ATOM 75  C CA  . THR A 1 21 ? 8.206   11.245  -1.664  1 55.06 ? 74  THR A CA  1 
ATOM 76  C C   . THR A 1 21 ? 7.566   10.400  -2.791  1 55.05 ? 74  THR A C   1 
ATOM 77  O O   . THR A 1 21 ? 7.141   9.268   -2.550  1 55.6  ? 74  THR A O   1 
ATOM 78  C CB  . THR A 1 21 ? 9.710   11.544  -1.937  1 55.55 ? 74  THR A CB  1 
ATOM 79  O OG1 . THR A 1 21 ? 10.373  10.317  -2.253  1 57.46 ? 74  THR A OG1 1 
ATOM 80  C CG2 . THR A 1 21 ? 10.411  12.230  -0.773  1 54.75 ? 74  THR A CG2 1 
ATOM 81  N N   . ILE A 1 22 ? 7.501   10.944  -4.021  1 54.34 ? 75  ILE A N   1 
ATOM 82  C CA  . ILE A 1 22 ? 6.996   10.186  -5.161  1 54.32 ? 75  ILE A CA  1 
ATOM 83  C C   . ILE A 1 22 ? 7.939   9.001   -5.470  1 53.93 ? 75  ILE A C   1 
ATOM 84  O O   . ILE A 1 22 ? 7.452   7.930   -5.826  1 54.08 ? 75  ILE A O   1 
ATOM 85  C CB  . ILE A 1 22 ? 6.711   11.095  -6.398  1 54.5  ? 75  ILE A CB  1 
ATOM 86  C CG1 . ILE A 1 22 ? 5.616   12.132  -6.054  1 55.78 ? 75  ILE A CG1 1 
ATOM 87  C CG2 . ILE A 1 22 ? 6.301   10.267  -7.599  1 54.32 ? 75  ILE A CG2 1 
ATOM 88  C CD1 . ILE A 1 22 ? 5.207   13.121  -7.181  1 57.25 ? 75  ILE A CD1 1 
ATOM 89  N N   . ASP A 1 23 ? 9.263   9.152   -5.231  1 53.15 ? 76  ASP A N   1 
ATOM 90  C CA  . ASP A 1 23 ? 10.218  8.064   -5.443  1 53.31 ? 76  ASP A CA  1 
ATOM 91  C C   . ASP A 1 23 ? 9.930   6.855   -4.564  1 53.27 ? 76  ASP A C   1 
ATOM 92  O O   . ASP A 1 23 ? 10.104  5.725   -5.026  1 53.94 ? 76  ASP A O   1 
ATOM 93  C CB  . ASP A 1 23 ? 11.662  8.540   -5.279  1 55.38 ? 76  ASP A CB  1 
ATOM 94  C CG  . ASP A 1 23 ? 12.048  9.593   -6.292  1 62.36 ? 76  ASP A CG  1 
ATOM 95  O OD1 . ASP A 1 23 ? 12.897  10.437  -5.969  1 64.46 ? 76  ASP A OD1 1 
ATOM 96  O OD2 . ASP A 1 23 ? 11.479  9.586   -7.408  1 65.12 ? 76  ASP A OD2 1 
ATOM 97  N N   . ASP A 1 24 ? 9.447   7.085   -3.316  1 52.15 ? 77  ASP A N   1 
ATOM 98  C CA  . ASP A 1 24 ? 9.027   6.027   -2.395  1 51.35 ? 77  ASP A CA  1 
ATOM 99  C C   . ASP A 1 24 ? 7.752   5.345   -2.899  1 50.67 ? 77  ASP A C   1 
ATOM 100 O O   . ASP A 1 24 ? 7.591   4.147   -2.713  1 50.83 ? 77  ASP A O   1 
ATOM 101 C CB  . ASP A 1 24 ? 8.786   6.587   -0.990  1 52.66 ? 77  ASP A CB  1 
ATOM 102 C CG  . ASP A 1 24 ? 10.065  7.008   -0.303  1 56.62 ? 77  ASP A CG  1 
ATOM 103 O OD1 . ASP A 1 24 ? 11.123  6.414   -0.606  1 57.28 ? 77  ASP A OD1 1 
ATOM 104 O OD2 . ASP A 1 24 ? 10.012  7.938   0.529   1 58.37 ? 77  ASP A OD2 1 
ATOM 105 N N   . ILE A 1 25 ? 6.847   6.094   -3.540  1 49.74 ? 78  ILE A N   1 
ATOM 106 C CA  . ILE A 1 25 ? 5.640   5.520   -4.112  1 49.54 ? 78  ILE A CA  1 
ATOM 107 C C   . ILE A 1 25 ? 6.031   4.604   -5.271  1 49.44 ? 78  ILE A C   1 
ATOM 108 O O   . ILE A 1 25 ? 5.588   3.459   -5.313  1 49.56 ? 78  ILE A O   1 
ATOM 109 C CB  . ILE A 1 25 ? 4.653   6.628   -4.510  1 50.1  ? 78  ILE A CB  1 
ATOM 110 C CG1 . ILE A 1 25 ? 4.165   7.373   -3.248  1 50.66 ? 78  ILE A CG1 1 
ATOM 111 C CG2 . ILE A 1 25 ? 3.485   6.072   -5.337  1 50.51 ? 78  ILE A CG2 1 
ATOM 112 C CD1 . ILE A 1 25 ? 3.345   8.587   -3.533  1 51.68 ? 78  ILE A CD1 1 
ATOM 113 N N   . ASN A 1 26 ? 6.963   5.059   -6.137  1 49.07 ? 79  ASN A N   1 
ATOM 114 C CA  . ASN A 1 26 ? 7.480   4.235   -7.234  1 48.73 ? 79  ASN A CA  1 
ATOM 115 C C   . ASN A 1 26 ? 8.254   3.024   -6.759  1 49.42 ? 79  ASN A C   1 
ATOM 116 O O   . ASN A 1 26 ? 8.294   2.020   -7.467  1 50.32 ? 79  ASN A O   1 
ATOM 117 C CB  . ASN A 1 26 ? 8.314   5.049   -8.195  1 48.32 ? 79  ASN A CB  1 
ATOM 118 C CG  . ASN A 1 26 ? 7.517   6.109   -8.910  1 49.42 ? 79  ASN A CG  1 
ATOM 119 O OD1 . ASN A 1 26 ? 6.286   6.028   -9.002  1 49.24 ? 79  ASN A OD1 1 
ATOM 120 N ND2 . ASN A 1 26 ? 8.203   7.141   -9.428  1 49.63 ? 79  ASN A ND2 1 
ATOM 121 N N   . TYR A 1 27 ? 8.845   3.106   -5.559  1 48.81 ? 80  TYR A N   1 
ATOM 122 C CA  . TYR A 1 27 ? 9.564   2.017   -4.939  1 48.91 ? 80  TYR A CA  1 
ATOM 123 C C   . TYR A 1 27 ? 8.567   0.895   -4.629  1 49.21 ? 80  TYR A C   1 
ATOM 124 O O   . TYR A 1 27 ? 8.846   -0.267  -4.917  1 49.77 ? 80  TYR A O   1 
ATOM 125 C CB  . TYR A 1 27 ? 10.240  2.509   -3.651  1 49.03 ? 80  TYR A CB  1 
ATOM 126 C CG  . TYR A 1 27 ? 11.013  1.424   -2.942  1 50.53 ? 80  TYR A CG  1 
ATOM 127 C CD1 . TYR A 1 27 ? 12.314  1.113   -3.316  1 51.84 ? 80  TYR A CD1 1 
ATOM 128 C CD2 . TYR A 1 27 ? 10.435  0.683   -1.917  1 51.59 ? 80  TYR A CD2 1 
ATOM 129 C CE1 . TYR A 1 27 ? 13.021  0.093   -2.695  1 52.67 ? 80  TYR A CE1 1 
ATOM 130 C CE2 . TYR A 1 27 ? 11.126  -0.357  -1.304  1 52.76 ? 80  TYR A CE2 1 
ATOM 131 C CZ  . TYR A 1 27 ? 12.423  -0.640  -1.694  1 54.17 ? 80  TYR A CZ  1 
ATOM 132 O OH  . TYR A 1 27 ? 13.132  -1.659  -1.107  1 57.28 ? 80  TYR A OH  1 
ATOM 133 N N   . VAL A 1 28 ? 7.408   1.242   -4.045  1 48.7  ? 81  VAL A N   1 
ATOM 134 C CA  . VAL A 1 28 ? 6.362   0.291   -3.669  1 48.51 ? 81  VAL A CA  1 
ATOM 135 C C   . VAL A 1 28 ? 5.769   -0.365  -4.909  1 49.16 ? 81  VAL A C   1 
ATOM 136 O O   . VAL A 1 28 ? 5.581   -1.578  -4.928  1 50.08 ? 81  VAL A O   1 
ATOM 137 C CB  . VAL A 1 28 ? 5.278   0.984   -2.826  1 48.41 ? 81  VAL A CB  1 
ATOM 138 C CG1 . VAL A 1 28 ? 4.089   0.055   -2.589  1 48.75 ? 81  VAL A CG1 1 
ATOM 139 C CG2 . VAL A 1 28 ? 5.862   1.493   -1.514  1 48.62 ? 81  VAL A CG2 1 
ATOM 140 N N   . VAL A 1 29 ? 5.534   0.416   -5.984  1 48.29 ? 82  VAL A N   1 
ATOM 141 C CA  . VAL A 1 29 ? 5.017   -0.123  -7.237  1 47.69 ? 82  VAL A CA  1 
ATOM 142 C C   . VAL A 1 29 ? 5.980   -1.206  -7.777  1 47.99 ? 82  VAL A C   1 
ATOM 143 O O   . VAL A 1 29 ? 5.568   -2.314  -8.128  1 48.02 ? 82  VAL A O   1 
ATOM 144 C CB  . VAL A 1 29 ? 4.829   1.021   -8.262  1 47.41 ? 82  VAL A CB  1 
ATOM 145 C CG1 . VAL A 1 29 ? 4.519   0.469   -9.656  1 47.17 ? 82  VAL A CG1 1 
ATOM 146 C CG2 . VAL A 1 29 ? 3.748   1.990   -7.803  1 47.66 ? 82  VAL A CG2 1 
ATOM 147 N N   . ASP A 1 30 ? 7.272   -0.895  -7.745  1 47.72 ? 83  ASP A N   1 
ATOM 148 C CA  . ASP A 1 30 ? 8.290   -1.790  -8.222  1 47.83 ? 83  ASP A CA  1 
ATOM 149 C C   . ASP A 1 30 ? 8.465   -3.062  -7.344  1 48.26 ? 83  ASP A C   1 
ATOM 150 O O   . ASP A 1 30 ? 8.789   -4.103  -7.898  1 48.83 ? 83  ASP A O   1 
ATOM 151 C CB  . ASP A 1 30 ? 9.594   -1.020  -8.404  1 49.05 ? 83  ASP A CB  1 
ATOM 152 C CG  . ASP A 1 30 ? 10.729  -1.928  -8.784  1 54.66 ? 83  ASP A CG  1 
ATOM 153 O OD1 . ASP A 1 30 ? 10.905  -2.175  -9.995  1 55.79 ? 83  ASP A OD1 1 
ATOM 154 O OD2 . ASP A 1 30 ? 11.408  -2.445  -7.860  1 56.72 ? 83  ASP A OD2 1 
ATOM 155 N N   . GLN A 1 31 ? 8.291   -2.992  -6.010  1 47.76 ? 84  GLN A N   1 
ATOM 156 C CA  . GLN A 1 31 ? 8.450   -4.178  -5.161  1 47.76 ? 84  GLN A CA  1 
ATOM 157 C C   . GLN A 1 31 ? 7.287   -5.145  -5.432  1 48.95 ? 84  GLN A C   1 
ATOM 158 O O   . GLN A 1 31 ? 7.499   -6.339  -5.668  1 49.31 ? 84  GLN A O   1 
ATOM 159 C CB  . GLN A 1 31 ? 8.514   -3.803  -3.663  1 47.5  ? 84  GLN A CB  1 
ATOM 160 C CG  . GLN A 1 31 ? 9.790   -3.100  -3.255  1 47.81 ? 84  GLN A CG  1 
ATOM 161 C CD  . GLN A 1 31 ? 10.980  -4.020  -3.295  1 50.36 ? 84  GLN A CD  1 
ATOM 162 O OE1 . GLN A 1 31 ? 10.911  -5.183  -2.939  1 51.1  ? 84  GLN A OE1 1 
ATOM 163 N NE2 . GLN A 1 31 ? 12.118  -3.522  -3.718  1 52.01 ? 84  GLN A NE2 1 
ATOM 164 N N   . VAL A 1 32 ? 6.061   -4.612  -5.432  1 48.78 ? 85  VAL A N   1 
ATOM 165 C CA  . VAL A 1 32 ? 4.869   -5.394  -5.679  1 49.01 ? 85  VAL A CA  1 
ATOM 166 C C   . VAL A 1 32 ? 4.875   -5.974  -7.094  1 50.05 ? 85  VAL A C   1 
ATOM 167 O O   . VAL A 1 32 ? 4.702   -7.185  -7.249  1 50.91 ? 85  VAL A O   1 
ATOM 168 C CB  . VAL A 1 32 ? 3.599   -4.533  -5.418  1 48.92 ? 85  VAL A CB  1 
ATOM 169 C CG1 . VAL A 1 32 ? 2.323   -5.312  -5.735  1 48.79 ? 85  VAL A CG1 1 
ATOM 170 C CG2 . VAL A 1 32 ? 3.576   -4.012  -3.986  1 49.15 ? 85  VAL A CG2 1 
ATOM 171 N N   . LEU A 1 33 ? 5.112   -5.130  -8.126  1 49.57 ? 86  LEU A N   1 
ATOM 172 C CA  . LEU A 1 33 ? 5.010   -5.577  -9.511  1 49.41 ? 86  LEU A CA  1 
ATOM 173 C C   . LEU A 1 33 ? 6.252   -6.213  -10.127 1 50.03 ? 86  LEU A C   1 
ATOM 174 O O   . LEU A 1 33 ? 6.084   -7.114  -10.949 1 50.25 ? 86  LEU A O   1 
ATOM 175 C CB  . LEU A 1 33 ? 4.510   -4.448  -10.421 1 48.68 ? 86  LEU A CB  1 
ATOM 176 C CG  . LEU A 1 33 ? 3.193   -3.788  -9.999  1 48.77 ? 86  LEU A CG  1 
ATOM 177 C CD1 . LEU A 1 33 ? 2.743   -2.785  -11.027 1 49.15 ? 86  LEU A CD1 1 
ATOM 178 C CD2 . LEU A 1 33 ? 2.085   -4.816  -9.757  1 48.56 ? 86  LEU A CD2 1 
ATOM 179 N N   . GLU A 1 34 ? 7.466   -5.763  -9.794  1 50.37 ? 87  GLU A N   1 
ATOM 180 C CA  . GLU A 1 34 ? 8.669   -6.348  -10.413 1 51.67 ? 87  GLU A CA  1 
ATOM 181 C C   . GLU A 1 34 ? 9.299   -7.445  -9.573  1 52.85 ? 87  GLU A C   1 
ATOM 182 O O   . GLU A 1 34 ? 9.694   -8.487  -10.117 1 53.42 ? 87  GLU A O   1 
ATOM 183 C CB  . GLU A 1 34 ? 9.710   -5.285  -10.784 1 53.35 ? 87  GLU A CB  1 
ATOM 184 C CG  . GLU A 1 34 ? 9.269   -4.386  -11.921 1 57.09 ? 87  GLU A CG  1 
ATOM 185 C CD  . GLU A 1 34 ? 9.292   -5.013  -13.299 1 61.15 ? 87  GLU A CD  1 
ATOM 186 O OE1 . GLU A 1 34 ? 10.318  -4.861  -13.994 1 59.91 ? 87  GLU A OE1 1 
ATOM 187 O OE2 . GLU A 1 34 ? 8.282   -5.634  -13.696 1 64.32 ? 87  GLU A OE2 1 
ATOM 188 N N   . GLU A 1 35 ? 9.420   -7.201  -8.255  1 52.56 ? 88  GLU A N   1 
ATOM 189 C CA  . GLU A 1 35 ? 10.012  -8.163  -7.328  1 52.61 ? 88  GLU A CA  1 
ATOM 190 C C   . GLU A 1 35 ? 9.019   -9.169  -6.764  1 52.86 ? 88  GLU A C   1 
ATOM 191 O O   . GLU A 1 35 ? 9.454   -10.163 -6.167  1 53.38 ? 88  GLU A O   1 
ATOM 192 C CB  . GLU A 1 35 ? 10.701  -7.439  -6.162  1 53.82 ? 88  GLU A CB  1 
ATOM 193 C CG  . GLU A 1 35 ? 12.140  -7.057  -6.451  1 57.18 ? 88  GLU A CG  1 
ATOM 194 C CD  . GLU A 1 35 ? 12.311  -5.669  -7.023  1 62.39 ? 88  GLU A CD  1 
ATOM 195 O OE1 . GLU A 1 35 ? 11.412  -4.830  -6.804  1 66.28 ? 88  GLU A OE1 1 
ATOM 196 O OE2 . GLU A 1 35 ? 13.340  -5.409  -7.680  1 63.17 ? 88  GLU A OE2 1 
ATOM 197 N N   . SER A 1 36 ? 7.699   -8.896  -6.895  1 52.24 ? 89  SER A N   1 
ATOM 198 C CA  . SER A 1 36 ? 6.625   -9.708  -6.331  1 52.23 ? 89  SER A CA  1 
ATOM 199 C C   . SER A 1 36 ? 6.806   -9.883  -4.830  1 51.56 ? 89  SER A C   1 
ATOM 200 O O   . SER A 1 36 ? 6.620   -10.970 -4.299  1 52.2  ? 89  SER A O   1 
ATOM 201 C CB  . SER A 1 36 ? 6.494   -11.047 -7.044  1 54.48 ? 89  SER A CB  1 
ATOM 202 O OG  . SER A 1 36 ? 5.832   -10.834 -8.275  1 58.65 ? 89  SER A OG  1 
ATOM 203 N N   . ASN A 1 37 ? 7.171   -8.796  -4.150  1 50.26 ? 90  ASN A N   1 
ATOM 204 C CA  . ASN A 1 37 ? 7.356   -8.772  -2.716  1 49.44 ? 90  ASN A CA  1 
ATOM 205 C C   . ASN A 1 37 ? 6.198   -8.017  -2.078  1 48.69 ? 90  ASN A C   1 
ATOM 206 O O   . ASN A 1 37 ? 5.889   -6.903  -2.500  1 48.32 ? 90  ASN A O   1 
ATOM 207 C CB  . ASN A 1 37 ? 8.638   -8.020  -2.360  1 50.01 ? 90  ASN A CB  1 
ATOM 208 C CG  . ASN A 1 37 ? 9.899   -8.775  -2.635  1 52.75 ? 90  ASN A CG  1 
ATOM 209 O OD1 . ASN A 1 37 ? 9.913   -10.009 -2.656  1 55.53 ? 90  ASN A OD1 1 
ATOM 210 N ND2 . ASN A 1 37 ? 10.996  -8.052  -2.824  1 51.97 ? 90  ASN A ND2 1 
ATOM 211 N N   . PRO A 1 38 ? 5.599   -8.565  -1.002  1 47.83 ? 91  PRO A N   1 
ATOM 212 C CA  . PRO A 1 38 ? 4.589   -7.788  -0.267  1 47.27 ? 91  PRO A CA  1 
ATOM 213 C C   . PRO A 1 38 ? 5.235   -6.553  0.387   1 47.36 ? 91  PRO A C   1 
ATOM 214 O O   . PRO A 1 38 ? 6.428   -6.554  0.694   1 47.11 ? 91  PRO A O   1 
ATOM 215 C CB  . PRO A 1 38 ? 4.078   -8.768  0.800   1 47.39 ? 91  PRO A CB  1 
ATOM 216 C CG  . PRO A 1 38 ? 4.615   -10.111 0.421   1 47.69 ? 91  PRO A CG  1 
ATOM 217 C CD  . PRO A 1 38 ? 5.865   -9.863  -0.356  1 46.55 ? 91  PRO A CD  1 
ATOM 218 N N   . VAL A 1 39 ? 4.464   -5.475  0.554   1 47.51 ? 92  VAL A N   1 
ATOM 219 C CA  . VAL A 1 39 ? 4.968   -4.252  1.179   1 48.1  ? 92  VAL A CA  1 
ATOM 220 C C   . VAL A 1 39 ? 4.028   -3.861  2.294   1 48.05 ? 92  VAL A C   1 
ATOM 221 O O   . VAL A 1 39 ? 2.819   -3.772  2.065   1 48.38 ? 92  VAL A O   1 
ATOM 222 C CB  . VAL A 1 39 ? 5.087   -3.063  0.180   1 49.23 ? 92  VAL A CB  1 
ATOM 223 C CG1 . VAL A 1 39 ? 5.744   -1.852  0.845   1 49.64 ? 92  VAL A CG1 1 
ATOM 224 C CG2 . VAL A 1 39 ? 5.834   -3.454  -1.091  1 49.85 ? 92  VAL A CG2 1 
ATOM 225 N N   . ILE A 1 40 ? 4.565   -3.625  3.490   1 47.48 ? 93  ILE A N   1 
ATOM 226 C CA  . ILE A 1 40 ? 3.805   -3.101  4.618   1 47.81 ? 93  ILE A CA  1 
ATOM 227 C C   . ILE A 1 40 ? 4.175   -1.634  4.636   1 48.41 ? 93  ILE A C   1 
ATOM 228 O O   . ILE A 1 40 ? 5.355   -1.307  4.798   1 48.91 ? 93  ILE A O   1 
ATOM 229 C CB  . ILE A 1 40 ? 4.150   -3.778  5.961   1 47.84 ? 93  ILE A CB  1 
ATOM 230 C CG1 . ILE A 1 40 ? 3.888   -5.298  5.897   1 48.41 ? 93  ILE A CG1 1 
ATOM 231 C CG2 . ILE A 1 40 ? 3.375   -3.106  7.088   1 47.82 ? 93  ILE A CG2 1 
ATOM 232 C CD1 . ILE A 1 40 ? 4.164   -6.085  7.189   1 49.23 ? 93  ILE A CD1 1 
ATOM 233 N N   . LEU A 1 41 ? 3.210   -0.754  4.369   1 48.33 ? 94  LEU A N   1 
ATOM 234 C CA  . LEU A 1 41 ? 3.500   0.662   4.288   1 49.01 ? 94  LEU A CA  1 
ATOM 235 C C   . LEU A 1 41 ? 2.605   1.520   5.157   1 50.27 ? 94  LEU A C   1 
ATOM 236 O O   . LEU A 1 41 ? 1.415   1.261   5.308   1 50.36 ? 94  LEU A O   1 
ATOM 237 C CB  . LEU A 1 41 ? 3.531   1.175   2.837   1 49.16 ? 94  LEU A CB  1 
ATOM 238 C CG  . LEU A 1 41 ? 2.239   1.276   2.029   1 50.47 ? 94  LEU A CG  1 
ATOM 239 C CD1 . LEU A 1 41 ? 2.448   2.128   0.774   1 50.2  ? 94  LEU A CD1 1 
ATOM 240 C CD2 . LEU A 1 41 ? 1.738   -0.087  1.629   1 51.57 ? 94  LEU A CD2 1 
ATOM 241 N N   . ASP A 1 42 ? 3.209   2.538   5.763   1 51.1  ? 95  ASP A N   1 
ATOM 242 C CA  . ASP A 1 42 ? 2.511   3.496   6.595   1 52.45 ? 95  ASP A CA  1 
ATOM 243 C C   . ASP A 1 42 ? 2.268   4.763   5.752   1 52.94 ? 95  ASP A C   1 
ATOM 244 O O   . ASP A 1 42 ? 3.209   5.467   5.411   1 53.15 ? 95  ASP A O   1 
ATOM 245 C CB  . ASP A 1 42 ? 3.344   3.806   7.854   1 55    ? 95  ASP A CB  1 
ATOM 246 C CG  . ASP A 1 42 ? 2.756   4.885   8.746   1 62.23 ? 95  ASP A CG  1 
ATOM 247 O OD1 . ASP A 1 42 ? 1.559   5.213   8.577   1 63.19 ? 95  ASP A OD1 1 
ATOM 248 O OD2 . ASP A 1 42 ? 3.495   5.407   9.621   1 65.9  ? 95  ASP A OD2 1 
ATOM 249 N N   . LEU A 1 43 ? 1.011   5.056   5.431   1 53.25 ? 96  LEU A N   1 
ATOM 250 C CA  . LEU A 1 43 ? 0.668   6.228   4.623   1 54.14 ? 96  LEU A CA  1 
ATOM 251 C C   . LEU A 1 43 ? 0.380   7.484   5.446   1 55.68 ? 96  LEU A C   1 
ATOM 252 O O   . LEU A 1 43 ? -0.191  8.427   4.904   1 55.85 ? 96  LEU A O   1 
ATOM 253 C CB  . LEU A 1 43 ? -0.545  5.920   3.730   1 53.56 ? 96  LEU A CB  1 
ATOM 254 C CG  . LEU A 1 43 ? -0.336  4.865   2.671   1 53.73 ? 96  LEU A CG  1 
ATOM 255 C CD1 . LEU A 1 43 ? -1.625  4.532   2.007   1 53.67 ? 96  LEU A CD1 1 
ATOM 256 C CD2 . LEU A 1 43 ? 0.688   5.313   1.657   1 54.14 ? 96  LEU A CD2 1 
ATOM 257 N N   . SER A 1 44 ? 0.754   7.508   6.733   1 56.66 ? 97  SER A N   1 
ATOM 258 C CA  . SER A 1 44 ? 0.475   8.655   7.592   1 58.36 ? 97  SER A CA  1 
ATOM 259 C C   . SER A 1 44 ? 1.255   9.901   7.215   1 59.56 ? 97  SER A C   1 
ATOM 260 O O   . SER A 1 44 ? 0.718   11.001  7.341   1 60.03 ? 97  SER A O   1 
ATOM 261 C CB  . SER A 1 44 ? 0.745   8.316   9.051   1 60.78 ? 97  SER A CB  1 
ATOM 262 O OG  . SER A 1 44 ? 2.134   8.125   9.278   1 64.38 ? 97  SER A OG  1 
ATOM 263 N N   . PHE A 1 45 ? 2.519   9.753   6.778   1 60.25 ? 98  PHE A N   1 
ATOM 264 C CA  . PHE A 1 45 ? 3.321   10.922  6.402   1 61.26 ? 98  PHE A CA  1 
ATOM 265 C C   . PHE A 1 45 ? 2.708   11.596  5.185   1 62.24 ? 98  PHE A C   1 
ATOM 266 O O   . PHE A 1 45 ? 2.476   12.799  5.242   1 62.44 ? 98  PHE A O   1 
ATOM 267 C CB  . PHE A 1 45 ? 4.811   10.582  6.175   1 61.08 ? 98  PHE A CB  1 
ATOM 268 C CG  . PHE A 1 45 ? 5.652   11.778  5.782   1 61.49 ? 98  PHE A CG  1 
ATOM 269 C CD1 . PHE A 1 45 ? 5.669   12.238  4.475   1 62.02 ? 98  PHE A CD1 1 
ATOM 270 C CD2 . PHE A 1 45 ? 6.449   12.423  6.711   1 62.29 ? 98  PHE A CD2 1 
ATOM 271 C CE1 . PHE A 1 45 ? 6.425   13.347  4.118   1 62.64 ? 98  PHE A CE1 1 
ATOM 272 C CE2 . PHE A 1 45 ? 7.226   13.519  6.345   1 62.75 ? 98  PHE A CE2 1 
ATOM 273 C CZ  . PHE A 1 45 ? 7.206   13.975  5.053   1 62.52 ? 98  PHE A CZ  1 
ATOM 274 N N   . LEU A 1 46 ? 2.407   10.827  4.107   1 62.66 ? 99  LEU A N   1 
ATOM 275 C CA  . LEU A 1 46 ? 1.795   11.383  2.897   1 63.65 ? 99  LEU A CA  1 
ATOM 276 C C   . LEU A 1 46 ? 0.441   12.009  3.211   1 65.42 ? 99  LEU A C   1 
ATOM 277 O O   . LEU A 1 46 ? 0.146   13.102  2.741   1 65.42 ? 99  LEU A O   1 
ATOM 278 C CB  . LEU A 1 46 ? 1.617   10.319  1.806   1 63.11 ? 99  LEU A CB  1 
ATOM 279 C CG  . LEU A 1 46 ? 2.873   9.738   1.226   1 63.72 ? 99  LEU A CG  1 
ATOM 280 C CD1 . LEU A 1 46 ? 2.548   8.580   0.295   1 63.79 ? 99  LEU A CD1 1 
ATOM 281 C CD2 . LEU A 1 46 ? 3.698   10.805  0.539   1 64.31 ? 99  LEU A CD2 1 
ATOM 282 N N   . GLU A 1 47 ? -0.370  11.328  4.020   1 66.65 ? 100 GLU A N   1 
ATOM 283 C CA  . GLU A 1 47 ? -1.684  11.810  4.407   1 68.75 ? 100 GLU A CA  1 
ATOM 284 C C   . GLU A 1 47 ? -1.668  13.221  4.998   1 71.04 ? 100 GLU A C   1 
ATOM 285 O O   . GLU A 1 47 ? -2.472  14.056  4.568   1 71.82 ? 100 GLU A O   1 
ATOM 286 C CB  . GLU A 1 47 ? -2.321  10.838  5.397   1 71.05 ? 100 GLU A CB  1 
ATOM 287 C CG  . GLU A 1 47 ? -3.830  10.914  5.439   1 75.11 ? 100 GLU A CG  1 
ATOM 288 C CD  . GLU A 1 47 ? -4.471  9.891   6.350   1 81.39 ? 100 GLU A CD  1 
ATOM 289 O OE1 . GLU A 1 47 ? -3.793  8.903   6.717   1 81.92 ? 100 GLU A OE1 1 
ATOM 290 O OE2 . GLU A 1 47 ? -5.659  10.077  6.697   1 84.62 ? 100 GLU A OE2 1 
ATOM 291 N N   . LYS A 1 48 ? -0.749  13.510  5.943   1 71.95 ? 101 LYS A N   1 
ATOM 292 C CA  . LYS A 1 48 ? -0.715  14.839  6.555   1 73.71 ? 101 LYS A CA  1 
ATOM 293 C C   . LYS A 1 48 ? 0.255   15.828  5.896   1 74.18 ? 101 LYS A C   1 
ATOM 294 O O   . LYS A 1 48 ? 0.119   17.029  6.135   1 74.5  ? 101 LYS A O   1 
ATOM 295 C CB  . LYS A 1 48 ? -0.451  14.763  8.077   1 76.99 ? 101 LYS A CB  1 
ATOM 296 C CG  . LYS A 1 48 ? 1.002   14.464  8.450   1 82.4  ? 101 LYS A CG  1 
ATOM 297 C CD  . LYS A 1 48 ? 1.375   15.005  9.825   1 87.62 ? 101 LYS A CD  1 
ATOM 298 C CE  . LYS A 1 48 ? 1.202   16.507  9.946   1 92    ? 101 LYS A CE  1 
ATOM 299 N NZ  . LYS A 1 48 ? 1.901   17.059  11.148  1 94.57 ? 101 LYS A NZ  1 
ATOM 300 N N   . GLU A 1 49 ? 1.232   15.356  5.099   1 73.81 ? 102 GLU A N   1 
ATOM 301 C CA  . GLU A 1 49 ? 2.198   16.271  4.484   1 73.98 ? 102 GLU A CA  1 
ATOM 302 C C   . GLU A 1 49 ? 1.880   16.596  3.038   1 73.56 ? 102 GLU A C   1 
ATOM 303 O O   . GLU A 1 49 ? 2.054   17.740  2.613   1 73.82 ? 102 GLU A O   1 
ATOM 304 C CB  . GLU A 1 49 ? 3.644   15.762  4.623   1 76.46 ? 102 GLU A CB  1 
ATOM 305 C CG  . GLU A 1 49 ? 4.077   15.522  6.057   1 81.78 ? 102 GLU A CG  1 
ATOM 306 C CD  . GLU A 1 49 ? 4.071   16.712  7.001   1 88.4  ? 102 GLU A CD  1 
ATOM 307 O OE1 . GLU A 1 49 ? 4.320   17.853  6.554   1 88.07 ? 102 GLU A OE1 1 
ATOM 308 O OE2 . GLU A 1 49 ? 3.856   16.485  8.212   1 92.28 ? 102 GLU A OE2 1 
ATOM 309 N N   . SER A 1 50 ? 1.444   15.598  2.271   1 72.62 ? 103 SER A N   1 
ATOM 310 C CA  . SER A 1 50 ? 1.109   15.817  0.871   1 72.05 ? 103 SER A CA  1 
ATOM 311 C C   . SER A 1 50 ? -0.171  15.121  0.507   1 71.76 ? 103 SER A C   1 
ATOM 312 O O   . SER A 1 50 ? -0.141  13.958  0.107   1 72.06 ? 103 SER A O   1 
ATOM 313 C CB  . SER A 1 50 ? 2.230   15.328  -0.035  1 72.74 ? 103 SER A CB  1 
ATOM 314 O OG  . SER A 1 50 ? 1.886   15.577  -1.386  1 74.24 ? 103 SER A OG  1 
ATOM 315 N N   . PRO A 1 51 ? -1.317  15.804  0.632   1 71.2  ? 104 PRO A N   1 
ATOM 316 C CA  . PRO A 1 51 ? -2.586  15.172  0.229   1 70.76 ? 104 PRO A CA  1 
ATOM 317 C C   . PRO A 1 51 ? -2.599  14.766  -1.253  1 69.88 ? 104 PRO A C   1 
ATOM 318 O O   . PRO A 1 51 ? -3.296  13.830  -1.631  1 70.13 ? 104 PRO A O   1 
ATOM 319 C CB  . PRO A 1 51 ? -3.637  16.251  0.533   1 71.57 ? 104 PRO A CB  1 
ATOM 320 C CG  . PRO A 1 51 ? -2.959  17.239  1.438   1 71.98 ? 104 PRO A CG  1 
ATOM 321 C CD  . PRO A 1 51 ? -1.513  17.199  1.064   1 70.72 ? 104 PRO A CD  1 
ATOM 322 N N   . ALA A 1 52 ? -1.808  15.455  -2.084  1 68.73 ? 105 ALA A N   1 
ATOM 323 C CA  . ALA A 1 52 ? -1.707  15.161  -3.501  1 67.8  ? 105 ALA A CA  1 
ATOM 324 C C   . ALA A 1 52 ? -0.995  13.823  -3.697  1 66.62 ? 105 ALA A C   1 
ATOM 325 O O   . ALA A 1 52 ? -1.506  12.977  -4.424  1 66.76 ? 105 ALA A O   1 
ATOM 326 C CB  . ALA A 1 52 ? -0.972  16.285  -4.211  1 67.69 ? 105 ALA A CB  1 
ATOM 327 N N   . ASN A 1 53 ? 0.117   13.585  -2.978  1 65.32 ? 106 ASN A N   1 
ATOM 328 C CA  . ASN A 1 53 ? 0.829   12.302  -3.063  1 64.24 ? 106 ASN A CA  1 
ATOM 329 C C   . ASN A 1 53 ? 0.123   11.163  -2.351  1 62.9  ? 106 ASN A C   1 
ATOM 330 O O   . ASN A 1 53 ? 0.358   10.014  -2.693  1 62.33 ? 106 ASN A O   1 
ATOM 331 C CB  . ASN A 1 53 ? 2.277   12.422  -2.605  1 64.74 ? 106 ASN A CB  1 
ATOM 332 C CG  . ASN A 1 53 ? 3.082   13.301  -3.520  1 67.63 ? 106 ASN A CG  1 
ATOM 333 O OD1 . ASN A 1 53 ? 2.767   13.469  -4.702  1 68.73 ? 106 ASN A OD1 1 
ATOM 334 N ND2 . ASN A 1 53 ? 4.124   13.908  -2.986  1 68.39 ? 106 ASN A ND2 1 
ATOM 335 N N   . PHE A 1 54 ? -0.749  11.465  -1.385  1 62.61 ? 107 PHE A N   1 
ATOM 336 C CA  . PHE A 1 54 ? -1.532  10.431  -0.711  1 62.68 ? 107 PHE A CA  1 
ATOM 337 C C   . PHE A 1 54 ? -2.580  9.913   -1.733  1 62.69 ? 107 PHE A C   1 
ATOM 338 O O   . PHE A 1 54 ? -2.749  8.705   -1.872  1 62.75 ? 107 PHE A O   1 
ATOM 339 C CB  . PHE A 1 54 ? -2.223  10.987  0.550   1 62.48 ? 107 PHE A CB  1 
ATOM 340 C CG  . PHE A 1 54 ? -3.067  9.947   1.250   1 63.22 ? 107 PHE A CG  1 
ATOM 341 C CD1 . PHE A 1 54 ? -2.488  9.006   2.083   1 63.81 ? 107 PHE A CD1 1 
ATOM 342 C CD2 . PHE A 1 54 ? -4.435  9.888   1.048   1 64.07 ? 107 PHE A CD2 1 
ATOM 343 C CE1 . PHE A 1 54 ? -3.262  8.046   2.716   1 64.39 ? 107 PHE A CE1 1 
ATOM 344 C CE2 . PHE A 1 54 ? -5.199  8.898   1.650   1 64.77 ? 107 PHE A CE2 1 
ATOM 345 C CZ  . PHE A 1 54 ? -4.609  7.991   2.489   1 64.38 ? 107 PHE A CZ  1 
ATOM 346 N N   . LYS A 1 55 ? -3.255  10.830  -2.464  1 62.27 ? 108 LYS A N   1 
ATOM 347 C CA  . LYS A 1 55 ? -4.224  10.462  -3.495  1 62.61 ? 108 LYS A CA  1 
ATOM 348 C C   . LYS A 1 55 ? -3.509  9.644   -4.596  1 61.99 ? 108 LYS A C   1 
ATOM 349 O O   . LYS A 1 55 ? -4.016  8.611   -5.035  1 61.96 ? 108 LYS A O   1 
ATOM 350 C CB  . LYS A 1 55 ? -4.880  11.725  -4.094  1 65.39 ? 108 LYS A CB  1 
ATOM 351 C CG  . LYS A 1 55 ? -6.015  11.453  -5.096  1 71.38 ? 108 LYS A CG  1 
ATOM 352 C CD  . LYS A 1 55 ? -6.735  12.761  -5.552  1 77.48 ? 108 LYS A CD  1 
ATOM 353 C CE  . LYS A 1 55 ? -8.089  12.524  -6.216  1 82.4  ? 108 LYS A CE  1 
ATOM 354 N NZ  . LYS A 1 55 ? -8.927  13.777  -6.347  1 84.93 ? 108 LYS A NZ  1 
ATOM 355 N N   . LEU A 1 56 ? -2.311  10.089  -4.990  1 61.03 ? 109 LEU A N   1 
ATOM 356 C CA  . LEU A 1 56 ? -1.492  9.427   -5.986  1 60.67 ? 109 LEU A CA  1 
ATOM 357 C C   . LEU A 1 56 ? -1.158  7.995   -5.547  1 59.17 ? 109 LEU A C   1 
ATOM 358 O O   . LEU A 1 56 ? -1.361  7.058   -6.329  1 59.15 ? 109 LEU A O   1 
ATOM 359 C CB  . LEU A 1 56 ? -0.203  10.228  -6.208  1 61.69 ? 109 LEU A CB  1 
ATOM 360 C CG  . LEU A 1 56 ? 0.709   9.671   -7.296  1 63.94 ? 109 LEU A CG  1 
ATOM 361 C CD1 . LEU A 1 56 ? 0.225   10.102  -8.666  1 64.29 ? 109 LEU A CD1 1 
ATOM 362 C CD2 . LEU A 1 56 ? 2.160   10.073  -7.051  1 64.82 ? 109 LEU A CD2 1 
ATOM 363 N N   . ALA A 1 57 ? -0.707  7.820   -4.282  1 57.6  ? 110 ALA A N   1 
ATOM 364 C CA  . ALA A 1 57 ? -0.392  6.515   -3.708  1 56.48 ? 110 ALA A CA  1 
ATOM 365 C C   . ALA A 1 57 ? -1.608  5.586   -3.772  1 55.66 ? 110 ALA A C   1 
ATOM 366 O O   . ALA A 1 57 ? -1.477  4.449   -4.215  1 55.58 ? 110 ALA A O   1 
ATOM 367 C CB  . ALA A 1 57 ? 0.096   6.666   -2.270  1 56.16 ? 110 ALA A CB  1 
ATOM 368 N N   . GLY A 1 58 ? -2.780  6.098   -3.417  1 55.19 ? 111 GLY A N   1 
ATOM 369 C CA  . GLY A 1 58 ? -4.017  5.337   -3.470  1 55.78 ? 111 GLY A CA  1 
ATOM 370 C C   . GLY A 1 58 ? -4.428  4.943   -4.873  1 56.76 ? 111 GLY A C   1 
ATOM 371 O O   . GLY A 1 58 ? -4.940  3.843   -5.079  1 57.07 ? 111 GLY A O   1 
ATOM 372 N N   . GLU A 1 59 ? -4.199  5.831   -5.864  1 56.97 ? 112 GLU A N   1 
ATOM 373 C CA  . GLU A 1 59 ? -4.506  5.536   -7.265  1 57.13 ? 112 GLU A CA  1 
ATOM 374 C C   . GLU A 1 59 ? -3.625  4.376   -7.723  1 57.24 ? 112 GLU A C   1 
ATOM 375 O O   . GLU A 1 59 ? -4.138  3.427   -8.313  1 57.62 ? 112 GLU A O   1 
ATOM 376 C CB  . GLU A 1 59 ? -4.294  6.766   -8.154  1 58.69 ? 112 GLU A CB  1 
ATOM 377 C CG  . GLU A 1 59 ? -5.320  7.851   -7.903  1 65.02 ? 112 GLU A CG  1 
ATOM 378 C CD  . GLU A 1 59 ? -4.949  9.242   -8.390  1 73.83 ? 112 GLU A CD  1 
ATOM 379 O OE1 . GLU A 1 59 ? -3.771  9.441   -8.766  1 76.82 ? 112 GLU A OE1 1 
ATOM 380 O OE2 . GLU A 1 59 ? -5.834  10.132  -8.391  1 74.76 ? 112 GLU A OE2 1 
ATOM 381 N N   . LYS A 1 60 ? -2.325  4.399   -7.358  1 56.49 ? 113 LYS A N   1 
ATOM 382 C CA  . LYS A 1 60 ? -1.386  3.327   -7.694  1 56    ? 113 LYS A CA  1 
ATOM 383 C C   . LYS A 1 60 ? -1.818  1.979   -7.120  1 56.03 ? 113 LYS A C   1 
ATOM 384 O O   . LYS A 1 60 ? -1.645  0.949   -7.777  1 56.27 ? 113 LYS A O   1 
ATOM 385 C CB  . LYS A 1 60 ? 0.033   3.656   -7.222  1 56.56 ? 113 LYS A CB  1 
ATOM 386 C CG  . LYS A 1 60 ? 0.501   5.049   -7.601  1 58.75 ? 113 LYS A CG  1 
ATOM 387 C CD  . LYS A 1 60 ? 1.008   5.184   -9.013  1 60.6  ? 113 LYS A CD  1 
ATOM 388 C CE  . LYS A 1 60 ? 1.868   6.422   -9.101  1 62.21 ? 113 LYS A CE  1 
ATOM 389 N NZ  . LYS A 1 60 ? 2.620   6.499   -10.374 1 63.05 ? 113 LYS A NZ  1 
ATOM 390 N N   . ILE A 1 61 ? -2.364  1.978   -5.896  1 55.55 ? 114 ILE A N   1 
ATOM 391 C CA  . ILE A 1 61 ? -2.847  0.757   -5.251  1 55.11 ? 114 ILE A CA  1 
ATOM 392 C C   . ILE A 1 61 ? -4.117  0.266   -5.964  1 56    ? 114 ILE A C   1 
ATOM 393 O O   . ILE A 1 61 ? -4.251  -0.928  -6.183  1 56.69 ? 114 ILE A O   1 
ATOM 394 C CB  . ILE A 1 61 ? -3.029  0.947   -3.722  1 54.2  ? 114 ILE A CB  1 
ATOM 395 C CG1 . ILE A 1 61 ? -1.691  1.293   -3.046  1 54.06 ? 114 ILE A CG1 1 
ATOM 396 C CG2 . ILE A 1 61 ? -3.647  -0.272  -3.085  1 54.11 ? 114 ILE A CG2 1 
ATOM 397 C CD1 . ILE A 1 61 ? -1.845  1.946   -1.711  1 54.38 ? 114 ILE A CD1 1 
ATOM 398 N N   . LYS A 1 62 ? -5.008  1.171   -6.380  1 56.27 ? 115 LYS A N   1 
ATOM 399 C CA  . LYS A 1 62 ? -6.211  0.789   -7.116  1 57.7  ? 115 LYS A CA  1 
ATOM 400 C C   . LYS A 1 62 ? -5.832  0.133   -8.452  1 59.03 ? 115 LYS A C   1 
ATOM 401 O O   . LYS A 1 62 ? -6.411  -0.898  -8.795  1 59.88 ? 115 LYS A O   1 
ATOM 402 C CB  . LYS A 1 62 ? -7.121  2.004   -7.391  1 59.58 ? 115 LYS A CB  1 
ATOM 403 C CG  . LYS A 1 62 ? -7.902  2.503   -6.192  1 63.26 ? 115 LYS A CG  1 
ATOM 404 C CD  . LYS A 1 62 ? -8.908  3.556   -6.599  1 67.46 ? 115 LYS A CD  1 
ATOM 405 C CE  . LYS A 1 62 ? -8.702  4.844   -5.844  1 71.8  ? 115 LYS A CE  1 
ATOM 406 N NZ  . LYS A 1 62 ? -9.988  5.557   -5.641  1 73.9  ? 115 LYS A NZ  1 
ATOM 407 N N   . GLN A 1 63 ? -4.869  0.717   -9.198  1 58.83 ? 116 GLN A N   1 
ATOM 408 C CA  . GLN A 1 63 ? -4.407  0.174   -10.479 1 59.44 ? 116 GLN A CA  1 
ATOM 409 C C   . GLN A 1 63 ? -3.761  -1.218  -10.297 1 58.71 ? 116 GLN A C   1 
ATOM 410 O O   . GLN A 1 63 ? -4.001  -2.114  -11.106 1 58.51 ? 116 GLN A O   1 
ATOM 411 C CB  . GLN A 1 63 ? -3.411  1.139   -11.159 1 62.27 ? 116 GLN A CB  1 
ATOM 412 C CG  . GLN A 1 63 ? -4.004  2.490   -11.595 1 68.1  ? 116 GLN A CG  1 
ATOM 413 C CD  . GLN A 1 63 ? -2.966  3.615   -11.731 1 75.27 ? 116 GLN A CD  1 
ATOM 414 O OE1 . GLN A 1 63 ? -1.805  3.498   -11.283 1 77.73 ? 116 GLN A OE1 1 
ATOM 415 N NE2 . GLN A 1 63 ? -3.360  4.745   -12.342 1 75.49 ? 116 GLN A NE2 1 
ATOM 416 N N   . MET A 1 64 ? -2.959  -1.399  -9.228  1 58.1  ? 117 MET A N   1 
ATOM 417 C CA  . MET A 1 64 ? -2.290  -2.672  -8.933  1 57.89 ? 117 MET A CA  1 
ATOM 418 C C   . MET A 1 64 ? -3.302  -3.781  -8.691  1 58.33 ? 117 MET A C   1 
ATOM 419 O O   . MET A 1 64 ? -3.154  -4.874  -9.229  1 58.49 ? 117 MET A O   1 
ATOM 420 C CB  . MET A 1 64 ? -1.289  -2.551  -7.755  1 57.7  ? 117 MET A CB  1 
ATOM 421 C CG  . MET A 1 64 ? 0.032   -1.874  -8.138  1 59.62 ? 117 MET A CG  1 
ATOM 422 S SD  . MET A 1 64 ? 1.360   -1.855  -6.878  1 64.36 ? 117 MET A SD  1 
ATOM 423 C CE  . MET A 1 64 ? 0.652   -0.819  -5.631  1 57.88 ? 117 MET A CE  1 
ATOM 424 N N   . ARG A 1 65 ? -4.351  -3.493  -7.927  1 58.49 ? 118 ARG A N   1 
ATOM 425 C CA  . ARG A 1 65 ? -5.386  -4.470  -7.641  1 59.56 ? 118 ARG A CA  1 
ATOM 426 C C   . ARG A 1 65 ? -6.265  -4.720  -8.858  1 61.07 ? 118 ARG A C   1 
ATOM 427 O O   . ARG A 1 65 ? -6.596  -5.866  -9.146  1 62.14 ? 118 ARG A O   1 
ATOM 428 C CB  . ARG A 1 65 ? -6.242  -3.995  -6.476  1 60.89 ? 118 ARG A CB  1 
ATOM 429 C CG  . ARG A 1 65 ? -5.459  -3.733  -5.190  1 63.65 ? 118 ARG A CG  1 
ATOM 430 C CD  . ARG A 1 65 ? -6.247  -2.919  -4.183  1 66.07 ? 118 ARG A CD  1 
ATOM 431 N NE  . ARG A 1 65 ? -7.645  -3.349  -4.097  1 69.12 ? 118 ARG A NE  1 
ATOM 432 C CZ  . ARG A 1 65 ? -8.688  -2.549  -4.300  1 70.84 ? 118 ARG A CZ  1 
ATOM 433 N NH1 . ARG A 1 65 ? -8.505  -1.256  -4.544  1 70.07 ? 118 ARG A NH1 1 
ATOM 434 N NH2 . ARG A 1 65 ? -9.923  -3.027  -4.220  1 70.33 ? 118 ARG A NH2 1 
ATOM 435 N N   . SER A 1 66 ? -6.637  -3.668  -9.580  1 61.2  ? 119 SER A N   1 
ATOM 436 C CA  . SER A 1 66 ? -7.489  -3.805  -10.756 1 62.02 ? 119 SER A CA  1 
ATOM 437 C C   . SER A 1 66 ? -6.838  -4.554  -11.915 1 61.62 ? 119 SER A C   1 
ATOM 438 O O   . SER A 1 66 ? -7.494  -5.372  -12.549 1 61.4  ? 119 SER A O   1 
ATOM 439 C CB  . SER A 1 66 ? -7.951  -2.433  -11.246 1 64.26 ? 119 SER A CB  1 
ATOM 440 O OG  . SER A 1 66 ? -8.663  -1.732  -10.240 1 67.74 ? 119 SER A OG  1 
ATOM 441 N N   . ASN A 1 67 ? -5.573  -4.246  -12.224 1 61.26 ? 120 ASN A N   1 
ATOM 442 C CA  . ASN A 1 67 ? -4.913  -4.829  -13.391 1 60.94 ? 120 ASN A CA  1 
ATOM 443 C C   . ASN A 1 67 ? -3.919  -5.936  -13.111 1 59.73 ? 120 ASN A C   1 
ATOM 444 O O   . ASN A 1 67 ? -3.670  -6.734  -14.012 1 59.92 ? 120 ASN A O   1 
ATOM 445 C CB  . ASN A 1 67 ? -4.235  -3.743  -14.209 1 62.3  ? 120 ASN A CB  1 
ATOM 446 C CG  . ASN A 1 67 ? -5.180  -2.647  -14.620 1 66.59 ? 120 ASN A CG  1 
ATOM 447 O OD1 . ASN A 1 67 ? -6.078  -2.849  -15.433 1 68.85 ? 120 ASN A OD1 1 
ATOM 448 N ND2 . ASN A 1 67 ? -5.000  -1.458  -14.072 1 67.67 ? 120 ASN A ND2 1 
ATOM 449 N N   . TYR A 1 68 ? -3.354  -6.006  -11.895 1 58.31 ? 121 TYR A N   1 
ATOM 450 C CA  . TYR A 1 68 ? -2.322  -7.003  -11.624 1 57.39 ? 121 TYR A CA  1 
ATOM 451 C C   . TYR A 1 68 ? -2.654  -8.043  -10.554 1 57.33 ? 121 TYR A C   1 
ATOM 452 O O   . TYR A 1 68 ? -1.808  -8.886  -10.271 1 58.02 ? 121 TYR A O   1 
ATOM 453 C CB  . TYR A 1 68 ? -0.996  -6.311  -11.300 1 56.63 ? 121 TYR A CB  1 
ATOM 454 C CG  . TYR A 1 68 ? -0.563  -5.402  -12.420 1 56.37 ? 121 TYR A CG  1 
ATOM 455 C CD1 . TYR A 1 68 ? -0.524  -4.029  -12.250 1 56.98 ? 121 TYR A CD1 1 
ATOM 456 C CD2 . TYR A 1 68 ? -0.324  -5.905  -13.691 1 56.51 ? 121 TYR A CD2 1 
ATOM 457 C CE1 . TYR A 1 68 ? -0.188  -3.182  -13.295 1 57.66 ? 121 TYR A CE1 1 
ATOM 458 C CE2 . TYR A 1 68 ? 0.018   -5.071  -14.741 1 57.22 ? 121 TYR A CE2 1 
ATOM 459 C CZ  . TYR A 1 68 ? 0.094   -3.708  -14.540 1 58.27 ? 121 TYR A CZ  1 
ATOM 460 O OH  . TYR A 1 68 ? 0.440   -2.884  -15.583 1 59.52 ? 121 TYR A OH  1 
ATOM 461 N N   . GLY A 1 69 ? -3.863  -8.017  -10.010 1 56.59 ? 122 GLY A N   1 
ATOM 462 C CA  . GLY A 1 69 ? -4.279  -8.981  -8.993  1 56.37 ? 122 GLY A CA  1 
ATOM 463 C C   . GLY A 1 69 ? -3.615  -8.844  -7.625  1 56.03 ? 122 GLY A C   1 
ATOM 464 O O   . GLY A 1 69 ? -3.395  -9.843  -6.935  1 56.17 ? 122 GLY A O   1 
ATOM 465 N N   . ALA A 1 70 ? -3.257  -7.616  -7.231  1 55.22 ? 123 ALA A N   1 
ATOM 466 C CA  . ALA A 1 70 ? -2.667  -7.391  -5.922  1 54.74 ? 123 ALA A CA  1 
ATOM 467 C C   . ALA A 1 70 ? -3.807  -7.318  -4.885  1 55.06 ? 123 ALA A C   1 
ATOM 468 O O   . ALA A 1 70 ? -4.895  -6.867  -5.217  1 55.65 ? 123 ALA A O   1 
ATOM 469 C CB  . ALA A 1 70 ? -1.871  -6.091  -5.925  1 53.91 ? 123 ALA A CB  1 
ATOM 470 N N   . GLU A 1 71 ? -3.578  -7.773  -3.643  1 54.35 ? 124 GLU A N   1 
ATOM 471 C CA  . GLU A 1 71 ? -4.559  -7.601  -2.575  1 54.17 ? 124 GLU A CA  1 
ATOM 472 C C   . GLU A 1 71 ? -4.022  -6.486  -1.669  1 53.82 ? 124 GLU A C   1 
ATOM 473 O O   . GLU A 1 71 ? -2.808  -6.341  -1.515  1 53.86 ? 124 GLU A O   1 
ATOM 474 C CB  . GLU A 1 71 ? -4.787  -8.887  -1.758  1 56.95 ? 124 GLU A CB  1 
ATOM 475 C CG  . GLU A 1 71 ? -5.153  -10.121 -2.569  1 63.25 ? 124 GLU A CG  1 
ATOM 476 C CD  . GLU A 1 71 ? -5.137  -11.412 -1.766  1 71.01 ? 124 GLU A CD  1 
ATOM 477 O OE1 . GLU A 1 71 ? -4.332  -11.498 -0.813  1 71.64 ? 124 GLU A OE1 1 
ATOM 478 O OE2 . GLU A 1 71 ? -5.918  -12.342 -2.085  1 74.02 ? 124 GLU A OE2 1 
ATOM 479 N N   . ALA A 1 72 ? -4.908  -5.679  -1.090  1 53.51 ? 125 ALA A N   1 
ATOM 480 C CA  . ALA A 1 72 ? -4.507  -4.616  -0.165  1 53.49 ? 125 ALA A CA  1 
ATOM 481 C C   . ALA A 1 72 ? -5.399  -4.673  1.076   1 54.11 ? 125 ALA A C   1 
ATOM 482 O O   . ALA A 1 72 ? -6.622  -4.801  0.966   1 54.61 ? 125 ALA A O   1 
ATOM 483 C CB  . ALA A 1 72 ? -4.594  -3.256  -0.829  1 52.96 ? 125 ALA A CB  1 
ATOM 484 N N   . LEU A 1 73 ? -4.793  -4.611  2.252   1 53.96 ? 126 LEU A N   1 
ATOM 485 C CA  . LEU A 1 73 ? -5.530  -4.721  3.500   1 54.53 ? 126 LEU A CA  1 
ATOM 486 C C   . LEU A 1 73 ? -5.139  -3.625  4.443   1 55.27 ? 126 LEU A C   1 
ATOM 487 O O   . LEU A 1 73 ? -3.955  -3.338  4.575   1 55.84 ? 126 LEU A O   1 
ATOM 488 C CB  . LEU A 1 73 ? -5.173  -6.068  4.152   1 54.88 ? 126 LEU A CB  1 
ATOM 489 C CG  . LEU A 1 73 ? -6.308  -6.973  4.607   1 56.49 ? 126 LEU A CG  1 
ATOM 490 C CD1 . LEU A 1 73 ? -7.314  -7.222  3.478   1 57.01 ? 126 LEU A CD1 1 
ATOM 491 C CD2 . LEU A 1 73 ? -5.762  -8.297  5.151   1 56.88 ? 126 LEU A CD2 1 
ATOM 492 N N   . LEU A 1 74 ? -6.106  -3.049  5.150   1 55.36 ? 127 LEU A N   1 
ATOM 493 C CA  . LEU A 1 74 ? -5.814  -2.045  6.157   1 55.96 ? 127 LEU A CA  1 
ATOM 494 C C   . LEU A 1 74 ? -5.593  -2.816  7.443   1 57.36 ? 127 LEU A C   1 
ATOM 495 O O   . LEU A 1 74 ? -6.427  -3.622  7.841   1 57.45 ? 127 LEU A O   1 
ATOM 496 C CB  . LEU A 1 74 ? -6.971  -1.049  6.281   1 55.95 ? 127 LEU A CB  1 
ATOM 497 C CG  . LEU A 1 74 ? -6.933  -0.056  7.448   1 56.59 ? 127 LEU A CG  1 
ATOM 498 C CD1 . LEU A 1 74 ? -5.679  0.789   7.407   1 56.6  ? 127 LEU A CD1 1 
ATOM 499 C CD2 . LEU A 1 74 ? -8.184  0.823   7.437   1 56.71 ? 127 LEU A CD2 1 
ATOM 500 N N   . LEU A 1 75 ? -4.440  -2.618  8.058   1 58.34 ? 128 LEU A N   1 
ATOM 501 C CA  . LEU A 1 75 ? -4.066  -3.323  9.263   1 59.71 ? 128 LEU A CA  1 
ATOM 502 C C   . LEU A 1 75 ? -4.281  -2.485  10.519  1 62.59 ? 128 LEU A C   1 
ATOM 503 O O   . LEU A 1 75 ? -4.547  -3.046  11.586  1 63.06 ? 128 LEU A O   1 
ATOM 504 C CB  . LEU A 1 75 ? -2.579  -3.731  9.163   1 58.84 ? 128 LEU A CB  1 
ATOM 505 C CG  . LEU A 1 75 ? -2.232  -4.818  8.157   1 58.34 ? 128 LEU A CG  1 
ATOM 506 C CD1 . LEU A 1 75 ? -0.737  -4.964  8.028   1 58.36 ? 128 LEU A CD1 1 
ATOM 507 C CD2 . LEU A 1 75 ? -2.891  -6.147  8.527   1 58.14 ? 128 LEU A CD2 1 
ATOM 508 N N   . SER A 1 76 ? -4.105  -1.161  10.419  1 64.37 ? 129 SER A N   1 
ATOM 509 C CA  . SER A 1 76 ? -4.183  -0.303  11.597  1 66.7  ? 129 SER A CA  1 
ATOM 510 C C   . SER A 1 76 ? -4.378  1.147   11.218  1 69.18 ? 129 SER A C   1 
ATOM 511 O O   . SER A 1 76 ? -3.725  1.624   10.302  1 69.48 ? 129 SER A O   1 
ATOM 512 C CB  . SER A 1 76 ? -2.891  -0.426  12.394  1 68.27 ? 129 SER A CB  1 
ATOM 513 O OG  . SER A 1 76 ? -2.971  0.328   13.589  1 72.24 ? 129 SER A OG  1 
ATOM 514 N N   . ARG A 1 77 ? -5.240  1.860   11.933  1 71.29 ? 130 ARG A N   1 
ATOM 515 C CA  . ARG A 1 77 ? -5.514  3.266   11.630  1 73.9  ? 130 ARG A CA  1 
ATOM 516 C C   . ARG A 1 77 ? -5.733  4.100   12.886  1 76.22 ? 130 ARG A C   1 
ATOM 517 O O   . ARG A 1 77 ? -6.839  4.122   13.428  1 76.67 ? 130 ARG A O   1 
ATOM 518 C CB  . ARG A 1 77 ? -6.731  3.384   10.702  1 75.58 ? 130 ARG A CB  1 
ATOM 519 C CG  . ARG A 1 77 ? -7.078  4.812   10.317  1 79.35 ? 130 ARG A CG  1 
ATOM 520 C CD  . ARG A 1 77 ? -6.092  5.328   9.302   1 83.08 ? 130 ARG A CD  1 
ATOM 521 N NE  . ARG A 1 77 ? -6.547  6.535   8.614   1 87.06 ? 130 ARG A NE  1 
ATOM 522 C CZ  . ARG A 1 77 ? -7.451  6.548   7.636   1 91    ? 130 ARG A CZ  1 
ATOM 523 N NH1 . ARG A 1 77 ? -8.068  5.427   7.278   1 91.58 ? 130 ARG A NH1 1 
ATOM 524 N NH2 . ARG A 1 77 ? -7.772  7.686   7.037   1 91.52 ? 130 ARG A NH2 1 
ATOM 525 N N   . CYS A 1 78 ? -4.693  4.786   13.346  1 77.67 ? 131 CYS A N   1 
ATOM 526 C CA  . CYS A 1 78 ? -4.809  5.651   14.527  1 80.15 ? 131 CYS A CA  1 
ATOM 527 C C   . CYS A 1 78 ? -4.082  7.014   14.279  1 81.35 ? 131 CYS A C   1 
ATOM 528 O O   . CYS A 1 78 ? -3.642  7.268   13.145  1 81.71 ? 131 CYS A O   1 
ATOM 529 C CB  . CYS A 1 78 ? -4.306  4.933   15.788  1 81.94 ? 131 CYS A CB  1 
ATOM 530 S SG  . CYS A 1 78 ? -2.765  3.992   15.563  1 88.24 ? 131 CYS A SG  1 
ATOM 531 N N   . ASN A 1 79 ? -3.956  7.892   15.313  1 81.33 ? 132 ASN A N   1 
ATOM 532 C CA  . ASN A 1 79 ? -3.209  9.143   15.152  1 81.75 ? 132 ASN A CA  1 
ATOM 533 C C   . ASN A 1 79 ? -1.727  8.788   14.866  1 81.7  ? 132 ASN A C   1 
ATOM 534 O O   . ASN A 1 79 ? -1.138  7.974   15.587  1 82.4  ? 132 ASN A O   1 
ATOM 535 C CB  . ASN A 1 79 ? -3.330  10.035  16.401  1 82.77 ? 132 ASN A CB  1 
ATOM 536 N N   . ASP A 1 80 ? -1.210  9.283   13.724  1 80.27 ? 133 ASP A N   1 
ATOM 537 C CA  . ASP A 1 80 ? 0.149   9.102   13.197  1 78.72 ? 133 ASP A CA  1 
ATOM 538 C C   . ASP A 1 80 ? 0.408   7.735   12.578  1 76    ? 133 ASP A C   1 
ATOM 539 O O   . ASP A 1 80 ? 1.563   7.435   12.281  1 76.94 ? 133 ASP A O   1 
ATOM 540 C CB  . ASP A 1 80 ? 1.235   9.443   14.231  1 81.11 ? 133 ASP A CB  1 
ATOM 541 N N   . LYS A 1 81 ? -0.637  6.940   12.300  1 72.6  ? 134 LYS A N   1 
ATOM 542 C CA  . LYS A 1 81 ? -0.448  5.634   11.649  1 69.49 ? 134 LYS A CA  1 
ATOM 543 C C   . LYS A 1 81 ? -1.618  5.286   10.736  1 64.89 ? 134 LYS A C   1 
ATOM 544 O O   . LYS A 1 81 ? -2.765  5.479   11.111  1 64.98 ? 134 LYS A O   1 
ATOM 545 C CB  . LYS A 1 81 ? -0.268  4.517   12.696  1 72.52 ? 134 LYS A CB  1 
ATOM 546 C CG  . LYS A 1 81 ? 1.182   4.172   13.022  1 77.62 ? 134 LYS A CG  1 
ATOM 547 C CD  . LYS A 1 81 ? 1.881   3.335   11.944  1 82.01 ? 134 LYS A CD  1 
ATOM 548 C CE  . LYS A 1 81 ? 3.353   3.142   12.266  1 84.95 ? 134 LYS A CE  1 
ATOM 549 N NZ  . LYS A 1 81 ? 3.559   2.480   13.582  1 86.19 ? 134 LYS A NZ  1 
ATOM 550 N N   . ASN A 1 82 ? -1.326  4.769   9.548   1 61.2  ? 135 ASN A N   1 
ATOM 551 C CA  . ASN A 1 82 ? -2.297  4.333   8.543   1 58.23 ? 135 ASN A CA  1 
ATOM 552 C C   . ASN A 1 82 ? -1.621  3.137   7.848   1 55.58 ? 135 ASN A C   1 
ATOM 553 O O   . ASN A 1 82 ? -1.076  3.283   6.757   1 55.29 ? 135 ASN A O   1 
ATOM 554 C CB  . ASN A 1 82 ? -2.558  5.466   7.547   1 58.24 ? 135 ASN A CB  1 
ATOM 555 C CG  . ASN A 1 82 ? -3.676  5.223   6.552   1 59.82 ? 135 ASN A CG  1 
ATOM 556 O OD1 . ASN A 1 82 ? -4.174  4.110   6.353   1 60.41 ? 135 ASN A OD1 1 
ATOM 557 N ND2 . ASN A 1 82 ? -4.098  6.275   5.900   1 60.22 ? 135 ASN A ND2 1 
ATOM 558 N N   . LEU A 1 83 ? -1.589  1.975   8.520   1 53.43 ? 136 LEU A N   1 
ATOM 559 C CA  . LEU A 1 83 ? -0.859  0.805   8.040   1 52.15 ? 136 LEU A CA  1 
ATOM 560 C C   . LEU A 1 83 ? -1.588  -0.017  7.029   1 51.2  ? 136 LEU A C   1 
ATOM 561 O O   . LEU A 1 83 ? -2.628  -0.580  7.340   1 51.56 ? 136 LEU A O   1 
ATOM 562 C CB  . LEU A 1 83 ? -0.490  -0.112  9.204   1 51.88 ? 136 LEU A CB  1 
ATOM 563 C CG  . LEU A 1 83 ? 0.934   -0.144  9.690   1 52.58 ? 136 LEU A CG  1 
ATOM 564 C CD1 . LEU A 1 83 ? 1.131   -1.325  10.613  1 53.25 ? 136 LEU A CD1 1 
ATOM 565 C CD2 . LEU A 1 83 ? 1.915   -0.249  8.570   1 52.8  ? 136 LEU A CD2 1 
ATOM 566 N N   . ILE A 1 84 ? -0.999  -0.173  5.863   1 49.79 ? 137 ILE A N   1 
ATOM 567 C CA  . ILE A 1 84 ? -1.571  -0.959  4.785   1 49.65 ? 137 ILE A CA  1 
ATOM 568 C C   . ILE A 1 84 ? -0.604  -2.100  4.399   1 48.77 ? 137 ILE A C   1 
ATOM 569 O O   . ILE A 1 84 ? 0.610   -1.915  4.451   1 48.49 ? 137 ILE A O   1 
ATOM 570 C CB  . ILE A 1 84 ? -1.817  -0.003  3.556   1 50.23 ? 137 ILE A CB  1 
ATOM 571 C CG1 . ILE A 1 84 ? -2.839  1.092   3.875   1 51.33 ? 137 ILE A CG1 1 
ATOM 572 C CG2 . ILE A 1 84 ? -2.175  -0.750  2.261   1 50.29 ? 137 ILE A CG2 1 
ATOM 573 C CD1 . ILE A 1 84 ? -4.246  0.628   3.980   1 52.81 ? 137 ILE A CD1 1 
ATOM 574 N N   . ILE A 1 85 ? -1.135  -3.260  3.989   1 48.06 ? 138 ILE A N   1 
ATOM 575 C CA  . ILE A 1 85 ? -0.289  -4.313  3.448   1 48.1  ? 138 ILE A CA  1 
ATOM 576 C C   . ILE A 1 85 ? -0.727  -4.572  2.016   1 48.4  ? 138 ILE A C   1 
ATOM 577 O O   . ILE A 1 85 ? -1.922  -4.707  1.741   1 47.96 ? 138 ILE A O   1 
ATOM 578 C CB  . ILE A 1 85 ? -0.096  -5.607  4.294   1 47.85 ? 138 ILE A CB  1 
ATOM 579 C CG1 . ILE A 1 85 ? 0.931   -6.541  3.601   1 48.3  ? 138 ILE A CG1 1 
ATOM 580 C CG2 . ILE A 1 85 ? -1.421  -6.328  4.576   1 48.04 ? 138 ILE A CG2 1 
ATOM 581 C CD1 . ILE A 1 85 ? 1.323   -7.830  4.340   1 48.93 ? 138 ILE A CD1 1 
ATOM 582 N N   . ILE A 1 86 ? 0.237   -4.564  1.096   1 48.42 ? 139 ILE A N   1 
ATOM 583 C CA  . ILE A 1 86 ? -0.048  -4.852  -0.295  1 48.9  ? 139 ILE A CA  1 
ATOM 584 C C   . ILE A 1 86 ? 0.643   -6.175  -0.641  1 49.63 ? 139 ILE A C   1 
ATOM 585 O O   . ILE A 1 86 ? 1.861   -6.257  -0.571  1 49.53 ? 139 ILE A O   1 
ATOM 586 C CB  . ILE A 1 86 ? 0.438   -3.731  -1.235  1 48.9  ? 139 ILE A CB  1 
ATOM 587 C CG1 . ILE A 1 86 ? 0.005   -2.344  -0.747  1 49.59 ? 139 ILE A CG1 1 
ATOM 588 C CG2 . ILE A 1 86 ? -0.004  -4.004  -2.671  1 49.1  ? 139 ILE A CG2 1 
ATOM 589 C CD1 . ILE A 1 86 ? 0.609   -1.170  -1.565  1 50.44 ? 139 ILE A CD1 1 
ATOM 590 N N   . ALA A 1 87 ? -0.128  -7.199  -1.007  1 49.9  ? 140 ALA A N   1 
ATOM 591 C CA  . ALA A 1 87 ? 0.436   -8.477  -1.410  1 50.59 ? 140 ALA A CA  1 
ATOM 592 C C   . ALA A 1 87 ? 0.306   -8.589  -2.916  1 50.93 ? 140 ALA A C   1 
ATOM 593 O O   . ALA A 1 87 ? -0.763  -8.316  -3.468  1 50.84 ? 140 ALA A O   1 
ATOM 594 C CB  . ALA A 1 87 ? -0.311  -9.624  -0.741  1 50.73 ? 140 ALA A CB  1 
ATOM 595 N N   . PRO A 1 88 ? 1.375   -9.001  -3.603  1 50.97 ? 141 PRO A N   1 
ATOM 596 C CA  . PRO A 1 88 ? 1.264   -9.190  -5.055  1 51.55 ? 141 PRO A CA  1 
ATOM 597 C C   . PRO A 1 88 ? 0.459   -10.448 -5.421  1 53.08 ? 141 PRO A C   1 
ATOM 598 O O   . PRO A 1 88 ? 0.181   -11.284 -4.569  1 53.58 ? 141 PRO A O   1 
ATOM 599 C CB  . PRO A 1 88 ? 2.720   -9.311  -5.494  1 51.7  ? 141 PRO A CB  1 
ATOM 600 C CG  . PRO A 1 88 ? 3.409   -9.920  -4.302  1 52.08 ? 141 PRO A CG  1 
ATOM 601 C CD  . PRO A 1 88 ? 2.703   -9.394  -3.088  1 50.43 ? 141 PRO A CD  1 
ATOM 602 N N   . LYS A 1 89 ? 0.111   -10.628 -6.711  1 54.03 ? 142 LYS A N   1 
ATOM 603 C CA  . LYS A 1 89 ? -0.542  -11.841 -7.228  1 55.3  ? 142 LYS A CA  1 
ATOM 604 C C   . LYS A 1 89 ? 0.493   -12.964 -6.990  1 55.91 ? 142 LYS A C   1 
ATOM 605 O O   . LYS A 1 89 ? 1.664   -12.799 -7.377  1 57.44 ? 142 LYS A O   1 
ATOM 606 C CB  . LYS A 1 89 ? -0.782  -11.687 -8.751  1 57.79 ? 142 LYS A CB  1 
ATOM 607 C CG  . LYS A 1 89 ? -1.699  -12.746 -9.372  1 64.15 ? 142 LYS A CG  1 
ATOM 608 C CD  . LYS A 1 89 ? -1.424  -12.957 -10.890 1 71.14 ? 142 LYS A CD  1 
ATOM 609 C CE  . LYS A 1 89 ? -2.409  -12.293 -11.853 1 76.44 ? 142 LYS A CE  1 
ATOM 610 N NZ  . LYS A 1 89 ? -3.394  -13.258 -12.451 1 78.46 ? 142 LYS A NZ  1 
ATOM 611 N N   . GLY A 1 90 ? 0.130   -13.954 -6.197  1 54.35 ? 143 GLY A N   1 
ATOM 612 C CA  . GLY A 1 90 ? 1.076   -15.003 -5.845  1 54.06 ? 143 GLY A CA  1 
ATOM 613 C C   . GLY A 1 90 ? 1.273   -15.155 -4.356  1 54.11 ? 143 GLY A C   1 
ATOM 614 O O   . GLY A 1 90 ? 1.764   -16.186 -3.903  1 54.67 ? 143 GLY A O   1 
ATOM 615 N N   . VAL A 1 91 ? 0.937   -14.117 -3.580  1 53.44 ? 144 VAL A N   1 
ATOM 616 C CA  . VAL A 1 91 ? 0.974   -14.171 -2.134  1 52.9  ? 144 VAL A CA  1 
ATOM 617 C C   . VAL A 1 91 ? -0.450  -13.882 -1.680  1 53.24 ? 144 VAL A C   1 
ATOM 618 O O   . VAL A 1 91 ? -0.997  -12.817 -1.955  1 53.4  ? 144 VAL A O   1 
ATOM 619 C CB  . VAL A 1 91 ? 2.008   -13.208 -1.495  1 52.78 ? 144 VAL A CB  1 
ATOM 620 C CG1 . VAL A 1 91 ? 1.949   -13.276 0.026   1 52.21 ? 144 VAL A CG1 1 
ATOM 621 C CG2 . VAL A 1 91 ? 3.422   -13.497 -1.999  1 52.82 ? 144 VAL A CG2 1 
ATOM 622 N N   . SER A 1 92 ? -1.076  -14.859 -1.055  1 53.66 ? 145 SER A N   1 
ATOM 623 C CA  . SER A 1 92 ? -2.437  -14.714 -0.555  1 54.14 ? 145 SER A CA  1 
ATOM 624 C C   . SER A 1 92 ? -2.462  -14.199 0.870   1 54.4  ? 145 SER A C   1 
ATOM 625 O O   . SER A 1 92 ? -1.705  -14.684 1.711   1 54.18 ? 145 SER A O   1 
ATOM 626 C CB  . SER A 1 92 ? -3.136  -16.062 -0.570  1 55.13 ? 145 SER A CB  1 
ATOM 627 O OG  . SER A 1 92 ? -3.078  -16.595 -1.880  1 58.02 ? 145 SER A OG  1 
ATOM 628 N N   . LEU A 1 93 ? -3.365  -13.242 1.149   1 54.52 ? 146 LEU A N   1 
ATOM 629 C CA  . LEU A 1 93 ? -3.627  -12.752 2.496   1 54.72 ? 146 LEU A CA  1 
ATOM 630 C C   . LEU A 1 93 ? -4.808  -13.585 2.930   1 56.24 ? 146 LEU A C   1 
ATOM 631 O O   . LEU A 1 93 ? -5.867  -13.533 2.309   1 56.48 ? 146 LEU A O   1 
ATOM 632 C CB  . LEU A 1 93 ? -3.957  -11.264 2.517   1 54.12 ? 146 LEU A CB  1 
ATOM 633 C CG  . LEU A 1 93 ? -2.805  -10.371 2.071   1 55.22 ? 146 LEU A CG  1 
ATOM 634 C CD1 . LEU A 1 93 ? -3.264  -8.948  1.828   1 55.51 ? 146 LEU A CD1 1 
ATOM 635 C CD2 . LEU A 1 93 ? -1.642  -10.443 3.038   1 55.58 ? 146 LEU A CD2 1 
ATOM 636 N N   . VAL A 1 94 ? -4.583  -14.468 3.885   1 57.43 ? 147 VAL A N   1 
ATOM 637 C CA  . VAL A 1 94 ? -5.603  -15.381 4.327   1 59.46 ? 147 VAL A CA  1 
ATOM 638 C C   . VAL A 1 94 ? -6.066  -15.055 5.730   1 62.9  ? 147 VAL A C   1 
ATOM 639 O O   . VAL A 1 94 ? -5.319  -15.234 6.696   1 62.85 ? 147 VAL A O   1 
ATOM 640 C CB  . VAL A 1 94 ? -5.140  -16.842 4.183   1 59.36 ? 147 VAL A CB  1 
ATOM 641 C CG1 . VAL A 1 94 ? -6.210  -17.803 4.693   1 60.05 ? 147 VAL A CG1 1 
ATOM 642 C CG2 . VAL A 1 94 ? -4.774  -17.156 2.743   1 58.95 ? 147 VAL A CG2 1 
ATOM 643 N N   . ARG A 1 95 ? -7.311  -14.571 5.827   1 65.41 ? 148 ARG A N   1 
ATOM 644 C CA  . ARG A 1 95 ? -8.001  -14.238 7.067   1 68.15 ? 148 ARG A CA  1 
ATOM 645 C C   . ARG A 1 95 ? -8.314  -15.531 7.772   1 70.61 ? 148 ARG A C   1 
ATOM 646 O O   . ARG A 1 95 ? -8.830  -16.451 7.154   1 71.18 ? 148 ARG A O   1 
ATOM 647 C CB  . ARG A 1 95 ? -9.335  -13.555 6.749   1 70.34 ? 148 ARG A CB  1 
ATOM 648 C CG  . ARG A 1 95 ? -9.747  -12.499 7.759   1 74.75 ? 148 ARG A CG  1 
ATOM 649 C CD  . ARG A 1 95 ? -9.081  -11.186 7.442   1 79.36 ? 148 ARG A CD  1 
ATOM 650 N NE  . ARG A 1 95 ? -9.508  -10.677 6.139   1 83.5  ? 148 ARG A NE  1 
ATOM 651 C CZ  . ARG A 1 95 ? -10.434 -9.741  5.968   1 87.86 ? 148 ARG A CZ  1 
ATOM 652 N NH1 . ARG A 1 95 ? -11.029 -9.186  7.018   1 88.38 ? 148 ARG A NH1 1 
ATOM 653 N NH2 . ARG A 1 95 ? -10.770 -9.349  4.745   1 89.04 ? 148 ARG A NH2 1 
ATOM 654 N N   . LYS A 1 96 ? -8.028  -15.606 9.065   1 72.05 ? 149 LYS A N   1 
ATOM 655 C CA  . LYS A 1 96 ? -8.287  -16.796 9.850   1 73.78 ? 149 LYS A CA  1 
ATOM 656 C C   . LYS A 1 96 ? -8.926  -16.455 11.201  1 75.6  ? 149 LYS A C   1 
ATOM 657 O O   . LYS A 1 96 ? -8.753  -17.240 12.175  1 76.36 ? 149 LYS A O   1 
ATOM 658 C CB  . LYS A 1 96 ? -7.007  -17.628 10.007  1 75.46 ? 149 LYS A CB  1 
ATOM 659 C CG  . LYS A 1 96 ? -6.765  -18.589 8.846   1 80.7  ? 149 LYS A CG  1 
ATOM 660 C CD  . LYS A 1 96 ? -7.940  -19.573 8.637   1 86.96 ? 149 LYS A CD  1 
ATOM 661 C CE  . LYS A 1 96 ? -7.550  -20.840 7.908   1 91.62 ? 149 LYS A CE  1 
ATOM 662 N NZ  . LYS A 1 96 ? -6.899  -20.557 6.598   1 94.24 ? 149 LYS A NZ  1 
ATOM 663 O OXT . LYS A 1 96 ? -9.614  -15.405 11.274  1 77.06 ? 149 LYS A OXT 1 
ATOM 664 N N   . GLN B 2 1  ? -10.580 11.471  4.702   1 74.52 ? 368 GLN B N   1 
ATOM 665 C CA  . GLN B 2 1  ? -9.571  10.823  3.858   1 75.07 ? 368 GLN B CA  1 
ATOM 666 C C   . GLN B 2 1  ? -9.651  9.289   3.969   1 74.22 ? 368 GLN B C   1 
ATOM 667 O O   . GLN B 2 1  ? -8.818  8.663   4.629   1 74.7  ? 368 GLN B O   1 
ATOM 668 C CB  . GLN B 2 1  ? -8.151  11.334  4.190   1 77.59 ? 368 GLN B CB  1 
ATOM 669 C CG  . GLN B 2 1  ? -7.276  11.539  2.954   1 83.11 ? 368 GLN B CG  1 
ATOM 670 C CD  . GLN B 2 1  ? -6.218  12.622  3.134   1 90.11 ? 368 GLN B CD  1 
ATOM 671 O OE1 . GLN B 2 1  ? -5.964  13.111  4.244   1 92.06 ? 368 GLN B OE1 1 
ATOM 672 N NE2 . GLN B 2 1  ? -5.575  13.026  2.037   1 91.32 ? 368 GLN B NE2 1 
ATOM 673 N N   . LEU B 2 2  ? -10.661 8.695   3.327   1 72.57 ? 369 LEU B N   1 
ATOM 674 C CA  . LEU B 2 2  ? -10.865 7.251   3.341   1 71.61 ? 369 LEU B CA  1 
ATOM 675 C C   . LEU B 2 2  ? -9.772  6.458   2.603   1 70.45 ? 369 LEU B C   1 
ATOM 676 O O   . LEU B 2 2  ? -9.162  6.946   1.654   1 70.75 ? 369 LEU B O   1 
ATOM 677 C CB  . LEU B 2 2  ? -12.247 6.887   2.738   1 71.64 ? 369 LEU B CB  1 
ATOM 678 C CG  . LEU B 2 2  ? -13.484 7.019   3.631   1 72.92 ? 369 LEU B CG  1 
ATOM 679 C CD1 . LEU B 2 2  ? -14.692 6.421   2.957   1 73.35 ? 369 LEU B CD1 1 
ATOM 680 C CD2 . LEU B 2 2  ? -13.287 6.333   4.971   1 73.58 ? 369 LEU B CD2 1 
ATOM 681 N N   . ASP B 2 3  ? -9.579  5.208   3.012   1 69.03 ? 370 ASP B N   1 
ATOM 682 C CA  . ASP B 2 3  ? -8.656  4.304   2.351   1 68.08 ? 370 ASP B CA  1 
ATOM 683 C C   . ASP B 2 3  ? -9.483  3.490   1.339   1 67.71 ? 370 ASP B C   1 
ATOM 684 O O   . ASP B 2 3  ? -9.533  2.267   1.417   1 67.01 ? 370 ASP B O   1 
ATOM 685 C CB  . ASP B 2 3  ? -8.008  3.378   3.397   1 68.4  ? 370 ASP B CB  1 
ATOM 686 C CG  . ASP B 2 3  ? -6.967  4.035   4.270   1 69.5  ? 370 ASP B CG  1 
ATOM 687 O OD1 . ASP B 2 3  ? -6.612  5.192   3.996   1 70.5  ? 370 ASP B OD1 1 
ATOM 688 O OD2 . ASP B 2 3  ? -6.499  3.386   5.217   1 69.66 ? 370 ASP B OD2 1 
ATOM 689 N N   . ASP B 2 4  ? -10.132 4.182   0.380   1 67.85 ? 371 ASP B N   1 
ATOM 690 C CA  . ASP B 2 4  ? -11.008 3.557   -0.625  1 68.38 ? 371 ASP B CA  1 
ATOM 691 C C   . ASP B 2 4  ? -10.283 2.696   -1.685  1 67.68 ? 371 ASP B C   1 
ATOM 692 O O   . ASP B 2 4  ? -10.859 2.341   -2.709  1 67.1  ? 371 ASP B O   1 
ATOM 693 C CB  . ASP B 2 4  ? -11.883 4.620   -1.303  1 71.14 ? 371 ASP B CB  1 
ATOM 694 C CG  . ASP B 2 4  ? -11.119 5.697   -2.052  1 77.87 ? 371 ASP B CG  1 
ATOM 695 O OD1 . ASP B 2 4  ? -11.775 6.534   -2.723  1 79.88 ? 371 ASP B OD1 1 
ATOM 696 O OD2 . ASP B 2 4  ? -9.865  5.708   -1.974  1 79.98 ? 371 ASP B OD2 1 
ATOM 697 N N   . PHE B 2 5  ? -9.033  2.360   -1.418  1 67.64 ? 372 PHE B N   1 
ATOM 698 C CA  . PHE B 2 5  ? -8.188  1.543   -2.274  1 68.05 ? 372 PHE B CA  1 
ATOM 699 C C   . PHE B 2 5  ? -7.927  0.153   -1.645  1 69.44 ? 372 PHE B C   1 
ATOM 700 O O   . PHE B 2 5  ? -7.001  -0.523  -2.076  1 70.05 ? 372 PHE B O   1 
ATOM 701 C CB  . PHE B 2 5  ? -6.850  2.270   -2.523  1 67.17 ? 372 PHE B CB  1 
ATOM 702 C CG  . PHE B 2 5  ? -6.222  2.893   -1.291  1 67.23 ? 372 PHE B CG  1 
ATOM 703 C CD1 . PHE B 2 5  ? -5.610  2.105   -0.329  1 67.82 ? 372 PHE B CD1 1 
ATOM 704 C CD2 . PHE B 2 5  ? -6.287  4.257   -1.075  1 67.56 ? 372 PHE B CD2 1 
ATOM 705 C CE1 . PHE B 2 5  ? -5.040  2.677   0.798   1 68.3  ? 372 PHE B CE1 1 
ATOM 706 C CE2 . PHE B 2 5  ? -5.698  4.829   0.042   1 68.03 ? 372 PHE B CE2 1 
ATOM 707 C CZ  . PHE B 2 5  ? -5.085  4.038   0.974   1 67.97 ? 372 PHE B CZ  1 
ATOM 708 N N   . ILE B 2 6  ? -8.706  -0.267  -0.625  1 69.58 ? 373 ILE B N   1 
ATOM 709 C CA  . ILE B 2 6  ? -8.463  -1.539  0.040   1 70.15 ? 373 ILE B CA  1 
ATOM 710 C C   . ILE B 2 6  ? -9.527  -2.587  -0.265  1 71.3  ? 373 ILE B C   1 
ATOM 711 O O   . ILE B 2 6  ? -10.682 -2.263  -0.576  1 71.38 ? 373 ILE B O   1 
ATOM 712 C CB  . ILE B 2 6  ? -8.275  -1.358  1.571   1 70.12 ? 373 ILE B CB  1 
ATOM 713 C CG1 . ILE B 2 6  ? -9.581  -0.893  2.232   1 70.98 ? 373 ILE B CG1 1 
ATOM 714 C CG2 . ILE B 2 6  ? -7.112  -0.437  1.894   1 70.34 ? 373 ILE B CG2 1 
ATOM 715 C CD1 . ILE B 2 6  ? -9.568  -0.848  3.726   1 72.28 ? 373 ILE B CD1 1 
ATOM 716 N N   . ASP B 2 7  ? -9.111  -3.859  -0.147  1 71.67 ? 374 ASP B N   1 
ATOM 717 C CA  . ASP B 2 7  ? -9.944  -5.045  -0.313  1 72.17 ? 374 ASP B CA  1 
ATOM 718 C C   . ASP B 2 7  ? -10.421 -5.612  1.036   1 72.01 ? 374 ASP B C   1 
ATOM 719 O O   . ASP B 2 7  ? -10.817 -6.780  1.081   1 72.6  ? 374 ASP B O   1 
ATOM 720 C CB  . ASP B 2 7  ? -9.131  -6.154  -1.002  1 74.29 ? 374 ASP B CB  1 
ATOM 721 C CG  . ASP B 2 7  ? -8.661  -5.818  -2.392  1 79.91 ? 374 ASP B CG  1 
ATOM 722 O OD1 . ASP B 2 7  ? -9.525  -5.653  -3.289  1 81.38 ? 374 ASP B OD1 1 
ATOM 723 O OD2 . ASP B 2 7  ? -7.437  -5.741  -2.595  1 81.94 ? 374 ASP B OD2 1 
ATOM 724 N N   . GLY B 2 8  ? -10.329 -4.841  2.118   1 71.03 ? 375 GLY B N   1 
ATOM 725 C CA  . GLY B 2 8  ? -10.729 -5.332  3.427   1 70.83 ? 375 GLY B CA  1 
ATOM 726 C C   . GLY B 2 8  ? -9.883  -4.794  4.554   1 70.53 ? 375 GLY B C   1 
ATOM 727 O O   . GLY B 2 8  ? -8.861  -4.148  4.323   1 70.32 ? 375 GLY B O   1 
ATOM 728 N N   . ILE B 2 9  ? -10.336 -5.031  5.791   1 70.27 ? 376 ILE B N   1 
ATOM 729 C CA  . ILE B 2 9  ? -9.679  -4.570  7.012   1 70.06 ? 376 ILE B CA  1 
ATOM 730 C C   . ILE B 2 9  ? -9.344  -5.773  7.885   1 70.86 ? 376 ILE B C   1 
ATOM 731 O O   . ILE B 2 9  ? -10.159 -6.692  7.986   1 71.4  ? 376 ILE B O   1 
ATOM 732 C CB  . ILE B 2 9  ? -10.605 -3.571  7.766   1 69.59 ? 376 ILE B CB  1 
ATOM 733 C CG1 . ILE B 2 9  ? -11.005 -2.408  6.842   1 69.55 ? 376 ILE B CG1 1 
ATOM 734 C CG2 . ILE B 2 9  ? -9.944  -3.078  9.061   1 70.21 ? 376 ILE B CG2 1 
ATOM 735 C CD1 . ILE B 2 9  ? -11.789 -1.349  7.423   1 70.39 ? 376 ILE B CD1 1 
ATOM 736 N N   . PHE B 2 10 ? -8.153  -5.779  8.524   1 70.63 ? 377 PHE B N   1 
ATOM 737 C CA  . PHE B 2 10 ? -7.750  -6.848  9.436   1 70.63 ? 377 PHE B CA  1 
ATOM 738 C C   . PHE B 2 10 ? -8.720  -6.879  10.619  1 70.82 ? 377 PHE B C   1 
ATOM 739 O O   . PHE B 2 10 ? -8.989  -5.828  11.199  1 70.85 ? 377 PHE B O   1 
ATOM 740 C CB  . PHE B 2 10 ? -6.325  -6.602  9.947   1 70.35 ? 377 PHE B CB  1 
ATOM 741 C CG  . PHE B 2 10 ? -5.825  -7.665  10.897  1 71.03 ? 377 PHE B CG  1 
ATOM 742 C CD1 . PHE B 2 10 ? -5.050  -8.709  10.444  1 71.82 ? 377 PHE B CD1 1 
ATOM 743 C CD2 . PHE B 2 10 ? -6.116  -7.606  12.246  1 71.84 ? 377 PHE B CD2 1 
ATOM 744 C CE1 . PHE B 2 10 ? -4.576  -9.673  11.319  1 72.49 ? 377 PHE B CE1 1 
ATOM 745 C CE2 . PHE B 2 10 ? -5.672  -8.592  13.109  1 72.48 ? 377 PHE B CE2 1 
ATOM 746 C CZ  . PHE B 2 10 ? -4.901  -9.616  12.644  1 72.23 ? 377 PHE B CZ  1 
# 
loop_
_atom_site_anisotrop.id 
_atom_site_anisotrop.type_symbol 
_atom_site_anisotrop.pdbx_label_atom_id 
_atom_site_anisotrop.pdbx_label_alt_id 
_atom_site_anisotrop.pdbx_label_comp_id 
_atom_site_anisotrop.pdbx_label_asym_id 
_atom_site_anisotrop.pdbx_label_seq_id 
_atom_site_anisotrop.pdbx_PDB_ins_code 
_atom_site_anisotrop.U[1][1] 
_atom_site_anisotrop.U[2][2] 
_atom_site_anisotrop.U[3][3] 
_atom_site_anisotrop.U[1][2] 
_atom_site_anisotrop.U[1][3] 
_atom_site_anisotrop.U[2][3] 
_atom_site_anisotrop.pdbx_auth_seq_id 
_atom_site_anisotrop.pdbx_auth_comp_id 
_atom_site_anisotrop.pdbx_auth_asym_id 
_atom_site_anisotrop.pdbx_auth_atom_id 
1   N N   . TYR A 12 ? 0.7269 0.5598 0.9325 0.1662  0.0983  0.1747  65  TYR A N   
2   C CA  . TYR A 12 ? 0.7257 0.6109 0.9225 0.1467  0.0796  0.1592  65  TYR A CA  
3   C C   . TYR A 12 ? 0.6793 0.6508 0.9149 0.1370  0.0447  0.1852  65  TYR A C   
4   O O   . TYR A 12 ? 0.6535 0.6592 0.9330 0.1503  0.0373  0.2209  65  TYR A O   
5   C CB  . TYR A 12 ? 0.7613 0.6104 0.8923 0.1143  0.0680  0.1207  65  TYR A CB  
6   N N   . GLU A 13 ? 0.6621 0.6642 0.8775 0.1138  0.0239  0.1675  66  GLU A N   
7   C CA  . GLU A 13 ? 0.6286 0.6927 0.8595 0.0987  -0.0086 0.1809  66  GLU A CA  
8   C C   . GLU A 13 ? 0.6257 0.6799 0.8063 0.0734  -0.0277 0.1541  66  GLU A C   
9   O O   . GLU A 13 ? 0.6501 0.6669 0.7961 0.0667  -0.0178 0.1282  66  GLU A O   
10  C CB  . GLU A 13 ? 0.6498 0.7573 0.9120 0.0988  -0.0090 0.1877  66  GLU A CB  
11  C CG  . GLU A 13 ? 0.7233 0.8498 1.0429 0.1278  0.0170  0.2160  66  GLU A CG  
12  C CD  . GLU A 13 ? 0.8442 0.9986 1.1853 0.1278  0.0290  0.2158  66  GLU A CD  
13  O OE1 . GLU A 13 ? 0.9029 1.0146 1.2089 0.1305  0.0534  0.1892  66  GLU A OE1 
14  O OE2 . GLU A 13 ? 0.8490 1.0705 1.2413 0.1220  0.0122  0.2447  66  GLU A OE2 
15  N N   . ILE A 14 ? 0.5957 0.6846 0.7708 0.0602  -0.0543 0.1618  67  ILE A N   
16  C CA  . ILE A 14 ? 0.5964 0.6813 0.7281 0.0423  -0.0684 0.1395  67  ILE A CA  
17  C C   . ILE A 14 ? 0.5822 0.6980 0.7165 0.0315  -0.0866 0.1383  67  ILE A C   
18  O O   . ILE A 14 ? 0.5680 0.7191 0.7222 0.0280  -0.1034 0.1598  67  ILE A O   
19  C CB  . ILE A 14 ? 0.5917 0.6815 0.7033 0.0368  -0.0791 0.1477  67  ILE A CB  
20  C CG1 . ILE A 14 ? 0.5962 0.6514 0.7087 0.0419  -0.0630 0.1529  67  ILE A CG1 
21  C CG2 . ILE A 14 ? 0.6026 0.6943 0.6743 0.0246  -0.0882 0.1268  67  ILE A CG2 
22  C CD1 . ILE A 14 ? 0.5852 0.6511 0.6923 0.0386  -0.0707 0.1730  67  ILE A CD1 
23  N N   . MET A 15 ? 0.5851 0.6870 0.7009 0.0242  -0.0846 0.1166  68  MET A N   
24  C CA  . MET A 15 ? 0.5806 0.6990 0.6956 0.0102  -0.1010 0.1139  68  MET A CA  
25  C C   . MET A 15 ? 0.5980 0.7064 0.6670 -0.0016 -0.1173 0.0980  68  MET A C   
26  O O   . MET A 15 ? 0.6103 0.6995 0.6514 0.0036  -0.1095 0.0847  68  MET A O   
27  C CB  . MET A 15 ? 0.5963 0.7003 0.7154 0.0095  -0.0881 0.1028  68  MET A CB  
28  C CG  . MET A 15 ? 0.6295 0.7287 0.7750 0.0257  -0.0620 0.1104  68  MET A CG  
29  S SD  . MET A 15 ? 0.6798 0.8229 0.8895 0.0386  -0.0574 0.1465  68  MET A SD  
30  C CE  . MET A 15 ? 0.6462 0.8280 0.8819 0.0189  -0.0739 0.1573  68  MET A CE  
31  N N   . LEU A 16 ? 0.5999 0.7209 0.6598 -0.0182 -0.1392 0.1000  69  LEU A N   
32  C CA  . LEU A 16 ? 0.6301 0.7312 0.6352 -0.0284 -0.1519 0.0818  69  LEU A CA  
33  C C   . LEU A 16 ? 0.6458 0.7234 0.6346 -0.0454 -0.1621 0.0667  69  LEU A C   
34  O O   . LEU A 16 ? 0.6321 0.7306 0.6491 -0.0625 -0.1771 0.0803  69  LEU A O   
35  C CB  . LEU A 16 ? 0.6271 0.7548 0.6193 -0.0376 -0.1721 0.0975  69  LEU A CB  
36  C CG  . LEU A 16 ? 0.6333 0.7834 0.6491 -0.0216 -0.1626 0.1201  69  LEU A CG  
37  C CD1 . LEU A 16 ? 0.6170 0.8112 0.6705 -0.0267 -0.1806 0.1540  69  LEU A CD1 
38  C CD2 . LEU A 16 ? 0.6595 0.7984 0.6303 -0.0164 -0.1567 0.1122  69  LEU A CD2 
39  N N   . ILE A 17 ? 0.6692 0.7049 0.6198 -0.0402 -0.1525 0.0429  70  ILE A N   
40  C CA  . ILE A 17 ? 0.6870 0.6885 0.6222 -0.0547 -0.1590 0.0300  70  ILE A CA  
41  C C   . ILE A 17 ? 0.7469 0.6965 0.6232 -0.0478 -0.1529 0.0041  70  ILE A C   
42  O O   . ILE A 17 ? 0.7605 0.7077 0.6232 -0.0252 -0.1353 -0.0014 70  ILE A O   
43  C CB  . ILE A 17 ? 0.6609 0.6656 0.6364 -0.0478 -0.1436 0.0375  70  ILE A CB  
44  C CG1 . ILE A 17 ? 0.6679 0.6421 0.6384 -0.0656 -0.1503 0.0326  70  ILE A CG1 
45  C CG2 . ILE A 17 ? 0.6678 0.6640 0.6388 -0.0238 -0.1217 0.0312  70  ILE A CG2 
46  C CD1 . ILE A 17 ? 0.6537 0.6416 0.6637 -0.0634 -0.1370 0.0465  70  ILE A CD1 
47  N N   . ARG A 18 ? 0.7792 0.6853 0.6220 -0.0671 -0.1657 -0.0101 71  ARG A N   
48  C CA  . ARG A 18 ? 0.8312 0.6737 0.6179 -0.0562 -0.1542 -0.0355 71  ARG A CA  
49  C C   . ARG A 18 ? 0.8445 0.6527 0.6471 -0.0614 -0.1513 -0.0355 71  ARG A C   
50  O O   . ARG A 18 ? 0.8749 0.6530 0.6652 -0.0911 -0.1697 -0.0393 71  ARG A O   
51  C CB  . ARG A 18 ? 0.8848 0.6867 0.6036 -0.0774 -0.1716 -0.0556 71  ARG A CB  
52  C CG  . ARG A 18 ? 0.9819 0.7070 0.6337 -0.0605 -0.1533 -0.0848 71  ARG A CG  
53  C CD  . ARG A 18 ? 1.0941 0.7783 0.6651 -0.0820 -0.1689 -0.1076 71  ARG A CD  
54  N NE  . ARG A 18 ? 1.2207 0.8223 0.7169 -0.0602 -0.1442 -0.1389 71  ARG A NE  
55  C CZ  . ARG A 18 ? 1.3231 0.8343 0.7508 -0.0809 -0.1523 -0.1672 71  ARG A CZ  
56  N NH1 . ARG A 18 ? 1.3162 0.8151 0.7443 -0.1303 -0.1895 -0.1659 71  ARG A NH1 
57  N NH2 . ARG A 18 ? 1.3852 0.8163 0.7441 -0.0528 -0.1225 -0.1959 71  ARG A NH2 
58  N N   . PRO A 19 ? 0.8211 0.6387 0.6539 -0.0378 -0.1314 -0.0267 72  PRO A N   
59  C CA  . PRO A 19 ? 0.8260 0.6153 0.6737 -0.0431 -0.1287 -0.0209 72  PRO A CA  
60  C C   . PRO A 19 ? 0.8730 0.5814 0.6738 -0.0511 -0.1312 -0.0387 72  PRO A C   
61  O O   . PRO A 19 ? 0.9101 0.5733 0.6639 -0.0317 -0.1194 -0.0581 72  PRO A O   
62  C CB  . PRO A 19 ? 0.8141 0.6248 0.6851 -0.0135 -0.1080 -0.0106 72  PRO A CB  
63  C CG  . PRO A 19 ? 0.7941 0.6578 0.6815 -0.0041 -0.1047 -0.0056 72  PRO A CG  
64  C CD  . PRO A 19 ? 0.7904 0.6465 0.6440 -0.0101 -0.1134 -0.0187 72  PRO A CD  
65  N N   . LYS A 20 ? 0.8701 0.5571 0.6828 -0.0803 -0.1446 -0.0312 73  LYS A N   
66  C CA  . LYS A 20 ? 0.9193 0.5188 0.6888 -0.0944 -0.1488 -0.0463 73  LYS A CA  
67  C C   . LYS A 20 ? 0.9267 0.5048 0.7229 -0.0918 -0.1394 -0.0280 73  LYS A C   
68  O O   . LYS A 20 ? 0.9812 0.4782 0.7429 -0.0878 -0.1331 -0.0376 73  LYS A O   
69  C CB  . LYS A 20 ? 0.9533 0.5343 0.7025 -0.1438 -0.1802 -0.0535 73  LYS A CB  
70  C CG  . LYS A 20 ? 1.0233 0.6214 0.7359 -0.1513 -0.1940 -0.0693 73  LYS A CG  
71  C CD  . LYS A 20 ? 1.1296 0.6721 0.7889 -0.1987 -0.2246 -0.0869 73  LYS A CD  
72  C CE  . LYS A 20 ? 1.1820 0.7734 0.8263 -0.2195 -0.2495 -0.0874 73  LYS A CE  
73  N NZ  . LYS A 20 ? 1.2430 0.8083 0.8585 -0.2799 -0.2906 -0.0916 73  LYS A NZ  
74  N N   . THR A 21 ? 0.8710 0.5153 0.7240 -0.0949 -0.1375 -0.0010 74  THR A N   
75  C CA  . THR A 21 ? 0.8611 0.4937 0.7372 -0.0961 -0.1291 0.0207  74  THR A CA  
76  C C   . THR A 21 ? 0.8315 0.5217 0.7385 -0.0670 -0.1110 0.0385  74  THR A C   
77  O O   . THR A 21 ? 0.8197 0.5580 0.7347 -0.0510 -0.1067 0.0338  74  THR A O   
78  C CB  . THR A 21 ? 0.8523 0.4997 0.7588 -0.1407 -0.1460 0.0384  74  THR A CB  
79  O OG1 . THR A 21 ? 0.8307 0.5666 0.7858 -0.1433 -0.1451 0.0554  74  THR A OG1 
80  C CG2 . THR A 21 ? 0.8689 0.4677 0.7438 -0.1794 -0.1717 0.0214  74  THR A CG2 
81  N N   . ILE A 22 ? 0.8210 0.5034 0.7404 -0.0636 -0.1019 0.0598  75  ILE A N   
82  C CA  . ILE A 22 ? 0.7975 0.5310 0.7355 -0.0440 -0.0888 0.0765  75  ILE A CA  
83  C C   . ILE A 22 ? 0.7604 0.5596 0.7292 -0.0574 -0.0874 0.0836  75  ILE A C   
84  O O   . ILE A 22 ? 0.7478 0.5866 0.7204 -0.0413 -0.0791 0.0826  75  ILE A O   
85  C CB  . ILE A 22 ? 0.8081 0.5177 0.7450 -0.0385 -0.0808 0.1009  75  ILE A CB  
86  C CG1 . ILE A 22 ? 0.8536 0.5004 0.7652 -0.0140 -0.0775 0.0967  75  ILE A CG1 
87  C CG2 . ILE A 22 ? 0.7847 0.5488 0.7305 -0.0261 -0.0712 0.1172  75  ILE A CG2 
88  C CD1 . ILE A 22 ? 0.8817 0.5007 0.7930 -0.0032 -0.0707 0.1260  75  ILE A CD1 
89  N N   . ASP A 23 ? 0.7393 0.5492 0.7308 -0.0869 -0.0960 0.0908  76  ASP A N   
90  C CA  . ASP A 23 ? 0.7078 0.5816 0.7360 -0.0940 -0.0907 0.1016  76  ASP A CA  
91  C C   . ASP A 23 ? 0.6975 0.6003 0.7263 -0.0803 -0.0934 0.0857  76  ASP A C   
92  O O   . ASP A 23 ? 0.6860 0.6305 0.7328 -0.0688 -0.0800 0.0912  76  ASP A O   
93  C CB  . ASP A 23 ? 0.7175 0.6068 0.7799 -0.1286 -0.1014 0.1188  76  ASP A CB  
94  C CG  . ASP A 23 ? 0.8109 0.6791 0.8793 -0.1443 -0.0953 0.1410  76  ASP A CG  
95  O OD1 . ASP A 23 ? 0.8404 0.6884 0.9202 -0.1778 -0.1114 0.1498  76  ASP A OD1 
96  O OD2 . ASP A 23 ? 0.8489 0.7185 0.9068 -0.1261 -0.0765 0.1508  76  ASP A OD2 
97  N N   . ASP A 24 ? 0.7015 0.5756 0.7045 -0.0803 -0.1081 0.0658  77  ASP A N   
98  C CA  . ASP A 24 ? 0.6856 0.5824 0.6831 -0.0674 -0.1107 0.0530  77  ASP A CA  
99  C C   . ASP A 24 ? 0.6790 0.5821 0.6643 -0.0388 -0.0956 0.0477  77  ASP A C   
100 O O   . ASP A 24 ? 0.6672 0.6022 0.6621 -0.0296 -0.0912 0.0466  77  ASP A O   
101 C CB  . ASP A 24 ? 0.7264 0.5861 0.6884 -0.0753 -0.1273 0.0335  77  ASP A CB  
102 C CG  . ASP A 24 ? 0.7727 0.6349 0.7437 -0.1108 -0.1501 0.0380  77  ASP A CG  
103 O OD1 . ASP A 24 ? 0.7470 0.6639 0.7655 -0.1229 -0.1529 0.0593  77  ASP A OD1 
104 O OD2 . ASP A 24 ? 0.8263 0.6354 0.7562 -0.1269 -0.1648 0.0211  77  ASP A OD2 
105 N N   . ILE A 25 ? 0.6833 0.5571 0.6496 -0.0266 -0.0892 0.0478  78  ILE A N   
106 C CA  . ILE A 25 ? 0.6780 0.5667 0.6376 -0.0052 -0.0798 0.0486  78  ILE A CA  
107 C C   . ILE A 25 ? 0.6612 0.5827 0.6346 -0.0083 -0.0702 0.0593  78  ILE A C   
108 O O   . ILE A 25 ? 0.6553 0.5993 0.6284 -0.0015 -0.0664 0.0548  78  ILE A O   
109 C CB  . ILE A 25 ? 0.7015 0.5576 0.6444 0.0095  -0.0771 0.0533  78  ILE A CB  
110 C CG1 . ILE A 25 ? 0.7292 0.5453 0.6502 0.0192  -0.0792 0.0376  78  ILE A CG1 
111 C CG2 . ILE A 25 ? 0.6970 0.5819 0.6404 0.0256  -0.0721 0.0627  78  ILE A CG2 
112 C CD1 . ILE A 25 ? 0.7611 0.5341 0.6685 0.0377  -0.0725 0.0435  78  ILE A CD1 
113 N N   . ASN A 26 ? 0.6534 0.5745 0.6365 -0.0202 -0.0647 0.0727  79  ASN A N   
114 C CA  . ASN A 26 ? 0.6388 0.5853 0.6274 -0.0213 -0.0494 0.0812  79  ASN A CA  
115 C C   . ASN A 26 ? 0.6310 0.6049 0.6419 -0.0209 -0.0430 0.0774  79  ASN A C   
116 O O   . ASN A 26 ? 0.6411 0.6255 0.6455 -0.0140 -0.0275 0.0762  79  ASN A O   
117 C CB  . ASN A 26 ? 0.6324 0.5763 0.6274 -0.0328 -0.0411 0.1001  79  ASN A CB  
118 C CG  . ASN A 26 ? 0.6630 0.5804 0.6344 -0.0300 -0.0443 0.1100  79  ASN A CG  
119 O OD1 . ASN A 26 ? 0.6693 0.5811 0.6204 -0.0166 -0.0497 0.1052  79  ASN A OD1 
120 N ND2 . ASN A 26 ? 0.6677 0.5718 0.6461 -0.0430 -0.0416 0.1288  79  ASN A ND2 
121 N N   . TYR A 27 ? 0.6135 0.5947 0.6463 -0.0283 -0.0551 0.0761  80  TYR A N   
122 C CA  . TYR A 27 ? 0.5958 0.6067 0.6558 -0.0259 -0.0525 0.0787  80  TYR A CA  
123 C C   . TYR A 27 ? 0.6068 0.6143 0.6488 -0.0113 -0.0503 0.0653  80  TYR A C   
124 O O   . TYR A 27 ? 0.6074 0.6256 0.6583 -0.0024 -0.0360 0.0669  80  TYR A O   
125 C CB  . TYR A 27 ? 0.5884 0.6077 0.6668 -0.0416 -0.0739 0.0819  80  TYR A CB  
126 C CG  . TYR A 27 ? 0.5832 0.6412 0.6955 -0.0385 -0.0749 0.0919  80  TYR A CG  
127 C CD1 . TYR A 27 ? 0.5706 0.6686 0.7306 -0.0409 -0.0647 0.1151  80  TYR A CD1 
128 C CD2 . TYR A 27 ? 0.6003 0.6589 0.7010 -0.0308 -0.0837 0.0830  80  TYR A CD2 
129 C CE1 . TYR A 27 ? 0.5553 0.6922 0.7535 -0.0329 -0.0641 0.1303  80  TYR A CE1 
130 C CE2 . TYR A 27 ? 0.5927 0.6859 0.7260 -0.0255 -0.0843 0.0975  80  TYR A CE2 
131 C CZ  . TYR A 27 ? 0.5809 0.7128 0.7645 -0.0253 -0.0750 0.1217  80  TYR A CZ  
132 O OH  . TYR A 27 ? 0.5945 0.7641 0.8178 -0.0154 -0.0741 0.1418  80  TYR A OH  
133 N N   . VAL A 28 ? 0.6140 0.6045 0.6319 -0.0083 -0.0622 0.0537  81  VAL A N   
134 C CA  . VAL A 28 ? 0.6151 0.6077 0.6203 0.0012  -0.0622 0.0453  81  VAL A CA  
135 C C   . VAL A 28 ? 0.6305 0.6182 0.6192 0.0042  -0.0508 0.0436  81  VAL A C   
136 O O   . VAL A 28 ? 0.6426 0.6312 0.6291 0.0064  -0.0447 0.0400  81  VAL A O   
137 C CB  . VAL A 28 ? 0.6235 0.6051 0.6106 0.0057  -0.0729 0.0379  81  VAL A CB  
138 C CG1 . VAL A 28 ? 0.6265 0.6193 0.6065 0.0134  -0.0714 0.0350  81  VAL A CG1 
139 C CG2 . VAL A 28 ? 0.6276 0.6050 0.6147 -0.0004 -0.0844 0.0343  81  VAL A CG2 
140 N N   . VAL A 29 ? 0.6277 0.6064 0.6006 0.0018  -0.0487 0.0472  82  VAL A N   
141 C CA  . VAL A 29 ? 0.6307 0.6042 0.5771 -0.0004 -0.0414 0.0458  82  VAL A CA  
142 C C   . VAL A 29 ? 0.6370 0.6051 0.5815 0.0002  -0.0215 0.0423  82  VAL A C   
143 O O   . VAL A 29 ? 0.6489 0.6036 0.5719 -0.0012 -0.0160 0.0325  82  VAL A O   
144 C CB  . VAL A 29 ? 0.6344 0.6022 0.5647 -0.0033 -0.0429 0.0562  82  VAL A CB  
145 C CG1 . VAL A 29 ? 0.6455 0.6084 0.5385 -0.0099 -0.0361 0.0556  82  VAL A CG1 
146 C CG2 . VAL A 29 ? 0.6368 0.6049 0.5692 0.0030  -0.0579 0.0615  82  VAL A CG2 
147 N N   . ASP A 30 ? 0.6217 0.5992 0.5922 0.0025  -0.0104 0.0515  83  ASP A N   
148 C CA  . ASP A 30 ? 0.6204 0.5983 0.5985 0.0101  0.0145  0.0532  83  ASP A CA  
149 C C   . ASP A 30 ? 0.6198 0.5970 0.6168 0.0198  0.0183  0.0493  83  ASP A C   
150 O O   . ASP A 30 ? 0.6374 0.5956 0.6223 0.0293  0.0412  0.0441  83  ASP A O   
151 C CB  . ASP A 30 ? 0.6166 0.6180 0.6290 0.0093  0.0247  0.0717  83  ASP A CB  
152 C CG  . ASP A 30 ? 0.6773 0.6894 0.7101 0.0235  0.0555  0.0793  83  ASP A CG  
153 O OD1 . ASP A 30 ? 0.7067 0.7044 0.7087 0.0288  0.0812  0.0767  83  ASP A OD1 
154 O OD2 . ASP A 30 ? 0.6812 0.7155 0.7581 0.0315  0.0552  0.0887  83  ASP A OD2 
155 N N   . GLN A 31 ? 0.6000 0.5928 0.6219 0.0185  -0.0012 0.0527  84  GLN A N   
156 C CA  . GLN A 31 ? 0.5936 0.5873 0.6337 0.0273  0.0014  0.0548  84  GLN A CA  
157 C C   . GLN A 31 ? 0.6316 0.5930 0.6351 0.0246  0.0022  0.0396  84  GLN A C   
158 O O   . GLN A 31 ? 0.6466 0.5828 0.6442 0.0324  0.0193  0.0362  84  GLN A O   
159 C CB  . GLN A 31 ? 0.5730 0.5928 0.6389 0.0233  -0.0214 0.0635  84  GLN A CB  
160 C CG  . GLN A 31 ? 0.5529 0.6055 0.6582 0.0198  -0.0267 0.0810  84  GLN A CG  
161 C CD  . GLN A 31 ? 0.5640 0.6382 0.7112 0.0344  -0.0086 0.1000  84  GLN A CD  
162 O OE1 . GLN A 31 ? 0.5739 0.6405 0.7272 0.0475  -0.0008 0.1031  84  GLN A OE1 
163 N NE2 . GLN A 31 ? 0.5635 0.6670 0.7456 0.0336  0.0000  0.1172  84  GLN A NE2 
164 N N   . VAL A 32 ? 0.6374 0.5983 0.6176 0.0131  -0.0155 0.0325  85  VAL A N   
165 C CA  . VAL A 32 ? 0.6563 0.5980 0.6079 0.0035  -0.0208 0.0229  85  VAL A CA  
166 C C   . VAL A 32 ? 0.6953 0.6011 0.6054 -0.0024 -0.0058 0.0106  85  VAL A C   
167 O O   . VAL A 32 ? 0.7240 0.5954 0.6148 -0.0062 0.0024  0.0015  85  VAL A O   
168 C CB  . VAL A 32 ? 0.6499 0.6128 0.5961 -0.0046 -0.0416 0.0249  85  VAL A CB  
169 C CG1 . VAL A 32 ? 0.6579 0.6137 0.5822 -0.0198 -0.0505 0.0209  85  VAL A CG1 
170 C CG2 . VAL A 32 ? 0.6360 0.6230 0.6087 0.0027  -0.0514 0.0322  85  VAL A CG2 
171 N N   . LEU A 33 ? 0.6952 0.6027 0.5856 -0.0044 -0.0010 0.0100  86  LEU A N   
172 C CA  . LEU A 33 ? 0.7228 0.5956 0.5588 -0.0130 0.0115  -0.0029 86  LEU A CA  
173 C C   . LEU A 33 ? 0.7439 0.5881 0.5688 0.0021  0.0468  -0.0086 86  LEU A C   
174 O O   . LEU A 33 ? 0.7804 0.5767 0.5521 -0.0038 0.0608  -0.0264 86  LEU A O   
175 C CB  . LEU A 33 ? 0.7168 0.6048 0.5279 -0.0236 -0.0006 0.0027  86  LEU A CB  
176 C CG  . LEU A 33 ? 0.7043 0.6220 0.5268 -0.0333 -0.0311 0.0120  86  LEU A CG  
177 C CD1 . LEU A 33 ? 0.7132 0.6432 0.5111 -0.0406 -0.0411 0.0223  86  LEU A CD1 
178 C CD2 . LEU A 33 ? 0.7083 0.6190 0.5177 -0.0497 -0.0461 0.0050  86  LEU A CD2 
179 N N   . GLU A 34 ? 0.7239 0.5952 0.5948 0.0201  0.0621  0.0064  87  GLU A N   
180 C CA  . GLU A 34 ? 0.7466 0.6007 0.6161 0.0396  0.1012  0.0067  87  GLU A CA  
181 C C   . GLU A 34 ? 0.7515 0.5971 0.6593 0.0599  0.1163  0.0117  87  GLU A C   
182 O O   . GLU A 34 ? 0.7825 0.5825 0.6648 0.0752  0.1486  0.0011  87  GLU A O   
183 C CB  . GLU A 34 ? 0.7442 0.6386 0.6443 0.0467  0.1141  0.0264  87  GLU A CB  
184 C CG  . GLU A 34 ? 0.8087 0.6996 0.6610 0.0314  0.1102  0.0240  87  GLU A CG  
185 C CD  . GLU A 34 ? 0.8992 0.7455 0.6787 0.0329  0.1396  0.0071  87  GLU A CD  
186 O OE1 . GLU A 34 ? 0.8806 0.7348 0.6610 0.0469  0.1739  0.0165  87  GLU A OE1 
187 O OE2 . GLU A 34 ? 0.9735 0.7781 0.6924 0.0180  0.1284  -0.0148 87  GLU A OE2 
188 N N   . GLU A 35 ? 0.7155 0.6014 0.6804 0.0612  0.0946  0.0287  88  GLU A N   
189 C CA  . GLU A 35 ? 0.7011 0.5892 0.7086 0.0798  0.1033  0.0414  88  GLU A CA  
190 C C   . GLU A 35 ? 0.7241 0.5742 0.7102 0.0721  0.0909  0.0304  88  GLU A C   
191 O O   . GLU A 35 ? 0.7264 0.5634 0.7384 0.0891  0.1028  0.0407  88  GLU A O   
192 C CB  . GLU A 35 ? 0.6728 0.6254 0.7467 0.0814  0.0838  0.0681  88  GLU A CB  
193 C CG  . GLU A 35 ? 0.6856 0.6792 0.8079 0.0968  0.1048  0.0912  88  GLU A CG  
194 C CD  . GLU A 35 ? 0.7434 0.7637 0.8631 0.0805  0.0974  0.0940  88  GLU A CD  
195 O OE1 . GLU A 35 ? 0.8024 0.8190 0.8969 0.0591  0.0687  0.0831  88  GLU A OE1 
196 O OE2 . GLU A 35 ? 0.7362 0.7818 0.8822 0.0904  0.1220  0.1101  88  GLU A OE2 
197 N N   . SER A 36 ? 0.7335 0.5718 0.6798 0.0466  0.0663  0.0150  89  SER A N   
198 C CA  . SER A 36 ? 0.7463 0.5604 0.6778 0.0324  0.0502  0.0091  89  SER A CA  
199 C C   . SER A 36 ? 0.7094 0.5576 0.6919 0.0406  0.0377  0.0305  89  SER A C   
200 O O   . SER A 36 ? 0.7252 0.5466 0.7114 0.0427  0.0407  0.0349  89  SER A O   
201 C CB  . SER A 36 ? 0.8146 0.5542 0.7012 0.0315  0.0716  -0.0087 89  SER A CB  
202 O OG  . SER A 36 ? 0.8977 0.6091 0.7218 0.0114  0.0701  -0.0305 89  SER A OG  
203 N N   . ASN A 37 ? 0.6636 0.5663 0.6799 0.0428  0.0228  0.0440  90  ASN A N   
204 C CA  . ASN A 37 ? 0.6288 0.5673 0.6822 0.0464  0.0071  0.0634  90  ASN A CA  
205 C C   . ASN A 37 ? 0.6169 0.5768 0.6563 0.0298  -0.0182 0.0589  90  ASN A C   
206 O O   . ASN A 37 ? 0.6126 0.5843 0.6393 0.0229  -0.0259 0.0507  90  ASN A O   
207 C CB  . ASN A 37 ? 0.6078 0.5899 0.7026 0.0564  0.0062  0.0808  90  ASN A CB  
208 C CG  . ASN A 37 ? 0.6314 0.6125 0.7602 0.0792  0.0318  0.0967  90  ASN A CG  
209 O OD1 . ASN A 37 ? 0.6789 0.6247 0.8065 0.0926  0.0490  0.0990  90  ASN A OD1 
210 N ND2 . ASN A 37 ? 0.5970 0.6171 0.7604 0.0847  0.0364  0.1109  90  ASN A ND2 
211 N N   . PRO A 38 ? 0.6022 0.5691 0.6462 0.0262  -0.0286 0.0680  91  PRO A N   
212 C CA  . PRO A 38 ? 0.5896 0.5829 0.6235 0.0166  -0.0464 0.0667  91  PRO A CA  
213 C C   . PRO A 38 ? 0.5777 0.6010 0.6207 0.0200  -0.0573 0.0697  91  PRO A C   
214 O O   . PRO A 38 ? 0.5624 0.5986 0.6290 0.0259  -0.0576 0.0811  91  PRO A O   
215 C CB  . PRO A 38 ? 0.5880 0.5848 0.6277 0.0143  -0.0501 0.0810  91  PRO A CB  
216 C CG  . PRO A 38 ? 0.6013 0.5610 0.6495 0.0196  -0.0353 0.0867  91  PRO A CG  
217 C CD  . PRO A 38 ? 0.5854 0.5376 0.6455 0.0336  -0.0218 0.0833  91  PRO A CD  
218 N N   . VAL A 39 ? 0.5826 0.6150 0.6077 0.0157  -0.0661 0.0608  92  VAL A N   
219 C CA  . VAL A 39 ? 0.5873 0.6314 0.6087 0.0152  -0.0766 0.0588  92  VAL A CA  
220 C C   . VAL A 39 ? 0.5910 0.6439 0.5909 0.0161  -0.0830 0.0565  92  VAL A C   
221 O O   . VAL A 39 ? 0.5983 0.6518 0.5881 0.0187  -0.0781 0.0524  92  VAL A O   
222 C CB  . VAL A 39 ? 0.6081 0.6402 0.6224 0.0132  -0.0755 0.0485  92  VAL A CB  
223 C CG1 . VAL A 39 ? 0.6149 0.6474 0.6236 0.0076  -0.0876 0.0462  92  VAL A CG1 
224 C CG2 . VAL A 39 ? 0.6143 0.6379 0.6420 0.0137  -0.0631 0.0503  92  VAL A CG2 
225 N N   . ILE A 40 ? 0.5830 0.6463 0.5748 0.0135  -0.0934 0.0608  93  ILE A N   
226 C CA  . ILE A 40 ? 0.5975 0.6631 0.5560 0.0159  -0.0958 0.0552  93  ILE A CA  
227 C C   . ILE A 40 ? 0.6204 0.6636 0.5553 0.0122  -0.1025 0.0390  93  ILE A C   
228 O O   . ILE A 40 ? 0.6254 0.6679 0.5651 -0.0003 -0.1163 0.0410  93  ILE A O   
229 C CB  . ILE A 40 ? 0.5942 0.6790 0.5444 0.0121  -0.1043 0.0697  93  ILE A CB  
230 C CG1 . ILE A 40 ? 0.5882 0.6860 0.5653 0.0148  -0.0972 0.0893  93  ILE A CG1 
231 C CG2 . ILE A 40 ? 0.6109 0.6926 0.5136 0.0154  -0.1024 0.0601  93  ILE A CG2 
232 C CD1 . ILE A 40 ? 0.5931 0.7116 0.5659 0.0126  -0.1049 0.1111  93  ILE A CD1 
233 N N   . LEU A 41 ? 0.6321 0.6571 0.5472 0.0223  -0.0926 0.0263  94  LEU A N   
234 C CA  . LEU A 41 ? 0.6605 0.6503 0.5512 0.0201  -0.0963 0.0108  94  LEU A CA  
235 C C   . LEU A 41 ? 0.7000 0.6647 0.5453 0.0336  -0.0862 -0.0038 94  LEU A C   
236 O O   . LEU A 41 ? 0.6959 0.6762 0.5415 0.0519  -0.0698 0.0002  94  LEU A O   
237 C CB  . LEU A 41 ? 0.6593 0.6369 0.5718 0.0215  -0.0920 0.0110  94  LEU A CB  
238 C CG  . LEU A 41 ? 0.6719 0.6539 0.5920 0.0382  -0.0784 0.0139  94  LEU A CG  
239 C CD1 . LEU A 41 ? 0.6722 0.6346 0.6006 0.0370  -0.0782 0.0147  94  LEU A CD1 
240 C CD2 . LEU A 41 ? 0.6661 0.6824 0.6109 0.0377  -0.0750 0.0263  94  LEU A CD2 
241 N N   . ASP A 42 ? 0.7375 0.6620 0.5422 0.0234  -0.0953 -0.0202 95  ASP A N   
242 C CA  . ASP A 42 ? 0.7876 0.6696 0.5356 0.0371  -0.0825 -0.0399 95  ASP A CA  
243 C C   . ASP A 42 ? 0.8109 0.6446 0.5560 0.0474  -0.0736 -0.0498 95  ASP A C   
244 O O   . ASP A 42 ? 0.8260 0.6267 0.5669 0.0269  -0.0889 -0.0558 95  ASP A O   
245 C CB  . ASP A 42 ? 0.8476 0.7031 0.5390 0.0145  -0.1003 -0.0546 95  ASP A CB  
246 C CG  . ASP A 42 ? 0.9860 0.7781 0.6005 0.0264  -0.0854 -0.0823 95  ASP A CG  
247 O OD1 . ASP A 42 ? 1.0024 0.7845 0.6142 0.0602  -0.0553 -0.0852 95  ASP A OD1 
248 O OD2 . ASP A 42 ? 1.0655 0.8173 0.6210 0.0017  -0.1035 -0.1004 95  ASP A OD2 
249 N N   . LEU A 43 ? 0.8127 0.6461 0.5642 0.0787  -0.0494 -0.0468 96  LEU A N   
250 C CA  . LEU A 43 ? 0.8378 0.6283 0.5911 0.0940  -0.0393 -0.0495 96  LEU A CA  
251 C C   . LEU A 43 ? 0.9040 0.6175 0.5939 0.1098  -0.0234 -0.0739 96  LEU A C   
252 O O   . LEU A 43 ? 0.9179 0.5945 0.6098 0.1337  -0.0071 -0.0727 96  LEU A O   
253 C CB  . LEU A 43 ? 0.7990 0.6356 0.6004 0.1203  -0.0239 -0.0266 96  LEU A CB  
254 C CG  . LEU A 43 ? 0.7658 0.6571 0.6185 0.1040  -0.0381 -0.0067 96  LEU A CG  
255 C CD1 . LEU A 43 ? 0.7374 0.6747 0.6270 0.1238  -0.0275 0.0147  96  LEU A CD1 
256 C CD2 . LEU A 43 ? 0.7761 0.6428 0.6383 0.0847  -0.0526 -0.0060 96  LEU A CD2 
257 N N   . SER A 44 ? 0.9463 0.6309 0.5758 0.0974  -0.0271 -0.0954 97  SER A N   
258 C CA  . SER A 44 ? 1.0219 0.6209 0.5746 0.1114  -0.0094 -0.1247 97  SER A CA  
259 C C   . SER A 44 ? 1.0751 0.5880 0.6000 0.0922  -0.0217 -0.1414 97  SER A C   
260 O O   . SER A 44 ? 1.1207 0.5557 0.6045 0.1172  0.0019  -0.1579 97  SER A O   
261 C CB  . SER A 44 ? 1.0787 0.6682 0.5625 0.0968  -0.0140 -0.1441 97  SER A CB  
262 O OG  . SER A 44 ? 1.1280 0.7172 0.6008 0.0480  -0.0539 -0.1481 97  SER A OG  
263 N N   . PHE A 45 ? 1.0723 0.5968 0.6201 0.0489  -0.0564 -0.1353 98  PHE A N   
264 C CA  . PHE A 45 ? 1.1176 0.5653 0.6449 0.0233  -0.0708 -0.1463 98  PHE A CA  
265 C C   . PHE A 45 ? 1.1228 0.5518 0.6901 0.0521  -0.0515 -0.1302 98  PHE A C   
266 O O   . PHE A 45 ? 1.1700 0.5073 0.6952 0.0636  -0.0378 -0.1459 98  PHE A O   
267 C CB  . PHE A 45 ? 1.0942 0.5757 0.6510 -0.0288 -0.1104 -0.1352 98  PHE A CB  
268 C CG  . PHE A 45 ? 1.1294 0.5374 0.6697 -0.0617 -0.1270 -0.1422 98  PHE A CG  
269 C CD1 . PHE A 45 ? 1.1213 0.5247 0.7107 -0.0556 -0.1208 -0.1219 98  PHE A CD1 
270 C CD2 . PHE A 45 ? 1.1826 0.5276 0.6564 -0.1035 -0.1515 -0.1668 98  PHE A CD2 
271 C CE1 . PHE A 45 ? 1.1566 0.4910 0.7327 -0.0879 -0.1351 -0.1246 98  PHE A CE1 
272 C CE2 . PHE A 45 ? 1.2163 0.4911 0.6768 -0.1400 -0.1691 -0.1714 98  PHE A CE2 
273 C CZ  . PHE A 45 ? 1.1972 0.4670 0.7112 -0.1311 -0.1594 -0.1492 98  PHE A CZ  
274 N N   . LEU A 46 ? 1.0759 0.5865 0.7184 0.0640  -0.0502 -0.0988 99  LEU A N   
275 C CA  . LEU A 46 ? 1.0771 0.5829 0.7581 0.0894  -0.0360 -0.0777 99  LEU A CA  
276 C C   . LEU A 46 ? 1.1184 0.5884 0.7786 0.1397  -0.0016 -0.0816 99  LEU A C   
277 O O   . LEU A 46 ? 1.1414 0.5490 0.7954 0.1588  0.0115  -0.0779 99  LEU A O   
278 C CB  . LEU A 46 ? 1.0154 0.6164 0.7660 0.0913  -0.0414 -0.0470 99  LEU A CB  
279 C CG  . LEU A 46 ? 1.0007 0.6393 0.7809 0.0521  -0.0662 -0.0375 99  LEU A CG  
280 C CD1 . LEU A 46 ? 0.9573 0.6775 0.7889 0.0583  -0.0658 -0.0144 99  LEU A CD1 
281 C CD2 . LEU A 46 ? 1.0256 0.6129 0.8050 0.0303  -0.0755 -0.0328 99  LEU A CD2 
282 N N   . GLU A 47 ? 1.1238 0.6333 0.7754 0.1627  0.0150  -0.0860 100 GLU A N   
283 C CA  . GLU A 47 ? 1.1608 0.6515 0.7998 0.2146  0.0528  -0.0856 100 GLU A CA  
284 C C   . GLU A 47 ? 1.2553 0.6214 0.8224 0.2302  0.0728  -0.1145 100 GLU A C   
285 O O   . GLU A 47 ? 1.2727 0.6039 0.8520 0.2723  0.0997  -0.1024 100 GLU A O   
286 C CB  . GLU A 47 ? 1.1731 0.7224 0.8041 0.2276  0.0665  -0.0884 100 GLU A CB  
287 C CG  . GLU A 47 ? 1.2049 0.7868 0.8620 0.2827  0.1052  -0.0695 100 GLU A CG  
288 C CD  . GLU A 47 ? 1.2603 0.9126 0.9194 0.2919  0.1190  -0.0649 100 GLU A CD  
289 O OE1 . GLU A 47 ? 1.2549 0.9466 0.9112 0.2548  0.0939  -0.0685 100 GLU A OE1 
290 O OE2 . GLU A 47 ? 1.2926 0.9630 0.9595 0.3381  0.1568  -0.0539 100 GLU A OE2 
291 N N   . LYS A 48 ? 1.3154 0.6114 0.8069 0.1956  0.0586  -0.1509 101 LYS A N   
292 C CA  . LYS A 48 ? 1.4104 0.5718 0.8186 0.2054  0.0772  -0.1844 101 LYS A CA  
293 C C   . LYS A 48 ? 1.4472 0.5257 0.8455 0.1703  0.0540  -0.1888 101 LYS A C   
294 O O   . LYS A 48 ? 1.5107 0.4687 0.8513 0.1849  0.0733  -0.2101 101 LYS A O   
295 C CB  . LYS A 48 ? 1.5005 0.6136 0.8109 0.1902  0.0796  -0.2259 101 LYS A CB  
296 C CG  . LYS A 48 ? 1.5825 0.6882 0.8602 0.1201  0.0307  -0.2423 101 LYS A CG  
297 C CD  . LYS A 48 ? 1.7246 0.7261 0.8785 0.0998  0.0307  -0.2901 101 LYS A CD  
298 C CE  . LYS A 48 ? 1.8552 0.7042 0.9364 0.1146  0.0541  -0.3205 101 LYS A CE  
299 N NZ  . LYS A 48 ? 1.9687 0.7054 0.9192 0.0756  0.0415  -0.3711 101 LYS A NZ  
300 N N   . GLU A 49 ? 1.4056 0.5419 0.8571 0.1251  0.0161  -0.1684 102 GLU A N   
301 C CA  . GLU A 49 ? 1.4323 0.4991 0.8796 0.0876  -0.0056 -0.1676 102 GLU A CA  
302 C C   . GLU A 49 ? 1.3954 0.4858 0.9137 0.1081  0.0011  -0.1284 102 GLU A C   
303 O O   . GLU A 49 ? 1.4341 0.4340 0.9367 0.1065  0.0051  -0.1267 102 GLU A O   
304 C CB  . GLU A 49 ? 1.4500 0.5527 0.9025 0.0209  -0.0503 -0.1699 102 GLU A CB  
305 C CG  . GLU A 49 ? 1.5503 0.6289 0.9281 -0.0073 -0.0649 -0.2050 102 GLU A CG  
306 C CD  . GLU A 49 ? 1.7185 0.6526 0.9878 -0.0150 -0.0568 -0.2485 102 GLU A CD  
307 O OE1 . GLU A 49 ? 1.7529 0.5896 1.0039 -0.0263 -0.0569 -0.2533 102 GLU A OE1 
308 O OE2 . GLU A 49 ? 1.7987 0.7122 0.9952 -0.0126 -0.0508 -0.2784 102 GLU A OE2 
309 N N   . SER A 50 ? 1.3203 0.5274 0.9115 0.1237  0.0005  -0.0960 103 SER A N   
310 C CA  . SER A 50 ? 1.2822 0.5209 0.9346 0.1404  0.0037  -0.0568 103 SER A CA  
311 C C   . SER A 50 ? 1.2336 0.5591 0.9341 0.1863  0.0225  -0.0316 103 SER A C   
312 O O   . SER A 50 ? 1.1901 0.6147 0.9332 0.1744  0.0088  -0.0166 103 SER A O   
313 C CB  . SER A 50 ? 1.2582 0.5531 0.9525 0.0940  -0.0267 -0.0375 103 SER A CB  
314 O OG  . SER A 50 ? 1.2547 0.5716 0.9945 0.1088  -0.0228 -0.0005 103 SER A OG  
315 N N   . PRO A 51 ? 1.2395 0.5296 0.9359 0.2390  0.0543  -0.0248 104 PRO A N   
316 C CA  . PRO A 51 ? 1.1834 0.5687 0.9366 0.2804  0.0695  0.0070  104 PRO A CA  
317 C C   . PRO A 51 ? 1.1245 0.5890 0.9416 0.2691  0.0489  0.0484  104 PRO A C   
318 O O   . PRO A 51 ? 1.0798 0.6431 0.9418 0.2774  0.0451  0.0704  104 PRO A O   
319 C CB  . PRO A 51 ? 1.2194 0.5394 0.9604 0.3399  0.1086  0.0122  104 PRO A CB  
320 C CG  . PRO A 51 ? 1.2987 0.4799 0.9563 0.3293  0.1178  -0.0308 104 PRO A CG  
321 C CD  . PRO A 51 ? 1.2937 0.4551 0.9382 0.2639  0.0786  -0.0415 104 PRO A CD  
322 N N   . ALA A 52 ? 1.1256 0.5446 0.9414 0.2463  0.0348  0.0587  105 ALA A N   
323 C CA  . ALA A 52 ? 1.0774 0.5598 0.9388 0.2327  0.0168  0.0959  105 ALA A CA  
324 C C   . ALA A 52 ? 1.0331 0.5921 0.9062 0.1913  -0.0063 0.0881  105 ALA A C   
325 O O   . ALA A 52 ? 0.9950 0.6386 0.9029 0.1927  -0.0141 0.1101  105 ALA A O   
326 C CB  . ALA A 52 ? 1.1050 0.5119 0.9552 0.2177  0.0116  0.1084  105 ALA A CB  
327 N N   . ASN A 53 ? 1.0360 0.5664 0.8794 0.1557  -0.0169 0.0570  106 ASN A N   
328 C CA  . ASN A 53 ? 0.9948 0.5938 0.8521 0.1224  -0.0347 0.0510  106 ASN A CA  
329 C C   . ASN A 53 ? 0.9549 0.6150 0.8200 0.1351  -0.0305 0.0420  106 ASN A C   
330 O O   . ASN A 53 ? 0.9190 0.6438 0.8054 0.1177  -0.0415 0.0468  106 ASN A O   
331 C CB  . ASN A 53 ? 1.0208 0.5831 0.8562 0.0805  -0.0497 0.0306  106 ASN A CB  
332 C CG  . ASN A 53 ? 1.0677 0.5927 0.9090 0.0586  -0.0568 0.0477  106 ASN A CG  
333 O OD1 . ASN A 53 ? 1.0654 0.6148 0.9311 0.0674  -0.0543 0.0770  106 ASN A OD1 
334 N ND2 . ASN A 53 ? 1.1054 0.5710 0.9223 0.0270  -0.0672 0.0321  106 ASN A ND2 
335 N N   . PHE A 54 ? 0.9649 0.6024 0.8115 0.1664  -0.0117 0.0305  107 PHE A N   
336 C CA  . PHE A 54 ? 0.9415 0.6412 0.7989 0.1800  -0.0046 0.0281  107 PHE A CA  
337 C C   . PHE A 54 ? 0.8985 0.6760 0.8072 0.1964  -0.0050 0.0632  107 PHE A C   
338 O O   . PHE A 54 ? 0.8696 0.7147 0.7999 0.1819  -0.0152 0.0687  107 PHE A O   
339 C CB  . PHE A 54 ? 0.9655 0.6212 0.7875 0.2127  0.0215  0.0097  107 PHE A CB  
340 C CG  . PHE A 54 ? 0.9468 0.6724 0.7830 0.2267  0.0317  0.0126  107 PHE A CG  
341 C CD1 . PHE A 54 ? 0.9537 0.7001 0.7706 0.2003  0.0208  -0.0055 107 PHE A CD1 
342 C CD2 . PHE A 54 ? 0.9279 0.7039 0.8024 0.2651  0.0513  0.0389  107 PHE A CD2 
343 C CE1 . PHE A 54 ? 0.9358 0.7445 0.7664 0.2110  0.0307  0.0011  107 PHE A CE1 
344 C CE2 . PHE A 54 ? 0.9069 0.7535 0.8006 0.2728  0.0599  0.0464  107 PHE A CE2 
345 C CZ  . PHE A 54 ? 0.9062 0.7646 0.7753 0.2454  0.0504  0.0265  107 PHE A CZ  
346 N N   . LYS A 55 ? 0.8913 0.6566 0.8181 0.2237  0.0034  0.0885  108 LYS A N   
347 C CA  . LYS A 55 ? 0.8546 0.6958 0.8283 0.2350  -0.0028 0.1265  108 LYS A CA  
348 C C   . LYS A 55 ? 0.8322 0.7113 0.8121 0.1944  -0.0289 0.1328  108 LYS A C   
349 O O   . LYS A 55 ? 0.8010 0.7502 0.8029 0.1833  -0.0406 0.1454  108 LYS A O   
350 C CB  . LYS A 55 ? 0.8936 0.7073 0.8835 0.2708  0.0088  0.1563  108 LYS A CB  
351 C CG  . LYS A 55 ? 0.9235 0.8237 0.9647 0.2839  -0.0012 0.2025  108 LYS A CG  
352 C CD  . LYS A 55 ? 1.0013 0.8773 1.0652 0.3272  0.0127  0.2387  108 LYS A CD  
353 C CE  . LYS A 55 ? 1.0103 0.9861 1.1344 0.3498  0.0064  0.2889  108 LYS A CE  
354 N NZ  . LYS A 55 ? 1.0381 0.9951 1.1937 0.4056  0.0284  0.3268  108 LYS A NZ  
355 N N   . LEU A 56 ? 0.8441 0.6732 0.8014 0.1709  -0.0362 0.1228  109 LEU A N   
356 C CA  . LEU A 56 ? 0.8312 0.6859 0.7879 0.1367  -0.0530 0.1266  109 LEU A CA  
357 C C   . LEU A 56 ? 0.7990 0.6939 0.7552 0.1151  -0.0593 0.1072  109 LEU A C   
358 O O   . LEU A 56 ? 0.7802 0.7229 0.7444 0.1011  -0.0691 0.1166  109 LEU A O   
359 C CB  . LEU A 56 ? 0.8708 0.6650 0.8081 0.1171  -0.0543 0.1197  109 LEU A CB  
360 C CG  . LEU A 56 ? 0.8910 0.7103 0.8280 0.0866  -0.0643 0.1273  109 LEU A CG  
361 C CD1 . LEU A 56 ? 0.8879 0.7253 0.8295 0.0923  -0.0683 0.1610  109 LEU A CD1 
362 C CD2 . LEU A 56 ? 0.9200 0.6959 0.8469 0.0615  -0.0648 0.1151  109 LEU A CD2 
363 N N   . ALA A 57 ? 0.7913 0.6633 0.7339 0.1126  -0.0541 0.0813  110 ALA A N   
364 C CA  . ALA A 57 ? 0.7657 0.6708 0.7095 0.0960  -0.0588 0.0666  110 ALA A CA  
365 C C   . ALA A 57 ? 0.7288 0.6929 0.6931 0.1045  -0.0592 0.0790  110 ALA A C   
366 O O   . ALA A 57 ? 0.7152 0.7115 0.6851 0.0850  -0.0679 0.0794  110 ALA A O   
367 C CB  . ALA A 57 ? 0.7798 0.6520 0.7020 0.0956  -0.0543 0.0428  110 ALA A CB  
368 N N   . GLY A 58 ? 0.7144 0.6909 0.6916 0.1329  -0.0490 0.0914  111 GLY A N   
369 C CA  . GLY A 58 ? 0.6905 0.7322 0.6965 0.1396  -0.0504 0.1102  111 GLY A CA  
370 C C   . GLY A 58 ? 0.6840 0.7671 0.7057 0.1239  -0.0683 0.1333  111 GLY A C   
371 O O   . GLY A 58 ? 0.6682 0.7981 0.7020 0.1060  -0.0792 0.1398  111 GLY A O   
372 N N   . GLU A 59 ? 0.6954 0.7577 0.7116 0.1270  -0.0727 0.1466  112 GLU A N   
373 C CA  . GLU A 59 ? 0.6850 0.7822 0.7034 0.1093  -0.0915 0.1687  112 GLU A CA  
374 C C   . GLU A 59 ? 0.6976 0.7891 0.6884 0.0734  -0.1006 0.1481  112 GLU A C   
375 O O   . GLU A 59 ? 0.6910 0.8192 0.6792 0.0525  -0.1151 0.1543  112 GLU A O   
376 C CB  . GLU A 59 ? 0.7161 0.7855 0.7284 0.1202  -0.0920 0.1881  112 GLU A CB  
377 C CG  . GLU A 59 ? 0.7837 0.8602 0.8267 0.1600  -0.0822 0.2155  112 GLU A CG  
378 C CD  . GLU A 59 ? 0.9157 0.9386 0.9509 0.1771  -0.0755 0.2300  112 GLU A CD  
379 O OE1 . GLU A 59 ? 0.9789 0.9555 0.9843 0.1556  -0.0771 0.2155  112 GLU A OE1 
380 O OE2 . GLU A 59 ? 0.9170 0.9444 0.9791 0.2130  -0.0669 0.2588  112 GLU A OE2 
381 N N   . LYS A 60 ? 0.7097 0.7550 0.6814 0.0664  -0.0912 0.1237  113 LYS A N   
382 C CA  . LYS A 60 ? 0.7131 0.7502 0.6644 0.0407  -0.0926 0.1057  113 LYS A CA  
383 C C   . LYS A 60 ? 0.7033 0.7650 0.6603 0.0301  -0.0959 0.0959  113 LYS A C   
384 O O   . LYS A 60 ? 0.7117 0.7757 0.6506 0.0086  -0.1012 0.0898  113 LYS A O   
385 C CB  . LYS A 60 ? 0.7358 0.7326 0.6805 0.0386  -0.0820 0.0888  113 LYS A CB  
386 C CG  . LYS A 60 ? 0.7752 0.7403 0.7166 0.0454  -0.0786 0.0987  113 LYS A CG  
387 C CD  . LYS A 60 ? 0.8047 0.7684 0.7295 0.0318  -0.0794 0.1111  113 LYS A CD  
388 C CE  . LYS A 60 ? 0.8374 0.7633 0.7628 0.0319  -0.0735 0.1177  113 LYS A CE  
389 N NZ  . LYS A 60 ? 0.8534 0.7796 0.7625 0.0173  -0.0694 0.1309  113 LYS A NZ  
390 N N   . ILE A 61 ? 0.6866 0.7603 0.6638 0.0447  -0.0905 0.0943  114 ILE A N   
391 C CA  . ILE A 61 ? 0.6695 0.7683 0.6561 0.0346  -0.0926 0.0905  114 ILE A CA  
392 C C   . ILE A 61 ? 0.6613 0.8066 0.6599 0.0222  -0.1077 0.1109  114 ILE A C   
393 O O   . ILE A 61 ? 0.6705 0.8224 0.6612 -0.0026 -0.1162 0.1063  114 ILE A O   
394 C CB  . ILE A 61 ? 0.6532 0.7540 0.6522 0.0537  -0.0806 0.0856  114 ILE A CB  
395 C CG1 . ILE A 61 ? 0.6719 0.7290 0.6533 0.0558  -0.0734 0.0655  114 ILE A CG1 
396 C CG2 . ILE A 61 ? 0.6369 0.7699 0.6491 0.0433  -0.0822 0.0892  114 ILE A CG2 
397 C CD1 . ILE A 61 ? 0.6813 0.7271 0.6579 0.0756  -0.0625 0.0592  114 ILE A CD1 
398 N N   . LYS A 62 ? 0.6484 0.8238 0.6658 0.0370  -0.1126 0.1351  115 LYS A N   
399 C CA  . LYS A 62 ? 0.6423 0.8733 0.6767 0.0219  -0.1324 0.1612  115 LYS A CA  
400 C C   . LYS A 62 ? 0.6778 0.8937 0.6715 -0.0131 -0.1505 0.1546  115 LYS A C   
401 O O   . LYS A 62 ? 0.6830 0.9215 0.6707 -0.0434 -0.1678 0.1576  115 LYS A O   
402 C CB  . LYS A 62 ? 0.6430 0.9110 0.7097 0.0498  -0.1333 0.1946  115 LYS A CB  
403 C CG  . LYS A 62 ? 0.6651 0.9637 0.7747 0.0841  -0.1147 0.2082  115 LYS A CG  
404 C CD  . LYS A 62 ? 0.6907 1.0333 0.8392 0.1131  -0.1153 0.2476  115 LYS A CD  
405 C CE  . LYS A 62 ? 0.7600 1.0577 0.9103 0.1594  -0.0863 0.2433  115 LYS A CE  
406 N NZ  . LYS A 62 ? 0.7506 1.1027 0.9546 0.1992  -0.0742 0.2830  115 LYS A NZ  
407 N N   . GLN A 63 ? 0.6995 0.8745 0.6612 -0.0109 -0.1455 0.1455  116 GLN A N   
408 C CA  . GLN A 63 ? 0.7307 0.8849 0.6430 -0.0399 -0.1558 0.1370  116 GLN A CA  
409 C C   . GLN A 63 ? 0.7430 0.8608 0.6267 -0.0617 -0.1492 0.1066  116 GLN A C   
410 O O   . GLN A 63 ? 0.7557 0.8659 0.6015 -0.0922 -0.1624 0.1000  116 GLN A O   
411 C CB  . GLN A 63 ? 0.7857 0.9060 0.6745 -0.0291 -0.1451 0.1365  116 GLN A CB  
412 C CG  . GLN A 63 ? 0.8448 0.9900 0.7529 -0.0102 -0.1527 0.1700  116 GLN A CG  
413 C CD  . GLN A 63 ? 0.9518 1.0553 0.8530 0.0068  -0.1359 0.1699  116 GLN A CD  
414 O OE1 . GLN A 63 ? 0.9987 1.0631 0.8917 0.0072  -0.1186 0.1460  116 GLN A OE1 
415 N NE2 . GLN A 63 ? 0.9488 1.0621 0.8573 0.0204  -0.1419 0.2007  116 GLN A NE2 
416 N N   . MET A 64 ? 0.7385 0.8312 0.6377 -0.0464 -0.1297 0.0894  117 MET A N   
417 C CA  . MET A 64 ? 0.7534 0.8114 0.6347 -0.0595 -0.1202 0.0661  117 MET A CA  
418 C C   . MET A 64 ? 0.7516 0.8272 0.6375 -0.0827 -0.1347 0.0689  117 MET A C   
419 O O   . MET A 64 ? 0.7771 0.8189 0.6265 -0.1075 -0.1371 0.0537  117 MET A O   
420 C CB  . MET A 64 ? 0.7494 0.7892 0.6536 -0.0380 -0.1009 0.0555  117 MET A CB  
421 C CG  . MET A 64 ? 0.7862 0.7989 0.6801 -0.0272 -0.0862 0.0489  117 MET A CG  
422 S SD  . MET A 64 ? 0.8425 0.8404 0.7625 -0.0113 -0.0704 0.0399  117 MET A SD  
423 C CE  . MET A 64 ? 0.7442 0.7638 0.6910 0.0050  -0.0773 0.0486  117 MET A CE  
424 N N   . ARG A 65 ? 0.7224 0.8486 0.6514 -0.0756 -0.1431 0.0896  118 ARG A N   
425 C CA  . ARG A 65 ? 0.7216 0.8761 0.6654 -0.1001 -0.1577 0.0994  118 ARG A CA  
426 C C   . ARG A 65 ? 0.7407 0.9168 0.6629 -0.1343 -0.1857 0.1115  118 ARG A C   
427 O O   . ARG A 65 ? 0.7683 0.9266 0.6659 -0.1707 -0.1990 0.1035  118 ARG A O   
428 C CB  . ARG A 65 ? 0.7011 0.9117 0.7005 -0.0788 -0.1535 0.1223  118 ARG A CB  
429 C CG  . ARG A 65 ? 0.7395 0.9289 0.7501 -0.0493 -0.1292 0.1102  118 ARG A CG  
430 C CD  . ARG A 65 ? 0.7414 0.9773 0.7918 -0.0203 -0.1193 0.1295  118 ARG A CD  
431 N NE  . ARG A 65 ? 0.7463 1.0466 0.8333 -0.0333 -0.1302 0.1577  118 ARG A NE  
432 C CZ  . ARG A 65 ? 0.7367 1.0952 0.8595 -0.0183 -0.1338 0.1867  118 ARG A CZ  
433 N NH1 . ARG A 65 ? 0.7300 1.0800 0.8524 0.0131  -0.1253 0.1891  118 ARG A NH1 
434 N NH2 . ARG A 65 ? 0.6936 1.1209 0.8578 -0.0335 -0.1449 0.2170  118 ARG A NH2 
435 N N   . SER A 66 ? 0.7293 0.9393 0.6566 -0.1252 -0.1964 0.1312  119 SER A N   
436 C CA  . SER A 66 ? 0.7366 0.9772 0.6427 -0.1590 -0.2282 0.1483  119 SER A CA  
437 C C   . SER A 66 ? 0.7799 0.9568 0.6046 -0.1920 -0.2343 0.1201  119 SER A C   
438 O O   . SER A 66 ? 0.7868 0.9661 0.5799 -0.2358 -0.2610 0.1205  119 SER A O   
439 C CB  . SER A 66 ? 0.7403 1.0301 0.6714 -0.1360 -0.2362 0.1806  119 SER A CB  
440 O OG  . SER A 66 ? 0.7423 1.0873 0.7444 -0.1025 -0.2270 0.2072  119 SER A OG  
441 N N   . ASN A 67 ? 0.8062 0.9272 0.5945 -0.1729 -0.2097 0.0972  120 ASN A N   
442 C CA  . ASN A 67 ? 0.8495 0.9101 0.5559 -0.1969 -0.2077 0.0714  120 ASN A CA  
443 C C   . ASN A 67 ? 0.8701 0.8556 0.5438 -0.1980 -0.1814 0.0350  120 ASN A C   
444 O O   . ASN A 67 ? 0.9152 0.8453 0.5159 -0.2242 -0.1809 0.0115  120 ASN A O   
445 C CB  . ASN A 67 ? 0.8764 0.9319 0.5589 -0.1779 -0.1976 0.0771  120 ASN A CB  
446 C CG  . ASN A 67 ? 0.8990 1.0218 0.6094 -0.1746 -0.2229 0.1168  120 ASN A CG  
447 O OD1 . ASN A 67 ? 0.9260 1.0790 0.6111 -0.2072 -0.2553 0.1326  120 ASN A OD1 
448 N ND2 . ASN A 67 ? 0.8877 1.0335 0.6502 -0.1361 -0.2098 0.1356  120 ASN A ND2 
449 N N   . TYR A 68 ? 0.8376 0.8180 0.5599 -0.1697 -0.1591 0.0308  121 TYR A N   
450 C CA  . TYR A 68 ? 0.8556 0.7695 0.5553 -0.1646 -0.1324 0.0030  121 TYR A CA  
451 C C   . TYR A 68 ? 0.8480 0.7535 0.5769 -0.1721 -0.1332 0.0012  121 TYR A C   
452 O O   . TYR A 68 ? 0.8794 0.7299 0.5953 -0.1644 -0.1107 -0.0171 121 TYR A O   
453 C CB  . TYR A 68 ? 0.8422 0.7469 0.5626 -0.1264 -0.1025 -0.0005 121 TYR A CB  
454 C CG  . TYR A 68 ? 0.8498 0.7548 0.5371 -0.1218 -0.0978 0.0022  121 TYR A CG  
455 C CD1 . TYR A 68 ? 0.8311 0.7781 0.5557 -0.1016 -0.1006 0.0235  121 TYR A CD1 
456 C CD2 . TYR A 68 ? 0.8916 0.7522 0.5032 -0.1408 -0.0923 -0.0151 121 TYR A CD2 
457 C CE1 . TYR A 68 ? 0.8493 0.7970 0.5446 -0.0998 -0.0977 0.0315  121 TYR A CE1 
458 C CE2 . TYR A 68 ? 0.9107 0.7757 0.4877 -0.1385 -0.0881 -0.0085 121 TYR A CE2 
459 C CZ  . TYR A 68 ? 0.8934 0.8044 0.5161 -0.1182 -0.0913 0.0170  121 TYR A CZ  
460 O OH  . TYR A 68 ? 0.9194 0.8332 0.5088 -0.1170 -0.0866 0.0277  121 TYR A OH  
461 N N   . GLY A 69 ? 0.8071 0.7672 0.5758 -0.1863 -0.1569 0.0234  122 GLY A N   
462 C CA  . GLY A 69 ? 0.7955 0.7537 0.5927 -0.1971 -0.1583 0.0273  122 GLY A CA  
463 C C   . GLY A 69 ? 0.7730 0.7382 0.6176 -0.1613 -0.1356 0.0313  122 GLY A C   
464 O O   . GLY A 69 ? 0.7834 0.7174 0.6335 -0.1650 -0.1267 0.0271  122 GLY A O   
465 N N   . ALA A 70 ? 0.7411 0.7417 0.6152 -0.1282 -0.1268 0.0400  123 ALA A N   
466 C CA  . ALA A 70 ? 0.7197 0.7295 0.6307 -0.0993 -0.1103 0.0438  123 ALA A CA  
467 C C   . ALA A 70 ? 0.6909 0.7570 0.6442 -0.0999 -0.1192 0.0666  123 ALA A C   
468 O O   . ALA A 70 ? 0.6781 0.7906 0.6456 -0.1095 -0.1347 0.0834  123 ALA A O   
469 C CB  . ALA A 70 ? 0.7039 0.7221 0.6223 -0.0705 -0.1001 0.0424  123 ALA A CB  
470 N N   . GLU A 71 ? 0.6744 0.7417 0.6490 -0.0890 -0.1084 0.0710  124 GLU A N   
471 C CA  . GLU A 71 ? 0.6416 0.7640 0.6528 -0.0837 -0.1096 0.0932  124 GLU A CA  
472 C C   . GLU A 71 ? 0.6296 0.7647 0.6505 -0.0483 -0.0954 0.0917  124 GLU A C   
473 O O   . GLU A 71 ? 0.6465 0.7467 0.6532 -0.0359 -0.0872 0.0772  124 GLU A O   
474 C CB  . GLU A 71 ? 0.6758 0.7911 0.6971 -0.1003 -0.1079 0.1027  124 GLU A CB  
475 C CG  . GLU A 71 ? 0.7732 0.8541 0.7757 -0.1400 -0.1214 0.0996  124 GLU A CG  
476 C CD  . GLU A 71 ? 0.8783 0.9330 0.8869 -0.1547 -0.1168 0.1080  124 GLU A CD  
477 O OE1 . GLU A 71 ? 0.8877 0.9307 0.9034 -0.1306 -0.1012 0.1094  124 GLU A OE1 
478 O OE2 . GLU A 71 ? 0.9207 0.9653 0.9262 -0.1927 -0.1307 0.1154  124 GLU A OE2 
479 N N   . ALA A 72 ? 0.6020 0.7855 0.6458 -0.0324 -0.0922 0.1071  125 ALA A N   
480 C CA  . ALA A 72 ? 0.6024 0.7866 0.6435 -0.0013 -0.0780 0.1021  125 ALA A CA  
481 C C   . ALA A 72 ? 0.5898 0.8168 0.6494 0.0097  -0.0665 0.1196  125 ALA A C   
482 O O   . ALA A 72 ? 0.5700 0.8465 0.6585 0.0052  -0.0679 0.1416  125 ALA A O   
483 C CB  . ALA A 72 ? 0.5964 0.7811 0.6350 0.0162  -0.0778 0.0995  125 ALA A CB  
484 N N   . LEU A 73 ? 0.5982 0.8107 0.6413 0.0225  -0.0555 0.1129  126 LEU A N   
485 C CA  . LEU A 73 ? 0.5914 0.8397 0.6409 0.0334  -0.0407 0.1284  126 LEU A CA  
486 C C   . LEU A 73 ? 0.6169 0.8481 0.6351 0.0611  -0.0258 0.1142  126 LEU A C   
487 O O   . LEU A 73 ? 0.6475 0.8362 0.6378 0.0606  -0.0321 0.0948  126 LEU A O   
488 C CB  . LEU A 73 ? 0.5985 0.8405 0.6463 0.0141  -0.0438 0.1365  126 LEU A CB  
489 C CG  . LEU A 73 ? 0.5941 0.8824 0.6698 -0.0002 -0.0395 0.1655  126 LEU A CG  
490 C CD1 . LEU A 73 ? 0.5790 0.8983 0.6888 -0.0203 -0.0515 0.1794  126 LEU A CD1 
491 C CD2 . LEU A 73 ? 0.6084 0.8737 0.6792 -0.0197 -0.0440 0.1735  126 LEU A CD2 
492 N N   . LEU A 74 ? 0.6065 0.8696 0.6273 0.0841  -0.0054 0.1245  127 LEU A N   
493 C CA  . LEU A 74 ? 0.6379 0.8736 0.6147 0.1098  0.0123  0.1074  127 LEU A CA  
494 C C   . LEU A 74 ? 0.6613 0.9046 0.6134 0.1029  0.0179  0.1125  127 LEU A C   
495 O O   . LEU A 74 ? 0.6385 0.9290 0.6153 0.0979  0.0265  0.1379  127 LEU A O   
496 C CB  . LEU A 74 ? 0.6260 0.8866 0.6132 0.1438  0.0382  0.1161  127 LEU A CB  
497 C CG  . LEU A 74 ? 0.6635 0.8905 0.5960 0.1743  0.0652  0.0978  127 LEU A CG  
498 C CD1 . LEU A 74 ? 0.7064 0.8562 0.5878 0.1704  0.0527  0.0636  127 LEU A CD1 
499 C CD2 . LEU A 74 ? 0.6488 0.9032 0.6028 0.2142  0.0967  0.1117  127 LEU A CD2 
500 N N   . LEU A 75 ? 0.7033 0.9036 0.6095 0.0987  0.0098  0.0927  128 LEU A N   
501 C CA  . LEU A 75 ? 0.7283 0.9345 0.6059 0.0901  0.0097  0.0998  128 LEU A CA  
502 C C   . LEU A 75 ? 0.7896 0.9827 0.6057 0.1108  0.0310  0.0872  128 LEU A C   
503 O O   . LEU A 75 ? 0.7953 1.0117 0.5889 0.1103  0.0417  0.1013  128 LEU A O   
504 C CB  . LEU A 75 ? 0.7308 0.9057 0.5992 0.0689  -0.0171 0.0915  128 LEU A CB  
505 C CG  . LEU A 75 ? 0.7069 0.8862 0.6235 0.0499  -0.0329 0.1040  128 LEU A CG  
506 C CD1 . LEU A 75 ? 0.7186 0.8689 0.6298 0.0388  -0.0527 0.0958  128 LEU A CD1 
507 C CD2 . LEU A 75 ? 0.6855 0.8973 0.6262 0.0389  -0.0287 0.1328  128 LEU A CD2 
508 N N   . SER A 76 ? 0.8388 0.9869 0.6201 0.1273  0.0376  0.0599  129 SER A N   
509 C CA  . SER A 76 ? 0.9044 1.0194 0.6106 0.1452  0.0580  0.0398  129 SER A CA  
510 C C   . SER A 76 ? 0.9604 1.0241 0.6443 0.1692  0.0724  0.0146  129 SER A C   
511 O O   . SER A 76 ? 0.9694 1.0013 0.6693 0.1588  0.0523  0.0030  129 SER A O   
512 C CB  . SER A 76 ? 0.9540 1.0366 0.6035 0.1201  0.0330  0.0257  129 SER A CB  
513 O OG  . SER A 76 ? 1.0444 1.0929 0.6076 0.1322  0.0514  0.0055  129 SER A OG  
514 N N   . ARG A 77 ? 1.0043 1.0557 0.6488 0.2026  0.1098  0.0069  130 ARG A N   
515 C CA  . ARG A 77 ? 1.0645 1.0577 0.6857 0.2320  0.1298  -0.0155 130 ARG A CA  
516 C C   . ARG A 77 ? 1.1450 1.0805 0.6703 0.2560  0.1628  -0.0432 130 ARG A C   
517 O O   . ARG A 77 ? 1.1415 1.1075 0.6638 0.2912  0.2047  -0.0309 130 ARG A O   
518 C CB  . ARG A 77 ? 1.0423 1.0873 0.7421 0.2624  0.1511  0.0126  130 ARG A CB  
519 C CG  . ARG A 77 ? 1.1139 1.1014 0.7996 0.2987  0.1742  -0.0026 130 ARG A CG  
520 C CD  . ARG A 77 ? 1.1767 1.1120 0.8678 0.2756  0.1404  -0.0179 130 ARG A CD  
521 N NE  . ARG A 77 ? 1.2365 1.1314 0.9399 0.3087  0.1580  -0.0192 130 ARG A NE  
522 C CZ  . ARG A 77 ? 1.2418 1.1931 1.0224 0.3295  0.1644  0.0142  130 ARG A CZ  
523 N NH1 . ARG A 77 ? 1.1946 1.2428 1.0424 0.3185  0.1556  0.0484  130 ARG A NH1 
524 N NH2 . ARG A 77 ? 1.2593 1.1694 1.0487 0.3602  0.1787  0.0158  130 ARG A NH2 
525 N N   . CYS A 78 ? 1.2178 1.0704 0.6628 0.2363  0.1450  -0.0799 131 CYS A N   
526 C CA  . CYS A 78 ? 1.3111 1.0892 0.6451 0.2540  0.1740  -0.1143 131 CYS A CA  
527 C C   . CYS A 78 ? 1.3832 1.0484 0.6591 0.2475  0.1638  -0.1547 131 CYS A C   
528 O O   . CYS A 78 ? 1.3707 1.0294 0.7043 0.2343  0.1386  -0.1493 131 CYS A O   
529 C CB  . CYS A 78 ? 1.3528 1.1430 0.6176 0.2263  0.1610  -0.1180 131 CYS A CB  
530 S SG  . CYS A 78 ? 1.4146 1.2317 0.7063 0.1638  0.0931  -0.1074 131 CYS A SG  
531 N N   . ASN A 79 ? 1.4539 1.0252 0.6112 0.2544  0.1833  -0.1952 132 ASN A N   
532 C CA  . ASN A 79 ? 1.5194 0.9734 0.6134 0.2396  0.1698  -0.2349 132 ASN A CA  
533 C C   . ASN A 79 ? 1.5130 0.9726 0.6186 0.1749  0.1050  -0.2354 132 ASN A C   
534 O O   . ASN A 79 ? 1.5169 1.0165 0.5974 0.1414  0.0779  -0.2299 132 ASN A O   
535 C CB  . ASN A 79 ? 1.6163 0.9619 0.5668 0.2526  0.2010  -0.2816 132 ASN A CB  
536 N N   . ASP A 80 ? 1.4837 0.9215 0.6446 0.1618  0.0828  -0.2322 133 ASP A N   
537 C CA  . ASP A 80 ? 1.4506 0.8977 0.6426 0.1076  0.0283  -0.2269 133 ASP A CA  
538 C C   . ASP A 80 ? 1.3440 0.9072 0.6366 0.0933  0.0044  -0.1855 133 ASP A C   
539 O O   . ASP A 80 ? 1.3409 0.9236 0.6589 0.0516  -0.0371 -0.1775 133 ASP A O   
540 C CB  . ASP A 80 ? 1.5354 0.9200 0.6265 0.0589  -0.0049 -0.2579 133 ASP A CB  
541 N N   . LYS A 81 ? 1.2556 0.8931 0.6097 0.1271  0.0306  -0.1575 134 LYS A N   
542 C CA  . LYS A 81 ? 1.1545 0.8874 0.5984 0.1135  0.0104  -0.1211 134 LYS A CA  
543 C C   . LYS A 81 ? 1.0517 0.8393 0.5746 0.1478  0.0358  -0.0945 134 LYS A C   
544 O O   . LYS A 81 ? 1.0540 0.8485 0.5665 0.1844  0.0727  -0.0919 134 LYS A O   
545 C CB  . LYS A 81 ? 1.1834 0.9667 0.6053 0.0984  0.0015  -0.1089 134 LYS A CB  
546 C CG  . LYS A 81 ? 1.2497 1.0387 0.6610 0.0521  -0.0443 -0.1073 134 LYS A CG  
547 C CD  . LYS A 81 ? 1.2542 1.1000 0.7617 0.0360  -0.0690 -0.0785 134 LYS A CD  
548 C CE  . LYS A 81 ? 1.2908 1.1427 0.7941 -0.0055 -0.1113 -0.0743 134 LYS A CE  
549 N NZ  . LYS A 81 ? 1.3168 1.1898 0.7680 -0.0204 -0.1244 -0.0680 134 LYS A NZ  
550 N N   . ASN A 82 ? 0.9656 0.7942 0.5654 0.1350  0.0161  -0.0733 135 ASN A N   
551 C CA  . ASN A 82 ? 0.8840 0.7691 0.5593 0.1555  0.0289  -0.0460 135 ASN A CA  
552 C C   . ASN A 82 ? 0.8152 0.7509 0.5456 0.1254  0.0000  -0.0264 135 ASN A C   
553 O O   . ASN A 82 ? 0.8028 0.7318 0.5659 0.1130  -0.0161 -0.0237 135 ASN A O   
554 C CB  . ASN A 82 ? 0.8916 0.7377 0.5835 0.1740  0.0371  -0.0494 135 ASN A CB  
555 C CG  . ASN A 82 ? 0.8690 0.7728 0.6310 0.1969  0.0497  -0.0195 135 ASN A CG  
556 O OD1 . ASN A 82 ? 0.8376 0.8127 0.6451 0.1912  0.0464  0.0041  135 ASN A OD1 
557 N ND2 . ASN A 82 ? 0.8814 0.7541 0.6526 0.2213  0.0623  -0.0178 135 ASN A ND2 
558 N N   . LEU A 83 ? 0.7720 0.7516 0.5067 0.1143  -0.0045 -0.0130 136 LEU A N   
559 C CA  . LEU A 83 ? 0.7299 0.7444 0.5073 0.0888  -0.0282 0.0037  136 LEU A CA  
560 C C   . LEU A 83 ? 0.6824 0.7415 0.5216 0.0911  -0.0249 0.0258  136 LEU A C   
561 O O   . LEU A 83 ? 0.6685 0.7671 0.5233 0.1008  -0.0100 0.0425  136 LEU A O   
562 C CB  . LEU A 83 ? 0.7268 0.7631 0.4814 0.0761  -0.0350 0.0125  136 LEU A CB  
563 C CG  . LEU A 83 ? 0.7491 0.7690 0.4799 0.0508  -0.0625 0.0069  136 LEU A CG  
564 C CD1 . LEU A 83 ? 0.7458 0.8031 0.4743 0.0412  -0.0695 0.0285  136 LEU A CD1 
565 C CD2 . LEU A 83 ? 0.7371 0.7552 0.5138 0.0355  -0.0819 0.0105  136 LEU A CD2 
566 N N   . ILE A 84 ? 0.6554 0.7100 0.5266 0.0782  -0.0399 0.0275  137 ILE A N   
567 C CA  . ILE A 84 ? 0.6274 0.7138 0.5452 0.0737  -0.0413 0.0442  137 ILE A CA  
568 C C   . ILE A 84 ? 0.6092 0.6977 0.5460 0.0519  -0.0566 0.0499  137 ILE A C   
569 O O   . ILE A 84 ? 0.6158 0.6827 0.5438 0.0433  -0.0674 0.0419  137 ILE A O   
570 C CB  . ILE A 84 ? 0.6355 0.7071 0.5660 0.0818  -0.0407 0.0406  137 ILE A CB  
571 C CG1 . ILE A 84 ? 0.6538 0.7228 0.5739 0.1102  -0.0214 0.0402  137 ILE A CG1 
572 C CG2 . ILE A 84 ? 0.6163 0.7121 0.5826 0.0694  -0.0490 0.0540  137 ILE A CG2 
573 C CD1 . ILE A 84 ? 0.6442 0.7678 0.5945 0.1226  -0.0081 0.0625  137 ILE A CD1 
574 N N   . ILE A 85 ? 0.5832 0.6958 0.5470 0.0428  -0.0568 0.0650  138 ILE A N   
575 C CA  . ILE A 85 ? 0.5822 0.6840 0.5615 0.0273  -0.0655 0.0684  138 ILE A CA  
576 C C   . ILE A 85 ? 0.5819 0.6803 0.5767 0.0188  -0.0673 0.0682  138 ILE A C   
577 O O   . ILE A 85 ? 0.5648 0.6870 0.5702 0.0161  -0.0660 0.0774  138 ILE A O   
578 C CB  . ILE A 85 ? 0.5738 0.6848 0.5594 0.0198  -0.0663 0.0839  138 ILE A CB  
579 C CG1 . ILE A 85 ? 0.5819 0.6696 0.5836 0.0112  -0.0705 0.0857  138 ILE A CG1 
580 C CG2 . ILE A 85 ? 0.5631 0.7019 0.5604 0.0148  -0.0597 0.1006  138 ILE A CG2 
581 C CD1 . ILE A 85 ? 0.5866 0.6738 0.5989 0.0076  -0.0709 0.1044  138 ILE A CD1 
582 N N   . ILE A 86 ? 0.5907 0.6636 0.5853 0.0139  -0.0705 0.0594  139 ILE A N   
583 C CA  . ILE A 86 ? 0.6000 0.6628 0.5953 0.0035  -0.0721 0.0566  139 ILE A CA  
584 C C   . ILE A 86 ? 0.6176 0.6545 0.6138 -0.0065 -0.0689 0.0558  139 ILE A C   
585 O O   . ILE A 86 ? 0.6200 0.6416 0.6201 0.0000  -0.0641 0.0532  139 ILE A O   
586 C CB  . ILE A 86 ? 0.6072 0.6567 0.5940 0.0084  -0.0726 0.0477  139 ILE A CB  
587 C CG1 . ILE A 86 ? 0.6140 0.6727 0.5975 0.0232  -0.0724 0.0475  139 ILE A CG1 
588 C CG2 . ILE A 86 ? 0.6151 0.6579 0.5926 -0.0039 -0.0756 0.0466  139 ILE A CG2 
589 C CD1 . ILE A 86 ? 0.6343 0.6721 0.6101 0.0268  -0.0729 0.0418  139 ILE A CD1 
590 N N   . ALA A 87 ? 0.6237 0.6545 0.6178 -0.0225 -0.0709 0.0596  140 ALA A N   
591 C CA  . ALA A 87 ? 0.6483 0.6382 0.6355 -0.0312 -0.0645 0.0560  140 ALA A CA  
592 C C   . ALA A 87 ? 0.6715 0.6322 0.6313 -0.0446 -0.0647 0.0415  140 ALA A C   
593 O O   . ALA A 87 ? 0.6675 0.6458 0.6185 -0.0601 -0.0771 0.0426  140 ALA A O   
594 C CB  . ALA A 87 ? 0.6479 0.6370 0.6427 -0.0454 -0.0672 0.0691  140 ALA A CB  
595 N N   . PRO A 88 ? 0.6910 0.6100 0.6358 -0.0384 -0.0503 0.0301  141 PRO A N   
596 C CA  . PRO A 88 ? 0.7235 0.6071 0.6279 -0.0524 -0.0477 0.0137  141 PRO A CA  
597 C C   . PRO A 88 ? 0.7656 0.6093 0.6420 -0.0801 -0.0533 0.0073  141 PRO A C   
598 O O   . PRO A 88 ? 0.7682 0.6058 0.6618 -0.0853 -0.0548 0.0172  141 PRO A O   
599 C CB  . PRO A 88 ? 0.7371 0.5901 0.6373 -0.0322 -0.0236 0.0060  141 PRO A CB  
600 C CG  . PRO A 88 ? 0.7288 0.5842 0.6658 -0.0154 -0.0156 0.0195  141 PRO A CG  
601 C CD  . PRO A 88 ? 0.6827 0.5871 0.6464 -0.0182 -0.0345 0.0344  141 PRO A CD  
602 N N   . LYS A 89 ? 0.8047 0.6157 0.6322 -0.1014 -0.0574 -0.0089 142 LYS A N   
603 C CA  . LYS A 89 ? 0.8526 0.6096 0.6390 -0.1346 -0.0643 -0.0204 142 LYS A CA  
604 C C   . LYS A 89 ? 0.8866 0.5731 0.6645 -0.1176 -0.0358 -0.0304 142 LYS A C   
605 O O   . LYS A 89 ? 0.9156 0.5803 0.6865 -0.0897 -0.0100 -0.0392 142 LYS A O   
606 C CB  . LYS A 89 ? 0.9152 0.6437 0.6368 -0.1578 -0.0715 -0.0398 142 LYS A CB  
607 C CG  . LYS A 89 ? 1.0279 0.7100 0.6996 -0.2051 -0.0910 -0.0512 142 LYS A CG  
608 C CD  . LYS A 89 ? 1.1687 0.7834 0.7511 -0.2234 -0.0856 -0.0812 142 LYS A CD  
609 C CE  . LYS A 89 ? 1.2328 0.8886 0.7831 -0.2574 -0.1198 -0.0765 142 LYS A CE  
610 N NZ  . LYS A 89 ? 1.2911 0.9052 0.7847 -0.3150 -0.1487 -0.0877 142 LYS A NZ  
611 N N   . GLY A 90 ? 0.8691 0.5340 0.6620 -0.1285 -0.0386 -0.0213 143 GLY A N   
612 C CA  . GLY A 90 ? 0.8861 0.4873 0.6807 -0.1074 -0.0114 -0.0231 143 GLY A CA  
613 C C   . GLY A 90 ? 0.8529 0.4943 0.7088 -0.0890 -0.0117 0.0063  143 GLY A C   
614 O O   . GLY A 90 ? 0.8737 0.4664 0.7373 -0.0778 0.0043  0.0135  143 GLY A O   
615 N N   . VAL A 91 ? 0.8030 0.5291 0.6985 -0.0835 -0.0280 0.0241  144 VAL A N   
616 C CA  . VAL A 91 ? 0.7668 0.5350 0.7082 -0.0709 -0.0312 0.0513  144 VAL A CA  
617 C C   . VAL A 91 ? 0.7503 0.5702 0.7024 -0.0970 -0.0539 0.0639  144 VAL A C   
618 O O   . VAL A 91 ? 0.7357 0.6042 0.6892 -0.1002 -0.0656 0.0610  144 VAL A O   
619 C CB  . VAL A 91 ? 0.7380 0.5554 0.7119 -0.0376 -0.0256 0.0609  144 VAL A CB  
620 C CG1 . VAL A 91 ? 0.7054 0.5651 0.7131 -0.0299 -0.0325 0.0880  144 VAL A CG1 
621 C CG2 . VAL A 91 ? 0.7509 0.5305 0.7257 -0.0115 -0.0017 0.0548  144 VAL A CG2 
622 N N   . SER A 92 ? 0.7565 0.5646 0.7179 -0.1156 -0.0583 0.0806  145 SER A N   
623 C CA  . SER A 92 ? 0.7376 0.6017 0.7177 -0.1400 -0.0757 0.0993  145 SER A CA  
624 C C   . SER A 92 ? 0.7076 0.6364 0.7229 -0.1186 -0.0730 0.1240  145 SER A C   
625 O O   . SER A 92 ? 0.7063 0.6207 0.7316 -0.1012 -0.0630 0.1365  145 SER A O   
626 C CB  . SER A 92 ? 0.7676 0.5868 0.7401 -0.1768 -0.0819 0.1083  145 SER A CB  
627 O OG  . SER A 92 ? 0.8449 0.5892 0.7704 -0.1991 -0.0839 0.0807  145 SER A OG  
628 N N   . LEU A 93 ? 0.6805 0.6793 0.7115 -0.1193 -0.0811 0.1326  146 LEU A N   
629 C CA  . LEU A 93 ? 0.6564 0.7135 0.7092 -0.1021 -0.0759 0.1538  146 LEU A CA  
630 C C   . LEU A 93 ? 0.6615 0.7420 0.7334 -0.1304 -0.0802 0.1804  146 LEU A C   
631 O O   . LEU A 93 ? 0.6523 0.7594 0.7341 -0.1548 -0.0914 0.1847  146 LEU A O   
632 C CB  . LEU A 93 ? 0.6303 0.7399 0.6862 -0.0830 -0.0758 0.1474  146 LEU A CB  
633 C CG  . LEU A 93 ? 0.6576 0.7443 0.6963 -0.0603 -0.0732 0.1237  146 LEU A CG  
634 C CD1 . LEU A 93 ? 0.6487 0.7726 0.6880 -0.0463 -0.0742 0.1170  146 LEU A CD1 
635 C CD2 . LEU A 93 ? 0.6670 0.7419 0.7029 -0.0410 -0.0665 0.1264  146 LEU A CD2 
636 N N   . VAL A 94 ? 0.6789 0.7461 0.7572 -0.1315 -0.0736 0.2011  147 VAL A N   
637 C CA  . VAL A 94 ? 0.6925 0.7759 0.7907 -0.1617 -0.0766 0.2306  147 VAL A CA  
638 C C   . VAL A 94 ? 0.7074 0.8596 0.8229 -0.1472 -0.0654 0.2598  147 VAL A C   
639 O O   . VAL A 94 ? 0.7122 0.8572 0.8186 -0.1275 -0.0567 0.2699  147 VAL A O   
640 C CB  . VAL A 94 ? 0.7216 0.7236 0.8101 -0.1811 -0.0766 0.2352  147 VAL A CB  
641 C CG1 . VAL A 94 ? 0.7186 0.7343 0.8289 -0.2178 -0.0808 0.2696  147 VAL A CG1 
642 C CG2 . VAL A 94 ? 0.7510 0.6782 0.8105 -0.1952 -0.0830 0.2021  147 VAL A CG2 
643 N N   . ARG A 95 ? 0.7078 0.9302 0.8473 -0.1563 -0.0650 0.2756  148 ARG A N   
644 C CA  . ARG A 95 ? 0.7134 1.0078 0.8684 -0.1431 -0.0487 0.3046  148 ARG A CA  
645 C C   . ARG A 95 ? 0.7411 1.0310 0.9106 -0.1693 -0.0466 0.3402  148 ARG A C   
646 O O   . ARG A 95 ? 0.7493 1.0184 0.9369 -0.2089 -0.0597 0.3509  148 ARG A O   
647 C CB  . ARG A 95 ? 0.7042 1.0752 0.8930 -0.1479 -0.0473 0.3170  148 ARG A CB  
648 C CG  . ARG A 95 ? 0.7382 1.1744 0.9273 -0.1107 -0.0224 0.3268  148 ARG A CG  
649 C CD  . ARG A 95 ? 0.8125 1.2301 0.9727 -0.0752 -0.0195 0.2907  148 ARG A CD  
650 N NE  . ARG A 95 ? 0.8555 1.2815 1.0357 -0.0826 -0.0339 0.2794  148 ARG A NE  
651 C CZ  . ARG A 95 ? 0.8816 1.3684 1.0883 -0.0654 -0.0250 0.2892  148 ARG A CZ  
652 N NH1 . ARG A 95 ? 0.8681 1.4080 1.0821 -0.0366 0.0032  0.3068  148 ARG A NH1 
653 N NH2 . ARG A 95 ? 0.8881 1.3827 1.1123 -0.0745 -0.0424 0.2833  148 ARG A NH2 
654 N N   . LYS A 96 ? 0.7574 1.0650 0.9152 -0.1508 -0.0314 0.3603  149 LYS A N   
655 C CA  . LYS A 96 ? 0.7758 1.0812 0.9461 -0.1731 -0.0274 0.4003  149 LYS A CA  
656 C C   . LYS A 96 ? 0.7725 1.1559 0.9438 -0.1581 -0.0047 0.4326  149 LYS A C   
657 O O   . LYS A 96 ? 0.7861 1.1657 0.9497 -0.1625 0.0023  0.4646  149 LYS A O   
658 C CB  . LYS A 96 ? 0.8311 1.0567 0.9794 -0.1686 -0.0329 0.3980  149 LYS A CB  
659 C CG  . LYS A 96 ? 0.9239 1.0657 1.0766 -0.1962 -0.0476 0.3834  149 LYS A CG  
660 C CD  . LYS A 96 ? 0.9937 1.1359 1.1744 -0.2462 -0.0546 0.4104  149 LYS A CD  
661 C CE  . LYS A 96 ? 1.0913 1.1272 1.2624 -0.2744 -0.0642 0.4057  149 LYS A CE  
662 N NZ  . LYS A 96 ? 1.1561 1.1251 1.2996 -0.2679 -0.0723 0.3574  149 LYS A NZ  
663 O OXT . LYS A 96 ? 0.7679 1.2143 0.9459 -0.1402 0.0080  0.4273  149 LYS A OXT 
# 
